data_8Q63
#
_entry.id   8Q63
#
_cell.length_a   1.00
_cell.length_b   1.00
_cell.length_c   1.00
_cell.angle_alpha   90.00
_cell.angle_beta   90.00
_cell.angle_gamma   90.00
#
_symmetry.space_group_name_H-M   'P 1'
#
loop_
_entity.id
_entity.type
_entity.pdbx_description
1 polymer 'Mitochondrial transcription factor 1'
2 polymer 'DNA-directed RNA polymerase, mitochondrial'
3 polymer 'Non-template DNA (37-mer)'
4 polymer 'Template DNA (37-MER)'
5 polymer 'RNA (pppGpGpUpApApApUpG)'
6 non-polymer "GUANOSINE-5'-TRIPHOSPHATE"
#
loop_
_entity_poly.entity_id
_entity_poly.type
_entity_poly.pdbx_seq_one_letter_code
_entity_poly.pdbx_strand_id
1 'polypeptide(L)'
;MGGSHHHHHHGMASSVPIPGIKDISKLKFFYGFKYLWNPTVYNKIFDKLDLTKTYKHPEELKVLDLYPGVGIQSAIFYNK
YCPRQYSLLEKRSSLYKFLNAKFEGSPLQILKRDPYDWSTYSNLIDEERIFVPEVQSSDHINDKFLTVANVTGEGSEGLI
MQWLSCIGNKNWLYRFGKVKMLLWMPSTTARKLLARPGMHSRSKCSVVREAFTDTKLIAISDANELKGFDSQCIEEWDPI
LFSAAEIWPTKGKPIALVEMDPIDFDFDVDNWDYVTRHLMILKRTPLNTVMDSLGHGGQQYFNSRITDKDLLKKCPIDLT
NDEFIYLTKLFMEWPFKPDILMDFVDMYQTEHSG
;
B
2 'polypeptide(L)'
;GAMGSGIQRPSAVTSMTRTRDVMQLWSLLEACLQSNLMKRAFSILESLYLVPEHKQRFIEDYNMYLNSFSKNDPNFPILK
MNEKLTNDLETSFKDVNYNDKTLAIMIHHALNFHSTTSSMLLKPIISAYLKMSVNGIREIFSCLDILTISDLNILMNDLK
VITPSQLPNSVRPILESLTLSPTPVNNIENEEGLNKVEAENDSKLHKASNASSDSIKKPSLDPLREVSFHGSTEVLSKDA
EKLIAVDTIGMRVIRHTLLGLSLTPEQKEQISKFKFDANDNVLKMKPTKNDDNNNSINFFEIYNSLPTLEEKKAFESALN
IFNQDRQKVLENRATEAARERWKHDFEEAKARGDISIEKNLNVKLWKWYNEMLPLVKEEINHCRSLLSEKLSDKKGLNKV
DTNRLGYGPYLTLIDPGKMCVITILELLKLNSTGGVIEGMRTARAVISVGKAIEMEFRSEQVLKSESQAFRDVNKKSPEF
KKLVQNAKSVFRSSQIEQSKILWPQSIRARIGSVLISMLIQVAKVSVQGVDPVTKAKVHGEAPAFAHGYQYHNGSKLGVL
KIHKTLIRQLNGERLIASVQPQLLPMLVEPKPWVNWRSGGYHYTQSTLLRTKDSPEQVAYLKAASDNGDIDRVYDGLNVL
GRTPWTVNRKVFDVVSQVWNKGEGFLDIPGAQDEMVLPPAPPKNSDPSILRAWKLQVKTIANKFSSDRSNRCDTNYKLEI
ARAFLGEKLYFPHNLDFRGRAYPLSPHFNHLGNDMSRGLLIFWHGKKLGPSGLKWLKIHLSNLFGFDKLPLKDRVAFTES
HLQDIKDSAENPLTGDRWWTTADKPWQALATCFELNEVMKMDNPEEFISHQPVHQDGTCNGLQHYAALGGDVEGATQVNL
VPSDKPQDVYAHVARLVQKRLEIAAEKGDENAKILKDKITRKVVKQTVMTNVYGVTYVGATFQIAKQLSPIFDDRKESLD
FSKYLTKHVFSAIRELFHSAHLIQDWLGESAKRISKSIRLDVDEKSFKNGNKPDFMSSVIWTTPLGLPIVQPYREESKKQ
VETNLQTVFISDPFAVNPVNARRQKAGLPPNFIHSLDASHMLLSAAECGKQGLDFASVHDSYWTHASDIDTMNVVLREQF
IKLHEVDLVLRLKEEFDQRYKNYVKIGKLKRSTDLAQKIIRIRKDLSRKLGRSTTLADEIYFEKKRQELLNSPLIEDRNV
GEKMVTTVSLFEDITDLDALELENGGDENSGMSVLLPLRLPEIPPKGDFDVTVLRNSQYFFS
;
A
3 'polydeoxyribonucleotide'
;(DC)(DG)(DA)(DA)(DT)(DA)(DA)(DG)(DT)(DA)(DT)(DT)(DG)(DA)(DT)(DA)(DT)(DA)(DA)(DG)
(DT)(DA)(DA)(DT)(DA)(DA)(DA)(DT)(DG)(DC)(DA)(DA)(DA)(DT)(DT)(DG)(DC)
;
N
4 'polydeoxyribonucleotide'
;(DG)(DC)(DA)(DA)(DT)(DT)(DT)(DG)(DC)(DA)(DT)(DT)(DT)(DA)(DC)(DC)(DG)(DA)(DC)(DA)
(DA)(DT)(DA)(DT)(DC)(DA)(DA)(DT)(DA)(DC)(DT)(DT)(DA)(DT)(DT)(DC)(DG)
;
T
5 'polyribonucleotide' GUAAAUG C
#
loop_
_chem_comp.id
_chem_comp.type
_chem_comp.name
_chem_comp.formula
A RNA linking ADENOSINE-5'-MONOPHOSPHATE 'C10 H14 N5 O7 P'
DA DNA linking 2'-DEOXYADENOSINE-5'-MONOPHOSPHATE 'C10 H14 N5 O6 P'
DC DNA linking 2'-DEOXYCYTIDINE-5'-MONOPHOSPHATE 'C9 H14 N3 O7 P'
DG DNA linking 2'-DEOXYGUANOSINE-5'-MONOPHOSPHATE 'C10 H14 N5 O7 P'
DT DNA linking THYMIDINE-5'-MONOPHOSPHATE 'C10 H15 N2 O8 P'
G RNA linking GUANOSINE-5'-MONOPHOSPHATE 'C10 H14 N5 O8 P'
GTP non-polymer GUANOSINE-5'-TRIPHOSPHATE 'C10 H16 N5 O14 P3'
U RNA linking URIDINE-5'-MONOPHOSPHATE 'C9 H13 N2 O9 P'
#
# COMPACT_ATOMS: atom_id res chain seq x y z
N SER A 15 25.75 53.22 -17.30
CA SER A 15 26.36 51.93 -17.04
C SER A 15 26.19 51.53 -15.57
N VAL A 16 26.27 50.23 -15.31
CA VAL A 16 26.10 49.70 -13.95
C VAL A 16 27.28 48.79 -13.63
N PRO A 17 27.61 48.64 -12.35
CA PRO A 17 28.73 47.76 -11.97
C PRO A 17 28.39 46.30 -12.22
N ILE A 18 29.12 45.68 -13.13
CA ILE A 18 28.92 44.26 -13.44
C ILE A 18 29.46 43.42 -12.29
N PRO A 19 28.73 42.40 -11.83
CA PRO A 19 29.26 41.54 -10.77
C PRO A 19 30.51 40.80 -11.25
N GLY A 20 31.57 40.87 -10.44
CA GLY A 20 32.83 40.27 -10.83
C GLY A 20 32.91 38.79 -10.53
N ILE A 21 33.94 38.16 -11.10
CA ILE A 21 34.16 36.74 -10.88
C ILE A 21 34.57 36.48 -9.43
N LYS A 22 35.34 37.39 -8.83
CA LYS A 22 35.67 37.26 -7.42
C LYS A 22 34.43 37.39 -6.55
N ASP A 23 33.52 38.30 -6.91
CA ASP A 23 32.30 38.48 -6.14
C ASP A 23 31.39 37.26 -6.24
N ILE A 24 31.19 36.75 -7.45
CA ILE A 24 30.39 35.55 -7.62
C ILE A 24 31.06 34.34 -6.97
N SER A 25 32.38 34.37 -6.81
CA SER A 25 33.08 33.26 -6.19
C SER A 25 32.70 33.11 -4.72
N LYS A 26 32.53 34.23 -4.01
CA LYS A 26 32.24 34.16 -2.58
C LYS A 26 30.89 33.53 -2.29
N LEU A 27 29.98 33.53 -3.27
CA LEU A 27 28.64 33.03 -3.04
C LEU A 27 28.64 31.52 -2.96
N LYS A 28 27.68 30.97 -2.21
CA LYS A 28 27.58 29.53 -2.01
C LYS A 28 26.27 28.94 -2.50
N PHE A 29 25.14 29.62 -2.28
CA PHE A 29 23.83 29.05 -2.56
C PHE A 29 23.32 29.57 -3.90
N PHE A 30 23.59 28.80 -4.96
CA PHE A 30 23.03 29.10 -6.27
C PHE A 30 21.73 28.36 -6.54
N TYR A 31 21.31 27.48 -5.63
CA TYR A 31 20.03 26.77 -5.71
C TYR A 31 19.91 25.89 -6.93
N GLY A 32 21.02 25.58 -7.60
CA GLY A 32 20.99 24.77 -8.80
C GLY A 32 20.91 25.53 -10.10
N PHE A 33 21.10 26.84 -10.08
CA PHE A 33 20.99 27.68 -11.26
C PHE A 33 22.39 27.94 -11.82
N LYS A 34 22.57 27.71 -13.12
CA LYS A 34 23.84 27.95 -13.77
C LYS A 34 23.77 29.28 -14.52
N TYR A 35 24.83 30.06 -14.43
CA TYR A 35 24.87 31.40 -15.01
C TYR A 35 26.08 31.54 -15.93
N LEU A 36 26.33 32.77 -16.37
CA LEU A 36 27.55 33.11 -17.11
C LEU A 36 28.12 34.40 -16.54
N TRP A 37 29.42 34.57 -16.71
CA TRP A 37 30.13 35.74 -16.19
C TRP A 37 31.11 36.27 -17.22
N ASN A 38 30.68 36.38 -18.47
CA ASN A 38 31.59 36.73 -19.56
C ASN A 38 31.03 37.86 -20.40
N PRO A 39 31.50 39.10 -20.21
CA PRO A 39 31.03 40.20 -21.06
C PRO A 39 31.29 39.99 -22.53
N THR A 40 32.40 39.34 -22.89
CA THR A 40 32.67 39.05 -24.30
C THR A 40 31.60 38.12 -24.88
N VAL A 41 31.29 37.04 -24.16
CA VAL A 41 30.27 36.11 -24.63
C VAL A 41 28.92 36.81 -24.72
N TYR A 42 28.59 37.63 -23.73
CA TYR A 42 27.30 38.32 -23.76
C TYR A 42 27.19 39.31 -24.91
N ASN A 43 28.27 40.06 -25.19
CA ASN A 43 28.16 41.00 -26.30
C ASN A 43 28.13 40.28 -27.64
N LYS A 44 28.82 39.15 -27.75
CA LYS A 44 28.67 38.33 -28.96
C LYS A 44 27.24 37.82 -29.11
N ILE A 45 26.63 37.40 -28.00
CA ILE A 45 25.25 36.94 -28.02
C ILE A 45 24.32 38.07 -28.44
N PHE A 46 24.55 39.27 -27.92
CA PHE A 46 23.72 40.42 -28.30
C PHE A 46 23.88 40.75 -29.78
N ASP A 47 25.11 40.68 -30.29
CA ASP A 47 25.33 40.94 -31.72
C ASP A 47 24.59 39.92 -32.57
N LYS A 48 24.61 38.65 -32.16
CA LYS A 48 23.85 37.64 -32.90
C LYS A 48 22.35 37.91 -32.81
N LEU A 49 21.87 38.30 -31.62
CA LEU A 49 20.44 38.56 -31.44
C LEU A 49 19.97 39.69 -32.33
N ASP A 50 20.73 40.78 -32.39
CA ASP A 50 20.38 41.96 -33.19
C ASP A 50 18.98 42.47 -32.80
N LEU A 51 18.80 42.67 -31.49
CA LEU A 51 17.49 43.03 -30.96
C LEU A 51 17.01 44.37 -31.49
N THR A 52 17.94 45.27 -31.82
CA THR A 52 17.56 46.62 -32.26
C THR A 52 16.79 46.60 -33.57
N LYS A 53 16.88 45.52 -34.35
CA LYS A 53 16.15 45.46 -35.61
C LYS A 53 14.65 45.43 -35.38
N THR A 54 14.18 44.61 -34.44
CA THR A 54 12.74 44.55 -34.18
C THR A 54 12.26 45.80 -33.43
N TYR A 55 13.04 46.26 -32.46
CA TYR A 55 12.69 47.43 -31.67
C TYR A 55 13.21 48.67 -32.39
N LYS A 56 12.31 49.37 -33.08
CA LYS A 56 12.70 50.58 -33.80
C LYS A 56 13.22 51.64 -32.84
N HIS A 57 12.57 51.78 -31.68
CA HIS A 57 12.95 52.76 -30.66
C HIS A 57 13.22 51.99 -29.37
N PRO A 58 14.47 51.61 -29.10
CA PRO A 58 14.74 50.77 -27.92
C PRO A 58 14.64 51.51 -26.60
N GLU A 59 14.81 52.84 -26.60
CA GLU A 59 14.93 53.57 -25.35
C GLU A 59 13.64 53.57 -24.53
N GLU A 60 12.51 53.18 -25.13
CA GLU A 60 11.25 53.09 -24.40
C GLU A 60 10.92 51.67 -23.97
N LEU A 61 11.83 50.71 -24.16
CA LEU A 61 11.59 49.36 -23.70
C LEU A 61 11.44 49.31 -22.19
N LYS A 62 10.46 48.54 -21.73
CA LYS A 62 10.30 48.20 -20.32
C LYS A 62 10.66 46.74 -20.16
N VAL A 63 11.65 46.46 -19.31
CA VAL A 63 12.23 45.13 -19.19
C VAL A 63 11.88 44.57 -17.81
N LEU A 64 11.37 43.33 -17.79
CA LEU A 64 10.94 42.67 -16.57
C LEU A 64 11.69 41.35 -16.47
N ASP A 65 12.80 41.33 -15.74
CA ASP A 65 13.69 40.20 -15.69
C ASP A 65 13.27 39.22 -14.61
N LEU A 66 13.18 37.94 -14.98
CA LEU A 66 12.75 36.87 -14.09
C LEU A 66 13.90 35.94 -13.80
N TYR A 67 14.02 35.52 -12.54
CA TYR A 67 15.13 34.73 -12.05
C TYR A 67 16.49 35.33 -12.44
N PRO A 68 16.73 36.60 -12.13
CA PRO A 68 18.00 37.22 -12.53
C PRO A 68 19.22 36.55 -11.91
N GLY A 69 19.05 35.92 -10.75
CA GLY A 69 20.15 35.21 -10.11
C GLY A 69 21.35 36.07 -9.86
N VAL A 70 22.41 35.84 -10.65
CA VAL A 70 23.64 36.61 -10.49
C VAL A 70 23.42 38.05 -10.94
N GLY A 71 22.60 38.27 -11.95
CA GLY A 71 22.33 39.59 -12.46
C GLY A 71 23.34 40.13 -13.45
N ILE A 72 24.35 39.34 -13.82
CA ILE A 72 25.34 39.81 -14.79
C ILE A 72 24.69 40.02 -16.14
N GLN A 73 23.80 39.10 -16.55
CA GLN A 73 23.10 39.27 -17.82
C GLN A 73 22.27 40.54 -17.83
N SER A 74 21.57 40.81 -16.73
CA SER A 74 20.78 42.04 -16.65
C SER A 74 21.68 43.27 -16.70
N ALA A 75 22.84 43.21 -16.03
CA ALA A 75 23.76 44.33 -16.06
C ALA A 75 24.26 44.59 -17.48
N ILE A 76 24.58 43.52 -18.22
CA ILE A 76 25.02 43.67 -19.60
C ILE A 76 23.90 44.26 -20.46
N PHE A 77 22.68 43.75 -20.29
CA PHE A 77 21.56 44.23 -21.07
C PHE A 77 21.34 45.72 -20.85
N TYR A 78 21.32 46.15 -19.58
CA TYR A 78 21.12 47.56 -19.30
C TYR A 78 22.29 48.41 -19.78
N ASN A 79 23.52 47.94 -19.57
CA ASN A 79 24.68 48.70 -20.04
C ASN A 79 24.67 48.86 -21.54
N LYS A 80 24.10 47.89 -22.26
CA LYS A 80 24.10 47.97 -23.72
C LYS A 80 22.98 48.85 -24.24
N TYR A 81 21.77 48.71 -23.71
CA TYR A 81 20.61 49.35 -24.33
C TYR A 81 20.06 50.56 -23.58
N CYS A 82 20.29 50.67 -22.28
CA CYS A 82 19.74 51.75 -21.46
C CYS A 82 18.23 51.89 -21.63
N PRO A 83 17.46 50.86 -21.23
CA PRO A 83 15.99 50.96 -21.37
C PRO A 83 15.38 51.96 -20.42
N ARG A 84 14.05 52.07 -20.42
CA ARG A 84 13.37 53.02 -19.55
C ARG A 84 13.17 52.46 -18.15
N GLN A 85 12.44 51.36 -18.03
CA GLN A 85 12.16 50.75 -16.75
C GLN A 85 12.63 49.31 -16.74
N TYR A 86 13.22 48.89 -15.62
CA TYR A 86 13.92 47.62 -15.52
C TYR A 86 13.60 46.99 -14.17
N SER A 87 13.07 45.77 -14.19
CA SER A 87 12.61 45.12 -12.97
C SER A 87 13.12 43.69 -12.87
N LEU A 88 13.46 43.28 -11.65
CA LEU A 88 14.02 41.97 -11.38
C LEU A 88 13.20 41.26 -10.32
N LEU A 89 12.84 40.01 -10.60
CA LEU A 89 11.93 39.24 -9.74
C LEU A 89 12.66 38.03 -9.19
N GLU A 90 12.79 37.96 -7.86
CA GLU A 90 13.52 36.89 -7.20
C GLU A 90 12.94 36.64 -5.82
N LYS A 91 13.17 35.45 -5.28
CA LYS A 91 12.77 35.11 -3.93
C LYS A 91 13.91 34.57 -3.08
N ARG A 92 14.87 33.88 -3.70
CA ARG A 92 15.94 33.22 -2.96
C ARG A 92 16.66 34.21 -2.04
N SER A 93 16.87 33.80 -0.80
CA SER A 93 17.36 34.73 0.22
C SER A 93 18.78 35.19 -0.06
N SER A 94 19.70 34.23 -0.30
CA SER A 94 21.10 34.60 -0.53
C SER A 94 21.26 35.38 -1.82
N LEU A 95 20.61 34.94 -2.90
CA LEU A 95 20.71 35.65 -4.17
C LEU A 95 20.11 37.04 -4.06
N TYR A 96 19.00 37.17 -3.34
CA TYR A 96 18.41 38.49 -3.13
C TYR A 96 19.34 39.38 -2.32
N LYS A 97 20.01 38.81 -1.31
CA LYS A 97 21.00 39.57 -0.57
C LYS A 97 22.10 40.08 -1.49
N PHE A 98 22.60 39.20 -2.36
CA PHE A 98 23.64 39.60 -3.31
C PHE A 98 23.16 40.73 -4.21
N LEU A 99 21.98 40.56 -4.80
CA LEU A 99 21.47 41.55 -5.75
C LEU A 99 21.22 42.89 -5.06
N ASN A 100 20.60 42.87 -3.89
CA ASN A 100 20.33 44.10 -3.15
C ASN A 100 21.63 44.78 -2.74
N ALA A 101 22.62 44.00 -2.30
CA ALA A 101 23.90 44.56 -1.90
C ALA A 101 24.70 45.09 -3.09
N LYS A 102 24.43 44.60 -4.30
CA LYS A 102 25.21 45.01 -5.45
C LYS A 102 24.55 46.10 -6.28
N PHE A 103 23.25 46.33 -6.15
CA PHE A 103 22.56 47.33 -6.96
C PHE A 103 21.77 48.34 -6.13
N GLU A 104 22.40 48.93 -5.10
CA GLU A 104 21.80 50.09 -4.46
C GLU A 104 21.81 51.27 -5.41
N GLY A 105 20.71 52.03 -5.42
CA GLY A 105 20.63 53.29 -6.14
C GLY A 105 20.64 53.19 -7.64
N SER A 106 20.98 52.05 -8.21
CA SER A 106 20.97 51.90 -9.66
C SER A 106 19.55 51.86 -10.18
N PRO A 107 19.34 52.23 -11.45
CA PRO A 107 17.99 52.12 -12.03
C PRO A 107 17.45 50.70 -12.03
N LEU A 108 18.26 49.70 -11.72
CA LEU A 108 17.80 48.34 -11.49
C LEU A 108 16.77 48.34 -10.37
N GLN A 109 15.54 47.89 -10.64
CA GLN A 109 14.51 47.82 -9.62
C GLN A 109 14.48 46.40 -9.05
N ILE A 110 14.94 46.26 -7.81
CA ILE A 110 15.07 44.96 -7.17
C ILE A 110 13.77 44.65 -6.43
N LEU A 111 13.05 43.64 -6.91
CA LEU A 111 11.73 43.30 -6.38
C LEU A 111 11.75 41.86 -5.88
N LYS A 112 11.28 41.67 -4.66
CA LYS A 112 11.26 40.35 -4.03
C LYS A 112 9.89 39.71 -4.23
N ARG A 113 9.76 38.86 -5.25
CA ARG A 113 8.60 38.01 -5.44
C ARG A 113 9.05 36.74 -6.14
N ASP A 114 8.24 35.69 -6.01
CA ASP A 114 8.58 34.39 -6.57
C ASP A 114 7.83 34.18 -7.87
N PRO A 115 8.49 34.22 -9.03
CA PRO A 115 7.79 34.11 -10.31
C PRO A 115 7.13 32.76 -10.56
N TYR A 116 7.21 31.82 -9.62
CA TYR A 116 6.58 30.52 -9.83
C TYR A 116 5.07 30.59 -9.67
N ASP A 117 4.55 31.63 -9.01
CA ASP A 117 3.13 31.72 -8.70
C ASP A 117 2.48 32.80 -9.55
N TRP A 118 1.41 32.42 -10.27
CA TRP A 118 0.69 33.41 -11.07
C TRP A 118 0.00 34.46 -10.19
N SER A 119 -0.22 34.16 -8.92
CA SER A 119 -0.74 35.18 -8.01
C SER A 119 0.22 36.37 -7.94
N THR A 120 1.53 36.12 -8.08
CA THR A 120 2.49 37.21 -8.09
C THR A 120 2.26 38.14 -9.28
N TYR A 121 2.09 37.58 -10.48
CA TYR A 121 1.80 38.41 -11.64
C TYR A 121 0.47 39.13 -11.48
N SER A 122 -0.55 38.41 -11.01
CA SER A 122 -1.87 39.03 -10.85
C SER A 122 -1.83 40.16 -9.85
N ASN A 123 -0.96 40.06 -8.84
CA ASN A 123 -0.84 41.13 -7.82
C ASN A 123 0.00 42.27 -8.38
N LEU A 124 1.00 41.96 -9.19
CA LEU A 124 1.93 42.96 -9.68
C LEU A 124 1.35 43.79 -10.82
N ILE A 125 0.41 43.24 -11.59
CA ILE A 125 -0.03 43.90 -12.82
C ILE A 125 -0.77 45.20 -12.51
N ASP A 126 -1.90 45.11 -11.80
CA ASP A 126 -2.72 46.32 -11.78
C ASP A 126 -3.08 46.84 -10.40
N GLU A 127 -3.39 45.97 -9.44
CA GLU A 127 -3.91 46.49 -8.17
C GLU A 127 -2.80 47.04 -7.29
N GLU A 128 -1.55 46.79 -7.63
CA GLU A 128 -0.44 47.50 -6.99
C GLU A 128 0.28 48.46 -7.93
N ARG A 129 0.17 48.25 -9.24
CA ARG A 129 0.89 49.04 -10.24
C ARG A 129 2.40 49.04 -9.95
N ILE A 130 2.91 47.85 -9.61
CA ILE A 130 4.36 47.70 -9.43
C ILE A 130 5.07 47.99 -10.74
N PHE A 131 4.59 47.39 -11.83
CA PHE A 131 5.14 47.60 -13.16
C PHE A 131 3.97 47.88 -14.10
N VAL A 132 4.15 48.83 -15.00
CA VAL A 132 3.08 49.23 -15.91
C VAL A 132 3.46 48.79 -17.32
N PRO A 133 2.98 47.64 -17.79
CA PRO A 133 3.33 47.17 -19.13
C PRO A 133 2.47 47.87 -20.18
N GLU A 134 3.11 48.63 -21.07
CA GLU A 134 2.40 49.24 -22.18
C GLU A 134 1.79 48.16 -23.05
N VAL A 135 0.52 48.32 -23.39
CA VAL A 135 -0.24 47.29 -24.09
C VAL A 135 -0.20 47.56 -25.59
N GLN A 136 -0.07 46.49 -26.36
CA GLN A 136 -0.06 46.56 -27.82
C GLN A 136 -0.98 45.48 -28.36
N SER A 137 -1.38 45.67 -29.63
CA SER A 137 -2.23 44.71 -30.30
C SER A 137 -1.38 43.53 -30.79
N SER A 138 -1.98 42.65 -31.59
CA SER A 138 -1.32 41.46 -32.10
C SER A 138 -0.69 41.68 -33.47
N ASP A 139 -0.75 42.91 -34.00
CA ASP A 139 -0.21 43.16 -35.33
C ASP A 139 1.32 43.11 -35.33
N HIS A 140 1.95 43.76 -34.36
CA HIS A 140 3.40 43.91 -34.34
C HIS A 140 3.93 43.56 -32.97
N ILE A 141 5.16 43.01 -32.95
CA ILE A 141 5.80 42.66 -31.69
C ILE A 141 6.03 43.93 -30.88
N ASN A 142 5.78 43.83 -29.57
CA ASN A 142 5.77 44.99 -28.71
C ASN A 142 7.11 45.71 -28.73
N ASP A 143 7.05 47.04 -28.80
CA ASP A 143 8.22 47.90 -28.73
C ASP A 143 8.45 48.45 -27.32
N LYS A 144 7.64 48.06 -26.34
CA LYS A 144 7.78 48.59 -25.00
C LYS A 144 8.09 47.50 -23.98
N PHE A 145 7.28 46.45 -23.88
CA PHE A 145 7.48 45.47 -22.83
C PHE A 145 8.43 44.38 -23.29
N LEU A 146 9.23 43.88 -22.35
CA LEU A 146 10.22 42.86 -22.63
C LEU A 146 10.60 42.16 -21.34
N THR A 147 10.88 40.87 -21.44
CA THR A 147 11.28 40.08 -20.29
C THR A 147 12.39 39.13 -20.67
N VAL A 148 13.33 38.94 -19.75
CA VAL A 148 14.45 38.00 -19.93
C VAL A 148 14.46 37.09 -18.71
N ALA A 149 14.39 35.79 -18.94
CA ALA A 149 14.26 34.81 -17.88
C ALA A 149 15.41 33.82 -17.92
N ASN A 150 15.90 33.44 -16.76
CA ASN A 150 17.02 32.52 -16.60
C ASN A 150 16.52 31.35 -15.76
N VAL A 151 16.16 30.25 -16.42
CA VAL A 151 15.49 29.14 -15.77
C VAL A 151 16.40 27.92 -15.87
N THR A 152 17.71 28.16 -15.80
CA THR A 152 18.68 27.08 -15.93
C THR A 152 18.60 26.06 -14.79
N GLY A 153 17.95 26.40 -13.68
CA GLY A 153 17.77 25.45 -12.60
C GLY A 153 16.98 24.23 -13.03
N GLU A 154 17.66 23.08 -13.10
CA GLU A 154 17.04 21.88 -13.64
C GLU A 154 15.83 21.45 -12.83
N GLY A 155 15.77 21.83 -11.55
CA GLY A 155 14.64 21.42 -10.73
C GLY A 155 13.32 21.98 -11.23
N SER A 156 13.29 23.27 -11.55
CA SER A 156 12.08 23.93 -12.03
C SER A 156 12.20 24.13 -13.54
N GLU A 157 11.80 23.11 -14.29
CA GLU A 157 11.83 23.17 -15.74
C GLU A 157 10.44 23.20 -16.38
N GLY A 158 9.44 22.59 -15.75
CA GLY A 158 8.08 22.71 -16.26
C GLY A 158 7.46 24.06 -16.03
N LEU A 159 8.11 24.89 -15.20
CA LEU A 159 7.74 26.29 -15.14
C LEU A 159 7.80 26.90 -16.54
N ILE A 160 8.72 26.41 -17.38
CA ILE A 160 8.79 26.85 -18.76
C ILE A 160 7.56 26.41 -19.55
N MET A 161 7.12 25.16 -19.37
CA MET A 161 5.92 24.72 -20.08
C MET A 161 4.71 25.56 -19.70
N GLN A 162 4.57 25.88 -18.41
CA GLN A 162 3.49 26.77 -17.99
C GLN A 162 3.64 28.15 -18.62
N TRP A 163 4.86 28.70 -18.58
CA TRP A 163 5.14 29.99 -19.18
C TRP A 163 4.86 30.01 -20.67
N LEU A 164 4.93 28.86 -21.33
CA LEU A 164 4.78 28.82 -22.78
C LEU A 164 3.33 28.57 -23.18
N SER A 165 2.60 27.77 -22.41
CA SER A 165 1.16 27.66 -22.63
C SER A 165 0.42 28.94 -22.22
N CYS A 166 1.06 29.78 -21.41
CA CYS A 166 0.45 31.06 -21.07
C CYS A 166 0.25 31.94 -22.29
N ILE A 167 1.13 31.86 -23.29
CA ILE A 167 0.93 32.62 -24.52
C ILE A 167 -0.39 32.21 -25.17
N GLY A 168 -0.62 30.90 -25.27
CA GLY A 168 -1.85 30.43 -25.91
C GLY A 168 -3.08 30.80 -25.13
N ASN A 169 -3.05 30.58 -23.81
CA ASN A 169 -4.20 30.97 -23.01
C ASN A 169 -4.40 32.47 -22.95
N LYS A 170 -3.37 33.25 -23.30
CA LYS A 170 -3.38 34.71 -23.28
C LYS A 170 -3.68 35.26 -21.90
N ASN A 171 -3.68 34.40 -20.87
CA ASN A 171 -4.03 34.83 -19.52
C ASN A 171 -2.87 35.57 -18.84
N TRP A 172 -1.64 35.34 -19.30
CA TRP A 172 -0.50 36.00 -18.69
C TRP A 172 -0.44 37.40 -19.30
N LEU A 173 0.71 38.08 -19.17
CA LEU A 173 0.97 39.36 -19.80
C LEU A 173 0.86 39.28 -21.31
N TYR A 174 0.98 38.07 -21.88
CA TYR A 174 0.99 37.93 -23.34
C TYR A 174 -0.31 38.42 -23.97
N ARG A 175 -1.29 38.80 -23.15
CA ARG A 175 -2.41 39.58 -23.64
C ARG A 175 -2.03 41.01 -23.99
N PHE A 176 -0.81 41.44 -23.65
CA PHE A 176 -0.36 42.81 -23.86
C PHE A 176 0.27 43.02 -25.23
N GLY A 177 0.25 42.01 -26.09
CA GLY A 177 0.84 42.08 -27.41
C GLY A 177 1.75 40.91 -27.64
N LYS A 178 2.72 41.11 -28.53
CA LYS A 178 3.72 40.10 -28.84
C LYS A 178 5.04 40.55 -28.23
N VAL A 179 5.49 39.84 -27.20
CA VAL A 179 6.68 40.21 -26.44
C VAL A 179 7.68 39.07 -26.49
N LYS A 180 8.93 39.40 -26.77
CA LYS A 180 10.02 38.43 -26.68
C LYS A 180 10.26 38.07 -25.23
N MET A 181 10.65 36.82 -24.99
CA MET A 181 11.13 36.42 -23.68
C MET A 181 12.39 35.58 -23.89
N LEU A 182 13.55 36.23 -23.81
CA LEU A 182 14.83 35.51 -23.87
C LEU A 182 14.92 34.58 -22.67
N LEU A 183 15.22 33.31 -22.92
CA LEU A 183 15.03 32.26 -21.93
C LEU A 183 16.29 31.41 -21.81
N TRP A 184 17.12 31.71 -20.81
CA TRP A 184 18.24 30.84 -20.48
C TRP A 184 17.69 29.48 -20.04
N MET A 185 18.04 28.42 -20.77
CA MET A 185 17.47 27.12 -20.52
C MET A 185 18.57 26.08 -20.36
N PRO A 186 18.34 25.04 -19.57
CA PRO A 186 19.23 23.88 -19.61
C PRO A 186 19.29 23.32 -21.02
N SER A 187 20.51 23.00 -21.47
CA SER A 187 20.72 22.64 -22.86
C SER A 187 19.88 21.43 -23.26
N THR A 188 19.64 20.50 -22.34
CA THR A 188 18.77 19.37 -22.66
C THR A 188 17.34 19.86 -22.89
N THR A 189 16.88 20.83 -22.11
CA THR A 189 15.55 21.39 -22.36
C THR A 189 15.50 22.15 -23.67
N ALA A 190 16.59 22.83 -24.05
CA ALA A 190 16.64 23.46 -25.35
C ALA A 190 16.56 22.42 -26.46
N ARG A 191 17.22 21.29 -26.29
CA ARG A 191 17.10 20.20 -27.26
C ARG A 191 15.67 19.70 -27.35
N LYS A 192 15.00 19.54 -26.21
CA LYS A 192 13.61 19.08 -26.22
C LYS A 192 12.70 20.07 -26.93
N LEU A 193 12.91 21.38 -26.70
CA LEU A 193 12.04 22.38 -27.31
C LEU A 193 12.31 22.51 -28.81
N LEU A 194 13.57 22.51 -29.22
CA LEU A 194 13.96 22.99 -30.53
C LEU A 194 14.04 21.88 -31.58
N ALA A 195 13.66 20.66 -31.24
CA ALA A 195 13.78 19.57 -32.18
C ALA A 195 12.79 19.72 -33.34
N ARG A 196 13.14 19.13 -34.47
CA ARG A 196 12.33 19.13 -35.67
C ARG A 196 11.78 17.73 -35.94
N PRO A 197 10.78 17.60 -36.81
CA PRO A 197 10.15 16.29 -37.00
C PRO A 197 11.14 15.21 -37.38
N GLY A 198 10.96 14.02 -36.81
CA GLY A 198 11.86 12.91 -37.01
C GLY A 198 13.05 12.88 -36.08
N MET A 199 13.18 13.84 -35.18
CA MET A 199 14.29 13.91 -34.25
C MET A 199 13.84 13.48 -32.86
N HIS A 200 14.78 12.90 -32.11
CA HIS A 200 14.43 12.21 -30.87
C HIS A 200 13.82 13.14 -29.83
N SER A 201 14.17 14.42 -29.84
CA SER A 201 13.77 15.34 -28.78
C SER A 201 12.49 16.10 -29.08
N ARG A 202 11.80 15.77 -30.17
CA ARG A 202 10.54 16.43 -30.49
C ARG A 202 9.43 15.94 -29.58
N SER A 203 8.65 16.87 -29.03
CA SER A 203 7.58 16.51 -28.09
C SER A 203 6.62 17.68 -27.99
N LYS A 204 5.76 17.62 -26.97
CA LYS A 204 4.78 18.69 -26.74
C LYS A 204 5.47 20.04 -26.62
N CYS A 205 6.66 20.09 -26.02
CA CYS A 205 7.44 21.32 -26.05
C CYS A 205 7.65 21.81 -27.46
N SER A 206 8.09 20.92 -28.36
CA SER A 206 8.40 21.32 -29.72
C SER A 206 7.17 21.82 -30.45
N VAL A 207 6.03 21.13 -30.32
CA VAL A 207 4.85 21.58 -31.06
C VAL A 207 4.29 22.87 -30.47
N VAL A 208 4.33 23.01 -29.14
CA VAL A 208 3.88 24.28 -28.56
C VAL A 208 4.79 25.42 -29.02
N ARG A 209 6.09 25.14 -29.14
CA ARG A 209 7.03 26.14 -29.65
C ARG A 209 6.69 26.53 -31.08
N GLU A 210 6.49 25.54 -31.95
CA GLU A 210 6.18 25.82 -33.35
C GLU A 210 4.87 26.59 -33.47
N ALA A 211 3.90 26.25 -32.64
CA ALA A 211 2.59 26.91 -32.71
C ALA A 211 2.67 28.35 -32.26
N PHE A 212 3.18 28.59 -31.05
CA PHE A 212 2.92 29.84 -30.39
C PHE A 212 4.03 30.86 -30.54
N THR A 213 5.15 30.49 -31.18
CA THR A 213 6.32 31.36 -31.25
C THR A 213 7.26 30.82 -32.32
N ASP A 214 8.37 31.53 -32.49
CA ASP A 214 9.48 31.07 -33.32
C ASP A 214 10.78 31.28 -32.57
N THR A 215 11.78 30.46 -32.86
CA THR A 215 12.99 30.40 -32.05
C THR A 215 14.24 30.61 -32.88
N LYS A 216 15.25 31.18 -32.23
CA LYS A 216 16.61 31.24 -32.75
C LYS A 216 17.54 30.88 -31.60
N LEU A 217 18.25 29.76 -31.70
CA LEU A 217 19.23 29.42 -30.69
C LEU A 217 20.38 30.41 -30.75
N ILE A 218 20.75 30.96 -29.60
CA ILE A 218 21.76 32.02 -29.56
C ILE A 218 23.06 31.61 -28.90
N ALA A 219 23.05 30.56 -28.08
CA ALA A 219 24.26 30.16 -27.38
C ALA A 219 24.14 28.71 -26.96
N ILE A 220 25.29 28.12 -26.62
CA ILE A 220 25.36 26.77 -26.10
C ILE A 220 26.74 26.56 -25.50
N SER A 221 26.85 25.73 -24.45
CA SER A 221 28.12 25.54 -23.79
C SER A 221 29.00 24.53 -24.53
N ASP A 222 28.55 23.28 -24.59
CA ASP A 222 29.38 22.20 -25.10
C ASP A 222 29.10 22.00 -26.59
N ALA A 223 30.16 22.08 -27.40
CA ALA A 223 30.02 21.85 -28.84
C ALA A 223 29.62 20.43 -29.17
N ASN A 224 29.78 19.49 -28.23
CA ASN A 224 29.52 18.10 -28.51
C ASN A 224 28.03 17.81 -28.68
N GLU A 225 27.17 18.47 -27.90
CA GLU A 225 25.75 18.19 -27.96
C GLU A 225 25.08 18.82 -29.17
N LEU A 226 25.80 19.65 -29.93
CA LEU A 226 25.21 20.26 -31.12
C LEU A 226 24.75 19.21 -32.12
N LYS A 227 25.28 18.00 -32.05
CA LYS A 227 24.78 16.91 -32.90
C LYS A 227 23.31 16.60 -32.60
N GLY A 228 22.86 16.87 -31.38
CA GLY A 228 21.46 16.64 -31.05
C GLY A 228 20.53 17.55 -31.80
N PHE A 229 20.94 18.80 -32.02
CA PHE A 229 20.11 19.75 -32.73
C PHE A 229 20.02 19.38 -34.21
N ASP A 230 19.17 20.12 -34.93
CA ASP A 230 19.05 19.92 -36.36
C ASP A 230 20.23 20.56 -37.09
N SER A 231 20.82 19.81 -38.02
CA SER A 231 21.98 20.32 -38.75
C SER A 231 21.62 21.55 -39.57
N GLN A 232 20.50 21.48 -40.29
CA GLN A 232 20.07 22.63 -41.09
C GLN A 232 19.71 23.81 -40.20
N CYS A 233 19.11 23.54 -39.04
CA CYS A 233 18.82 24.61 -38.10
C CYS A 233 20.10 25.28 -37.63
N ILE A 234 21.14 24.49 -37.34
CA ILE A 234 22.42 25.06 -36.95
C ILE A 234 23.01 25.90 -38.07
N GLU A 235 22.91 25.41 -39.31
CA GLU A 235 23.39 26.18 -40.45
C GLU A 235 22.66 27.52 -40.54
N GLU A 236 21.35 27.52 -40.27
CA GLU A 236 20.57 28.74 -40.33
C GLU A 236 20.88 29.68 -39.17
N TRP A 237 21.22 29.13 -38.01
CA TRP A 237 21.34 29.91 -36.78
C TRP A 237 22.73 30.46 -36.54
N ASP A 238 23.75 29.59 -36.60
CA ASP A 238 25.13 29.93 -36.23
C ASP A 238 25.19 30.42 -34.79
N PRO A 239 24.96 29.54 -33.81
CA PRO A 239 24.93 29.99 -32.42
C PRO A 239 26.29 30.50 -31.95
N ILE A 240 26.25 31.41 -30.98
CA ILE A 240 27.46 31.93 -30.36
C ILE A 240 27.93 30.95 -29.31
N LEU A 241 28.80 30.02 -29.70
CA LEU A 241 29.25 28.99 -28.79
C LEU A 241 30.33 29.55 -27.86
N PHE A 242 30.33 29.08 -26.62
CA PHE A 242 31.28 29.55 -25.62
C PHE A 242 31.79 28.36 -24.81
N SER A 243 32.88 28.57 -24.10
CA SER A 243 33.52 27.49 -23.37
C SER A 243 32.70 27.09 -22.15
N ALA A 244 32.68 25.78 -21.87
CA ALA A 244 31.93 25.23 -20.76
C ALA A 244 32.57 25.50 -19.40
N ALA A 245 33.71 26.18 -19.39
CA ALA A 245 34.35 26.61 -18.15
C ALA A 245 33.90 28.00 -17.71
N GLU A 246 32.68 28.40 -18.08
CA GLU A 246 32.20 29.73 -17.84
C GLU A 246 30.92 29.78 -17.00
N ILE A 247 30.36 28.63 -16.66
CA ILE A 247 29.22 28.55 -15.75
C ILE A 247 29.76 28.28 -14.35
N TRP A 248 29.33 29.09 -13.38
CA TRP A 248 29.95 29.01 -12.05
C TRP A 248 29.76 27.66 -11.39
N PRO A 249 28.55 27.09 -11.29
CA PRO A 249 28.43 25.71 -10.77
C PRO A 249 28.80 24.73 -11.87
N THR A 250 30.00 24.15 -11.76
CA THR A 250 30.48 23.25 -12.79
C THR A 250 29.77 21.90 -12.77
N LYS A 251 29.11 21.57 -11.66
CA LYS A 251 28.40 20.30 -11.58
C LYS A 251 27.21 20.24 -12.55
N GLY A 252 26.53 21.36 -12.76
CA GLY A 252 25.34 21.37 -13.57
C GLY A 252 25.62 21.14 -15.04
N LYS A 253 24.55 20.84 -15.77
CA LYS A 253 24.61 20.55 -17.18
C LYS A 253 24.85 21.82 -17.98
N PRO A 254 25.27 21.71 -19.25
CA PRO A 254 25.50 22.90 -20.07
C PRO A 254 24.25 23.74 -20.23
N ILE A 255 24.46 25.01 -20.57
CA ILE A 255 23.42 26.03 -20.56
C ILE A 255 23.22 26.55 -21.98
N ALA A 256 21.97 26.62 -22.42
CA ALA A 256 21.61 27.11 -23.73
C ALA A 256 20.65 28.29 -23.61
N LEU A 257 20.56 29.07 -24.69
CA LEU A 257 19.66 30.21 -24.76
C LEU A 257 18.73 30.05 -25.95
N VAL A 258 17.47 30.48 -25.77
CA VAL A 258 16.50 30.48 -26.85
C VAL A 258 15.87 31.87 -26.93
N GLU A 259 15.44 32.22 -28.16
CA GLU A 259 14.81 33.54 -28.42
C GLU A 259 13.45 33.27 -29.03
N MET A 260 12.38 33.43 -28.25
CA MET A 260 11.02 33.14 -28.68
C MET A 260 10.24 34.43 -28.93
N ASP A 261 9.61 34.50 -30.09
CA ASP A 261 8.81 35.66 -30.48
C ASP A 261 7.40 35.18 -30.82
N PRO A 262 6.38 35.52 -30.05
CA PRO A 262 5.04 34.98 -30.32
C PRO A 262 4.53 35.40 -31.69
N ILE A 263 3.77 34.52 -32.32
CA ILE A 263 3.28 34.71 -33.67
C ILE A 263 1.76 34.63 -33.66
N ASP A 264 1.15 35.22 -34.69
CA ASP A 264 -0.29 35.16 -34.84
C ASP A 264 -0.72 33.73 -35.16
N PHE A 265 -1.81 33.30 -34.55
CA PHE A 265 -2.30 31.94 -34.73
C PHE A 265 -3.82 31.95 -34.76
N ASP A 266 -4.39 30.94 -35.40
CA ASP A 266 -5.84 30.82 -35.60
C ASP A 266 -6.28 29.39 -35.29
N PHE A 267 -6.61 29.15 -34.03
CA PHE A 267 -7.19 27.88 -33.60
C PHE A 267 -7.67 28.04 -32.16
N ASP A 268 -8.25 26.98 -31.61
CA ASP A 268 -8.76 26.96 -30.25
C ASP A 268 -7.73 26.29 -29.34
N VAL A 269 -7.27 27.04 -28.33
CA VAL A 269 -6.10 26.63 -27.56
C VAL A 269 -6.38 25.36 -26.77
N ASP A 270 -7.54 25.29 -26.11
CA ASP A 270 -7.81 24.15 -25.24
C ASP A 270 -7.96 22.86 -26.04
N ASN A 271 -8.71 22.91 -27.14
CA ASN A 271 -8.87 21.73 -27.99
C ASN A 271 -7.54 21.33 -28.62
N TRP A 272 -6.75 22.32 -29.03
CA TRP A 272 -5.43 22.04 -29.57
C TRP A 272 -4.55 21.35 -28.54
N ASP A 273 -4.58 21.83 -27.30
CA ASP A 273 -3.82 21.19 -26.23
C ASP A 273 -4.27 19.75 -26.04
N TYR A 274 -5.59 19.52 -26.02
CA TYR A 274 -6.08 18.16 -25.85
C TYR A 274 -5.54 17.24 -26.94
N VAL A 275 -5.71 17.65 -28.21
CA VAL A 275 -5.33 16.75 -29.30
C VAL A 275 -3.82 16.51 -29.31
N THR A 276 -3.02 17.58 -29.17
CA THR A 276 -1.58 17.40 -29.22
C THR A 276 -1.06 16.60 -28.03
N ARG A 277 -1.56 16.89 -26.83
CA ARG A 277 -1.09 16.19 -25.64
C ARG A 277 -1.46 14.71 -25.68
N HIS A 278 -2.66 14.38 -26.16
CA HIS A 278 -3.02 12.98 -26.21
C HIS A 278 -2.52 12.27 -27.46
N LEU A 279 -1.93 12.99 -28.41
CA LEU A 279 -1.28 12.33 -29.53
C LEU A 279 0.21 12.14 -29.32
N MET A 280 0.88 13.04 -28.61
CA MET A 280 2.32 12.91 -28.44
C MET A 280 2.74 11.89 -27.39
N ILE A 281 1.80 11.29 -26.66
CA ILE A 281 2.19 10.21 -25.76
C ILE A 281 2.76 9.05 -26.56
N LEU A 282 2.13 8.69 -27.67
CA LEU A 282 2.60 7.64 -28.55
C LEU A 282 3.29 8.31 -29.74
N LYS A 283 4.51 8.78 -29.52
CA LYS A 283 5.22 9.60 -30.50
C LYS A 283 6.05 8.78 -31.48
N ARG A 284 5.83 7.48 -31.59
CA ARG A 284 6.52 6.69 -32.60
C ARG A 284 5.53 5.88 -33.43
N THR A 285 4.48 5.39 -32.80
CA THR A 285 3.45 4.66 -33.53
C THR A 285 2.73 5.60 -34.48
N PRO A 286 2.68 5.30 -35.78
CA PRO A 286 2.19 6.28 -36.76
C PRO A 286 0.72 6.60 -36.57
N LEU A 287 0.27 7.60 -37.34
CA LEU A 287 -1.08 8.13 -37.22
C LEU A 287 -2.16 7.12 -37.55
N ASN A 288 -1.82 6.01 -38.19
CA ASN A 288 -2.82 4.99 -38.51
C ASN A 288 -3.38 4.30 -37.27
N THR A 289 -2.75 4.48 -36.10
CA THR A 289 -3.19 3.78 -34.89
C THR A 289 -3.33 4.71 -33.70
N VAL A 290 -2.54 5.79 -33.66
CA VAL A 290 -2.47 6.62 -32.47
C VAL A 290 -3.75 7.43 -32.26
N MET A 291 -4.58 7.58 -33.29
CA MET A 291 -5.76 8.43 -33.16
C MET A 291 -6.81 7.87 -32.22
N ASP A 292 -6.75 6.57 -31.91
CA ASP A 292 -7.72 5.98 -30.99
C ASP A 292 -7.67 6.64 -29.63
N SER A 293 -6.49 7.12 -29.21
CA SER A 293 -6.33 7.69 -27.88
C SER A 293 -7.12 8.97 -27.68
N LEU A 294 -7.56 9.63 -28.76
CA LEU A 294 -8.25 10.90 -28.60
C LEU A 294 -9.66 10.69 -28.05
N GLY A 295 -10.33 9.62 -28.46
CA GLY A 295 -11.68 9.36 -27.99
C GLY A 295 -12.24 8.13 -28.67
N HIS A 296 -13.50 7.85 -28.36
CA HIS A 296 -14.16 6.69 -28.95
C HIS A 296 -14.37 6.90 -30.44
N GLY A 297 -13.97 5.92 -31.24
CA GLY A 297 -14.17 5.98 -32.68
C GLY A 297 -13.31 7.00 -33.40
N GLY A 298 -12.40 7.66 -32.70
CA GLY A 298 -11.56 8.66 -33.34
C GLY A 298 -10.73 8.08 -34.47
N GLN A 299 -10.19 6.88 -34.26
CA GLN A 299 -9.35 6.27 -35.28
C GLN A 299 -10.13 6.04 -36.57
N GLN A 300 -11.28 5.38 -36.48
CA GLN A 300 -12.05 5.07 -37.68
C GLN A 300 -12.56 6.35 -38.35
N TYR A 301 -13.03 7.32 -37.56
CA TYR A 301 -13.54 8.54 -38.17
C TYR A 301 -12.43 9.31 -38.88
N PHE A 302 -11.28 9.47 -38.23
CA PHE A 302 -10.21 10.25 -38.84
C PHE A 302 -9.61 9.51 -40.01
N ASN A 303 -9.62 8.18 -39.99
CA ASN A 303 -9.25 7.42 -41.18
C ASN A 303 -10.22 7.71 -42.33
N SER A 304 -11.51 7.79 -42.02
CA SER A 304 -12.49 8.09 -43.06
C SER A 304 -12.30 9.49 -43.63
N ARG A 305 -12.00 10.46 -42.77
CA ARG A 305 -12.03 11.86 -43.17
C ARG A 305 -10.71 12.41 -43.68
N ILE A 306 -9.57 11.95 -43.17
CA ILE A 306 -8.30 12.56 -43.55
C ILE A 306 -8.03 12.28 -45.02
N THR A 307 -7.76 13.33 -45.78
CA THR A 307 -7.55 13.23 -47.22
C THR A 307 -6.10 12.94 -47.57
N ASP A 308 -5.17 13.64 -46.92
CA ASP A 308 -3.74 13.47 -47.20
C ASP A 308 -3.31 12.12 -46.64
N LYS A 309 -3.33 11.08 -47.48
CA LYS A 309 -3.00 9.74 -47.02
C LYS A 309 -1.54 9.58 -46.67
N ASP A 310 -0.68 10.52 -47.08
CA ASP A 310 0.69 10.52 -46.58
C ASP A 310 0.71 10.79 -45.08
N LEU A 311 -0.16 11.69 -44.62
CA LEU A 311 -0.24 11.99 -43.19
C LEU A 311 -0.64 10.76 -42.39
N LEU A 312 -1.51 9.92 -42.95
CA LEU A 312 -1.97 8.75 -42.23
C LEU A 312 -0.83 7.82 -41.84
N LYS A 313 0.26 7.81 -42.60
CA LYS A 313 1.42 7.02 -42.24
C LYS A 313 2.55 7.84 -41.64
N LYS A 314 2.53 9.15 -41.79
CA LYS A 314 3.54 9.98 -41.13
C LYS A 314 3.47 9.83 -39.62
N CYS A 315 4.63 9.81 -38.98
CA CYS A 315 4.70 9.58 -37.55
C CYS A 315 4.19 10.79 -36.78
N PRO A 316 3.65 10.59 -35.57
CA PRO A 316 3.26 11.73 -34.74
C PRO A 316 4.45 12.62 -34.40
N ILE A 317 5.66 12.06 -34.41
CA ILE A 317 6.86 12.88 -34.30
C ILE A 317 7.31 13.40 -35.65
N ASP A 318 6.65 12.99 -36.73
CA ASP A 318 6.94 13.51 -38.06
C ASP A 318 5.94 14.56 -38.51
N LEU A 319 4.95 14.88 -37.69
CA LEU A 319 3.96 15.89 -38.05
C LEU A 319 4.47 17.28 -37.66
N THR A 320 3.85 18.30 -38.26
CA THR A 320 4.16 19.68 -37.96
C THR A 320 2.92 20.39 -37.41
N ASN A 321 3.12 21.65 -37.02
CA ASN A 321 2.05 22.40 -36.38
C ASN A 321 0.88 22.61 -37.33
N ASP A 322 1.15 22.79 -38.62
CA ASP A 322 0.06 22.97 -39.57
C ASP A 322 -0.82 21.72 -39.63
N GLU A 323 -0.21 20.54 -39.66
CA GLU A 323 -0.99 19.32 -39.67
C GLU A 323 -1.72 19.11 -38.35
N PHE A 324 -1.12 19.52 -37.23
CA PHE A 324 -1.82 19.42 -35.96
C PHE A 324 -3.04 20.36 -35.93
N ILE A 325 -2.92 21.54 -36.53
CA ILE A 325 -4.06 22.44 -36.64
C ILE A 325 -5.15 21.82 -37.51
N TYR A 326 -4.74 21.15 -38.59
CA TYR A 326 -5.70 20.42 -39.42
C TYR A 326 -6.44 19.36 -38.60
N LEU A 327 -5.69 18.62 -37.79
CA LEU A 327 -6.31 17.60 -36.94
C LEU A 327 -7.27 18.22 -35.93
N THR A 328 -6.90 19.37 -35.38
CA THR A 328 -7.78 20.08 -34.45
C THR A 328 -9.07 20.51 -35.15
N LYS A 329 -8.95 21.00 -36.38
CA LYS A 329 -10.14 21.40 -37.13
C LYS A 329 -11.06 20.21 -37.37
N LEU A 330 -10.50 19.07 -37.74
CA LEU A 330 -11.34 17.88 -37.93
C LEU A 330 -11.98 17.46 -36.61
N PHE A 331 -11.22 17.52 -35.51
CA PHE A 331 -11.76 17.19 -34.21
C PHE A 331 -12.96 18.07 -33.87
N MET A 332 -12.85 19.37 -34.16
CA MET A 332 -13.99 20.27 -33.92
C MET A 332 -15.16 19.92 -34.83
N GLU A 333 -14.90 19.61 -36.10
CA GLU A 333 -15.96 19.20 -37.00
C GLU A 333 -16.64 17.90 -36.56
N TRP A 334 -15.97 17.19 -35.65
CA TRP A 334 -16.49 15.88 -35.18
C TRP A 334 -17.61 16.10 -34.16
N PRO A 335 -18.86 15.58 -34.36
CA PRO A 335 -19.95 15.89 -33.41
C PRO A 335 -19.89 15.09 -32.13
N PHE A 336 -19.44 13.84 -32.20
CA PHE A 336 -19.41 12.99 -31.03
C PHE A 336 -18.28 13.37 -30.08
N LYS A 337 -17.65 14.52 -30.30
CA LYS A 337 -16.53 15.05 -29.54
C LYS A 337 -16.82 15.02 -28.05
N PRO A 338 -16.13 14.20 -27.28
CA PRO A 338 -16.31 14.23 -25.82
C PRO A 338 -15.78 15.52 -25.25
N ASP A 339 -16.36 15.91 -24.12
CA ASP A 339 -15.96 17.15 -23.46
C ASP A 339 -14.47 17.12 -23.13
N ILE A 340 -13.77 18.20 -23.47
CA ILE A 340 -12.34 18.30 -23.20
C ILE A 340 -12.06 18.69 -21.76
N LEU A 341 -13.08 19.00 -20.97
CA LEU A 341 -12.94 19.18 -19.54
C LEU A 341 -13.14 17.88 -18.77
N MET A 342 -12.86 16.75 -19.43
CA MET A 342 -12.94 15.44 -18.79
C MET A 342 -12.03 15.37 -17.57
N ASP A 343 -10.92 16.10 -17.59
CA ASP A 343 -9.92 16.21 -16.52
C ASP A 343 -9.95 15.12 -15.43
N ILE B 297 -39.43 -17.73 10.83
CA ILE B 297 -39.21 -18.91 11.66
C ILE B 297 -37.89 -18.77 12.42
N ASN B 298 -37.88 -19.22 13.67
CA ASN B 298 -36.72 -19.05 14.57
C ASN B 298 -36.17 -20.41 14.94
N PHE B 299 -35.11 -20.83 14.25
CA PHE B 299 -34.49 -22.12 14.50
C PHE B 299 -33.89 -22.16 15.90
N PHE B 300 -33.27 -21.07 16.33
CA PHE B 300 -32.69 -21.01 17.66
C PHE B 300 -33.76 -21.15 18.74
N GLU B 301 -34.88 -20.46 18.57
CA GLU B 301 -35.97 -20.58 19.53
C GLU B 301 -36.54 -22.00 19.54
N ILE B 302 -36.66 -22.63 18.37
CA ILE B 302 -37.16 -24.00 18.33
C ILE B 302 -36.21 -24.94 19.08
N TYR B 303 -34.92 -24.81 18.81
CA TYR B 303 -33.93 -25.67 19.46
C TYR B 303 -33.90 -25.46 20.96
N ASN B 304 -34.03 -24.21 21.41
CA ASN B 304 -34.12 -23.94 22.84
C ASN B 304 -35.39 -24.56 23.43
N SER B 305 -36.50 -24.46 22.72
CA SER B 305 -37.76 -25.03 23.20
C SER B 305 -37.73 -26.54 23.26
N LEU B 306 -36.85 -27.19 22.51
CA LEU B 306 -36.70 -28.64 22.62
C LEU B 306 -35.85 -28.96 23.84
N PRO B 307 -36.38 -29.66 24.86
CA PRO B 307 -35.58 -29.96 26.05
C PRO B 307 -34.77 -31.24 25.97
N THR B 308 -35.16 -32.18 25.11
CA THR B 308 -34.55 -33.50 25.09
C THR B 308 -33.30 -33.53 24.23
N LEU B 309 -32.26 -34.21 24.72
CA LEU B 309 -31.00 -34.28 23.99
C LEU B 309 -31.14 -35.01 22.67
N GLU B 310 -31.93 -36.09 22.65
CA GLU B 310 -32.10 -36.88 21.43
C GLU B 310 -32.76 -36.04 20.33
N GLU B 311 -33.86 -35.37 20.66
CA GLU B 311 -34.51 -34.53 19.67
C GLU B 311 -33.65 -33.32 19.32
N LYS B 312 -32.84 -32.85 20.25
CA LYS B 312 -31.89 -31.78 19.92
C LYS B 312 -30.89 -32.26 18.87
N LYS B 313 -30.37 -33.48 19.02
CA LYS B 313 -29.46 -34.03 18.02
C LYS B 313 -30.15 -34.20 16.67
N ALA B 314 -31.38 -34.70 16.69
CA ALA B 314 -32.13 -34.85 15.44
C ALA B 314 -32.36 -33.50 14.78
N PHE B 315 -32.70 -32.48 15.57
CA PHE B 315 -32.87 -31.13 15.05
C PHE B 315 -31.59 -30.61 14.43
N GLU B 316 -30.46 -30.82 15.11
CA GLU B 316 -29.19 -30.34 14.58
C GLU B 316 -28.85 -31.03 13.25
N SER B 317 -29.05 -32.34 13.17
CA SER B 317 -28.79 -33.05 11.92
C SER B 317 -29.71 -32.56 10.80
N ALA B 318 -31.00 -32.38 11.11
CA ALA B 318 -31.94 -31.93 10.10
C ALA B 318 -31.59 -30.54 9.60
N LEU B 319 -31.20 -29.64 10.49
CA LEU B 319 -30.78 -28.31 10.06
C LEU B 319 -29.48 -28.34 9.28
N ASN B 320 -28.56 -29.23 9.61
CA ASN B 320 -27.36 -29.36 8.79
C ASN B 320 -27.73 -29.75 7.36
N ILE B 321 -28.57 -30.78 7.22
CA ILE B 321 -28.99 -31.22 5.88
C ILE B 321 -29.73 -30.10 5.16
N PHE B 322 -30.64 -29.41 5.85
CA PHE B 322 -31.43 -28.36 5.24
C PHE B 322 -30.57 -27.18 4.80
N ASN B 323 -29.59 -26.79 5.62
CA ASN B 323 -28.75 -25.65 5.32
C ASN B 323 -27.62 -25.97 4.35
N GLN B 324 -27.38 -27.25 4.05
CA GLN B 324 -26.43 -27.57 2.98
C GLN B 324 -26.77 -26.84 1.68
N ASP B 325 -28.03 -26.93 1.25
CA ASP B 325 -28.45 -26.29 0.01
C ASP B 325 -28.37 -24.77 0.11
N ARG B 326 -28.74 -24.20 1.26
CA ARG B 326 -28.66 -22.76 1.44
C ARG B 326 -27.21 -22.29 1.36
N GLN B 327 -26.28 -23.05 1.94
CA GLN B 327 -24.87 -22.71 1.83
C GLN B 327 -24.39 -22.75 0.38
N LYS B 328 -24.79 -23.79 -0.36
CA LYS B 328 -24.39 -23.86 -1.76
C LYS B 328 -24.93 -22.67 -2.55
N VAL B 329 -26.19 -22.31 -2.30
CA VAL B 329 -26.78 -21.16 -2.98
C VAL B 329 -26.03 -19.88 -2.61
N LEU B 330 -25.68 -19.73 -1.34
CA LEU B 330 -24.97 -18.53 -0.89
C LEU B 330 -23.57 -18.45 -1.49
N GLU B 331 -22.93 -19.59 -1.73
CA GLU B 331 -21.56 -19.58 -2.22
C GLU B 331 -21.44 -19.70 -3.73
N ASN B 332 -22.54 -19.92 -4.45
CA ASN B 332 -22.46 -20.01 -5.91
C ASN B 332 -21.80 -18.78 -6.51
N ARG B 333 -21.01 -19.01 -7.55
CA ARG B 333 -20.32 -17.95 -8.28
C ARG B 333 -21.16 -17.56 -9.49
N ALA B 334 -21.29 -16.25 -9.71
CA ALA B 334 -22.15 -15.75 -10.77
C ALA B 334 -21.47 -15.75 -12.13
N THR B 335 -20.91 -16.90 -12.52
CA THR B 335 -20.34 -17.06 -13.85
C THR B 335 -21.30 -17.72 -14.82
N GLU B 336 -22.29 -18.47 -14.32
CA GLU B 336 -23.31 -19.06 -15.16
C GLU B 336 -24.65 -18.35 -15.04
N ALA B 337 -24.98 -17.84 -13.85
CA ALA B 337 -26.24 -17.13 -13.68
C ALA B 337 -26.30 -15.88 -14.52
N ALA B 338 -25.20 -15.12 -14.60
CA ALA B 338 -25.19 -13.91 -15.41
C ALA B 338 -25.37 -14.24 -16.89
N ARG B 339 -24.69 -15.29 -17.37
CA ARG B 339 -24.85 -15.67 -18.77
C ARG B 339 -26.27 -16.12 -19.08
N GLU B 340 -26.85 -16.94 -18.20
CA GLU B 340 -28.22 -17.40 -18.42
C GLU B 340 -29.20 -16.23 -18.37
N ARG B 341 -28.99 -15.29 -17.44
CA ARG B 341 -29.86 -14.12 -17.37
C ARG B 341 -29.77 -13.28 -18.64
N TRP B 342 -28.55 -13.08 -19.15
CA TRP B 342 -28.38 -12.29 -20.37
C TRP B 342 -29.05 -12.97 -21.55
N LYS B 343 -28.87 -14.29 -21.68
CA LYS B 343 -29.51 -15.02 -22.76
C LYS B 343 -31.02 -14.97 -22.65
N HIS B 344 -31.54 -15.08 -21.42
CA HIS B 344 -32.98 -14.99 -21.22
C HIS B 344 -33.50 -13.62 -21.62
N ASP B 345 -32.80 -12.56 -21.25
CA ASP B 345 -33.24 -11.22 -21.63
C ASP B 345 -33.21 -11.03 -23.14
N PHE B 346 -32.17 -11.53 -23.80
CA PHE B 346 -32.10 -11.42 -25.26
C PHE B 346 -33.24 -12.19 -25.91
N GLU B 347 -33.52 -13.39 -25.41
CA GLU B 347 -34.62 -14.17 -25.97
C GLU B 347 -35.95 -13.47 -25.77
N GLU B 348 -36.16 -12.87 -24.59
CA GLU B 348 -37.39 -12.13 -24.33
C GLU B 348 -37.53 -10.95 -25.28
N ALA B 349 -36.44 -10.20 -25.49
CA ALA B 349 -36.50 -9.07 -26.41
C ALA B 349 -36.80 -9.52 -27.83
N LYS B 350 -36.16 -10.61 -28.27
CA LYS B 350 -36.40 -11.12 -29.62
C LYS B 350 -37.85 -11.57 -29.79
N ALA B 351 -38.38 -12.29 -28.80
CA ALA B 351 -39.75 -12.78 -28.90
C ALA B 351 -40.75 -11.63 -28.87
N ARG B 352 -40.52 -10.63 -28.00
CA ARG B 352 -41.43 -9.50 -27.93
C ARG B 352 -41.40 -8.68 -29.22
N GLY B 353 -40.21 -8.44 -29.77
CA GLY B 353 -40.08 -7.74 -31.02
C GLY B 353 -40.07 -6.22 -30.92
N ASP B 354 -40.18 -5.66 -29.72
CA ASP B 354 -40.19 -4.22 -29.52
C ASP B 354 -38.90 -3.80 -28.81
N ILE B 355 -38.20 -2.84 -29.38
CA ILE B 355 -36.91 -2.41 -28.84
C ILE B 355 -37.15 -1.47 -27.67
N SER B 356 -36.49 -1.75 -26.55
CA SER B 356 -36.56 -0.91 -25.35
C SER B 356 -35.15 -0.64 -24.86
N ILE B 357 -34.73 0.63 -24.92
CA ILE B 357 -33.36 0.98 -24.57
C ILE B 357 -33.08 0.75 -23.10
N GLU B 358 -34.08 1.01 -22.24
CA GLU B 358 -33.88 0.90 -20.81
C GLU B 358 -33.56 -0.54 -20.39
N LYS B 359 -34.26 -1.51 -20.95
CA LYS B 359 -34.01 -2.92 -20.63
C LYS B 359 -32.89 -3.51 -21.45
N ASN B 360 -32.34 -2.77 -22.40
CA ASN B 360 -31.37 -3.31 -23.35
C ASN B 360 -30.00 -3.55 -22.73
N LEU B 361 -29.81 -3.36 -21.43
CA LEU B 361 -28.48 -3.54 -20.85
C LEU B 361 -28.02 -4.99 -20.96
N ASN B 362 -28.85 -5.92 -20.52
CA ASN B 362 -28.48 -7.33 -20.59
C ASN B 362 -28.39 -7.81 -22.04
N VAL B 363 -29.26 -7.29 -22.92
CA VAL B 363 -29.18 -7.66 -24.33
C VAL B 363 -27.88 -7.16 -24.93
N LYS B 364 -27.45 -5.95 -24.56
CA LYS B 364 -26.18 -5.42 -25.05
C LYS B 364 -25.02 -6.26 -24.54
N LEU B 365 -25.07 -6.68 -23.29
CA LEU B 365 -24.01 -7.54 -22.77
C LEU B 365 -23.99 -8.88 -23.51
N TRP B 366 -25.16 -9.40 -23.84
CA TRP B 366 -25.22 -10.62 -24.63
C TRP B 366 -24.62 -10.42 -26.02
N LYS B 367 -24.89 -9.26 -26.64
CA LYS B 367 -24.29 -8.95 -27.93
C LYS B 367 -22.77 -8.88 -27.85
N TRP B 368 -22.25 -8.25 -26.78
CA TRP B 368 -20.81 -8.19 -26.59
C TRP B 368 -20.21 -9.58 -26.42
N TYR B 369 -20.88 -10.42 -25.64
CA TYR B 369 -20.41 -11.79 -25.45
C TYR B 369 -20.38 -12.53 -26.79
N ASN B 370 -21.41 -12.35 -27.61
CA ASN B 370 -21.45 -13.03 -28.90
C ASN B 370 -20.35 -12.51 -29.82
N GLU B 371 -20.11 -11.20 -29.84
CA GLU B 371 -19.08 -10.64 -30.70
C GLU B 371 -17.68 -10.94 -30.20
N MET B 372 -17.53 -11.35 -28.94
CA MET B 372 -16.20 -11.54 -28.37
C MET B 372 -15.80 -13.00 -28.24
N LEU B 373 -16.75 -13.94 -28.18
CA LEU B 373 -16.40 -15.35 -28.05
C LEU B 373 -15.56 -15.89 -29.21
N PRO B 374 -15.93 -15.68 -30.49
CA PRO B 374 -15.10 -16.27 -31.57
C PRO B 374 -13.67 -15.77 -31.58
N LEU B 375 -13.44 -14.53 -31.15
CA LEU B 375 -12.07 -14.00 -31.20
C LEU B 375 -11.18 -14.65 -30.15
N VAL B 376 -11.72 -14.90 -28.95
CA VAL B 376 -10.95 -15.64 -27.96
C VAL B 376 -10.76 -17.09 -28.40
N LYS B 377 -11.74 -17.66 -29.10
CA LYS B 377 -11.53 -18.99 -29.67
C LYS B 377 -10.39 -18.98 -30.67
N GLU B 378 -10.31 -17.92 -31.48
CA GLU B 378 -9.21 -17.79 -32.44
C GLU B 378 -7.86 -17.69 -31.73
N GLU B 379 -7.80 -16.92 -30.64
CA GLU B 379 -6.54 -16.81 -29.91
C GLU B 379 -6.14 -18.15 -29.28
N ILE B 380 -7.12 -18.90 -28.76
CA ILE B 380 -6.81 -20.23 -28.24
C ILE B 380 -6.29 -21.15 -29.34
N ASN B 381 -6.88 -21.06 -30.53
CA ASN B 381 -6.39 -21.87 -31.64
C ASN B 381 -4.96 -21.49 -31.99
N HIS B 382 -4.64 -20.19 -31.96
CA HIS B 382 -3.26 -19.77 -32.17
C HIS B 382 -2.34 -20.38 -31.13
N CYS B 383 -2.75 -20.36 -29.86
CA CYS B 383 -1.96 -20.98 -28.80
C CYS B 383 -1.69 -22.45 -29.08
N ARG B 384 -2.75 -23.21 -29.39
CA ARG B 384 -2.61 -24.65 -29.53
C ARG B 384 -1.91 -25.03 -30.83
N SER B 385 -1.88 -24.13 -31.82
CA SER B 385 -1.02 -24.33 -32.96
C SER B 385 0.43 -24.01 -32.65
N LEU B 386 0.68 -23.06 -31.75
CA LEU B 386 2.05 -22.65 -31.45
C LEU B 386 2.75 -23.69 -30.57
N LEU B 387 2.23 -23.93 -29.37
CA LEU B 387 2.97 -24.70 -28.38
C LEU B 387 3.11 -26.17 -28.76
N SER B 388 2.10 -26.74 -29.42
CA SER B 388 2.08 -28.17 -29.66
C SER B 388 3.10 -28.64 -30.69
N GLU B 389 3.79 -27.73 -31.37
CA GLU B 389 4.77 -28.13 -32.38
C GLU B 389 5.91 -28.92 -31.76
N LYS B 390 6.41 -29.90 -32.51
CA LYS B 390 7.46 -30.77 -31.99
C LYS B 390 8.78 -30.03 -31.86
N LEU B 391 9.15 -29.24 -32.85
CA LEU B 391 10.42 -28.51 -32.81
C LEU B 391 10.32 -27.37 -31.80
N SER B 392 11.27 -27.34 -30.86
CA SER B 392 11.29 -26.35 -29.80
C SER B 392 12.30 -25.24 -30.06
N ASP B 393 12.79 -25.10 -31.28
CA ASP B 393 13.71 -24.03 -31.61
C ASP B 393 12.94 -22.76 -31.94
N LYS B 394 13.40 -21.64 -31.39
CA LYS B 394 12.78 -20.35 -31.69
C LYS B 394 13.35 -19.81 -33.00
N LYS B 395 12.48 -19.62 -33.98
CA LYS B 395 12.88 -19.20 -35.33
C LYS B 395 12.75 -17.69 -35.52
N GLY B 396 12.98 -16.92 -34.46
CA GLY B 396 12.82 -15.48 -34.55
C GLY B 396 11.39 -15.01 -34.66
N LEU B 397 10.46 -15.74 -34.06
CA LEU B 397 9.06 -15.38 -34.14
C LEU B 397 8.77 -14.10 -33.35
N ASN B 398 7.72 -13.40 -33.75
CA ASN B 398 7.26 -12.19 -33.07
C ASN B 398 6.11 -12.47 -32.11
N LYS B 399 6.09 -13.65 -31.50
CA LYS B 399 5.03 -14.08 -30.61
C LYS B 399 5.58 -14.33 -29.21
N VAL B 400 4.70 -14.22 -28.22
CA VAL B 400 5.00 -14.59 -26.84
C VAL B 400 4.06 -15.71 -26.44
N ASP B 401 4.62 -16.79 -25.90
CA ASP B 401 3.84 -17.95 -25.49
C ASP B 401 3.87 -18.18 -23.98
N THR B 402 4.42 -17.24 -23.21
CA THR B 402 4.39 -17.36 -21.77
C THR B 402 2.97 -17.35 -21.23
N ASN B 403 2.15 -16.40 -21.70
CA ASN B 403 0.74 -16.39 -21.33
C ASN B 403 -0.05 -17.46 -22.06
N ARG B 404 0.43 -17.90 -23.23
CA ARG B 404 -0.29 -18.89 -24.03
C ARG B 404 -0.54 -20.16 -23.22
N LEU B 405 0.51 -20.70 -22.60
CA LEU B 405 0.32 -21.83 -21.71
C LEU B 405 -0.57 -21.45 -20.53
N GLY B 406 -0.60 -20.18 -20.18
CA GLY B 406 -1.47 -19.74 -19.10
C GLY B 406 -2.94 -19.91 -19.41
N TYR B 407 -3.37 -19.50 -20.62
CA TYR B 407 -4.78 -19.57 -20.94
C TYR B 407 -5.13 -20.73 -21.87
N GLY B 408 -4.21 -21.65 -22.09
CA GLY B 408 -4.48 -22.81 -22.91
C GLY B 408 -5.65 -23.69 -22.52
N PRO B 409 -5.82 -24.05 -21.23
CA PRO B 409 -6.78 -25.12 -20.89
C PRO B 409 -8.24 -24.84 -21.22
N TYR B 410 -8.82 -23.78 -20.66
CA TYR B 410 -10.26 -23.61 -20.74
C TYR B 410 -10.73 -22.20 -21.09
N LEU B 411 -9.84 -21.22 -21.19
CA LEU B 411 -10.22 -19.81 -21.15
C LEU B 411 -10.89 -19.40 -22.46
N THR B 412 -12.08 -19.96 -22.69
CA THR B 412 -12.82 -19.73 -23.92
C THR B 412 -14.19 -19.08 -23.69
N LEU B 413 -15.02 -19.60 -22.81
CA LEU B 413 -16.40 -19.16 -22.69
C LEU B 413 -16.69 -18.35 -21.44
N ILE B 414 -16.16 -18.76 -20.27
CA ILE B 414 -16.50 -18.08 -19.03
C ILE B 414 -15.74 -16.77 -18.92
N ASP B 415 -14.74 -16.56 -19.78
CA ASP B 415 -13.92 -15.35 -19.70
C ASP B 415 -14.67 -14.07 -20.03
N PRO B 416 -15.33 -13.93 -21.19
CA PRO B 416 -15.98 -12.65 -21.49
C PRO B 416 -16.95 -12.23 -20.42
N GLY B 417 -17.56 -13.18 -19.73
CA GLY B 417 -18.34 -12.83 -18.55
C GLY B 417 -17.51 -12.08 -17.54
N LYS B 418 -16.31 -12.58 -17.23
CA LYS B 418 -15.48 -11.89 -16.25
C LYS B 418 -15.04 -10.52 -16.74
N MET B 419 -14.59 -10.42 -18.00
CA MET B 419 -14.13 -9.11 -18.46
C MET B 419 -15.26 -8.09 -18.44
N CYS B 420 -16.41 -8.44 -19.00
CA CYS B 420 -17.54 -7.51 -18.98
C CYS B 420 -17.90 -7.13 -17.55
N VAL B 421 -18.05 -8.13 -16.68
CA VAL B 421 -18.54 -7.88 -15.33
C VAL B 421 -17.56 -7.01 -14.56
N ILE B 422 -16.26 -7.32 -14.64
CA ILE B 422 -15.27 -6.59 -13.87
C ILE B 422 -15.11 -5.16 -14.40
N THR B 423 -15.02 -5.01 -15.73
CA THR B 423 -14.83 -3.69 -16.29
C THR B 423 -16.04 -2.79 -16.00
N ILE B 424 -17.25 -3.36 -16.03
CA ILE B 424 -18.42 -2.58 -15.66
C ILE B 424 -18.43 -2.29 -14.16
N LEU B 425 -18.04 -3.28 -13.34
CA LEU B 425 -18.05 -3.13 -11.90
C LEU B 425 -17.16 -1.97 -11.48
N GLU B 426 -15.99 -1.85 -12.10
CA GLU B 426 -15.09 -0.73 -11.80
C GLU B 426 -15.52 0.49 -12.61
N LEU B 427 -16.68 1.02 -12.24
CA LEU B 427 -17.20 2.20 -12.92
C LEU B 427 -16.27 3.40 -12.71
N LEU B 428 -16.06 3.77 -11.45
CA LEU B 428 -15.08 4.79 -11.08
C LEU B 428 -14.29 4.31 -9.87
N LYS B 429 -14.01 3.00 -9.84
CA LYS B 429 -13.46 2.37 -8.64
C LYS B 429 -12.13 2.98 -8.23
N LEU B 430 -11.37 3.52 -9.17
CA LEU B 430 -10.02 4.00 -8.90
C LEU B 430 -9.93 5.52 -8.97
N ASN B 431 -11.03 6.21 -8.67
CA ASN B 431 -11.09 7.67 -8.72
C ASN B 431 -10.64 8.18 -10.09
N SER B 432 -11.07 7.47 -11.14
CA SER B 432 -10.70 7.78 -12.51
C SER B 432 -11.81 8.51 -13.25
N THR B 433 -12.83 8.98 -12.53
CA THR B 433 -13.94 9.71 -13.16
C THR B 433 -13.53 11.11 -13.60
N GLY B 434 -12.36 11.59 -13.21
CA GLY B 434 -11.91 12.91 -13.58
C GLY B 434 -12.36 13.97 -12.58
N GLU B 438 -16.14 7.53 -14.33
CA GLU B 438 -16.06 6.68 -15.51
C GLU B 438 -14.65 6.11 -15.66
N GLY B 439 -14.57 4.81 -15.84
CA GLY B 439 -13.31 4.15 -16.12
C GLY B 439 -12.49 3.88 -14.87
N MET B 440 -11.51 3.01 -15.05
CA MET B 440 -10.61 2.56 -13.98
C MET B 440 -9.16 2.75 -14.41
N ARG B 441 -8.24 2.20 -13.64
CA ARG B 441 -6.83 2.16 -14.00
C ARG B 441 -6.48 0.81 -14.61
N THR B 442 -5.81 0.84 -15.76
CA THR B 442 -5.45 -0.40 -16.44
C THR B 442 -4.51 -1.27 -15.62
N ALA B 443 -3.71 -0.65 -14.74
CA ALA B 443 -2.70 -1.39 -13.98
C ALA B 443 -3.31 -2.56 -13.23
N ARG B 444 -4.40 -2.31 -12.50
CA ARG B 444 -5.12 -3.38 -11.83
C ARG B 444 -6.24 -3.95 -12.67
N ALA B 445 -6.73 -3.21 -13.66
CA ALA B 445 -7.80 -3.74 -14.51
C ALA B 445 -7.34 -5.01 -15.23
N VAL B 446 -6.10 -5.02 -15.69
CA VAL B 446 -5.55 -6.23 -16.29
C VAL B 446 -5.31 -7.30 -15.22
N ILE B 447 -4.83 -6.89 -14.05
CA ILE B 447 -4.54 -7.86 -12.99
C ILE B 447 -5.83 -8.42 -12.41
N SER B 448 -6.85 -7.58 -12.24
CA SER B 448 -8.11 -8.07 -11.68
C SER B 448 -8.70 -9.16 -12.56
N VAL B 449 -8.61 -9.00 -13.88
CA VAL B 449 -9.03 -10.07 -14.78
C VAL B 449 -8.18 -11.31 -14.57
N GLY B 450 -6.87 -11.13 -14.43
CA GLY B 450 -6.01 -12.26 -14.13
C GLY B 450 -6.32 -12.89 -12.79
N LYS B 451 -6.53 -12.04 -11.77
CA LYS B 451 -6.91 -12.56 -10.46
C LYS B 451 -8.23 -13.29 -10.52
N ALA B 452 -9.21 -12.74 -11.24
CA ALA B 452 -10.50 -13.42 -11.37
C ALA B 452 -10.33 -14.76 -12.07
N ILE B 453 -9.48 -14.82 -13.09
CA ILE B 453 -9.22 -16.09 -13.76
C ILE B 453 -8.52 -17.06 -12.80
N GLU B 454 -7.58 -16.55 -12.01
CA GLU B 454 -6.92 -17.37 -10.98
C GLU B 454 -7.96 -18.11 -10.13
N MET B 455 -8.87 -17.35 -9.52
CA MET B 455 -9.90 -17.98 -8.69
C MET B 455 -10.79 -18.90 -9.51
N GLU B 456 -11.10 -18.49 -10.74
CA GLU B 456 -11.94 -19.32 -11.60
C GLU B 456 -11.26 -20.65 -11.92
N PHE B 457 -9.96 -20.62 -12.19
CA PHE B 457 -9.25 -21.87 -12.45
C PHE B 457 -9.24 -22.77 -11.21
N ARG B 458 -9.04 -22.17 -10.03
CA ARG B 458 -9.08 -22.94 -8.80
C ARG B 458 -10.48 -23.48 -8.50
N SER B 459 -11.52 -22.85 -9.06
CA SER B 459 -12.88 -23.32 -8.81
C SER B 459 -13.10 -24.72 -9.37
N GLU B 460 -12.60 -24.99 -10.57
CA GLU B 460 -12.73 -26.34 -11.11
C GLU B 460 -11.74 -27.31 -10.48
N GLN B 461 -10.58 -26.80 -10.05
CA GLN B 461 -9.60 -27.67 -9.40
C GLN B 461 -10.13 -28.21 -8.06
N VAL B 462 -10.76 -27.34 -7.27
CA VAL B 462 -11.36 -27.81 -6.02
C VAL B 462 -12.55 -28.72 -6.29
N LEU B 463 -13.14 -28.63 -7.49
CA LEU B 463 -14.23 -29.53 -7.86
C LEU B 463 -13.74 -30.94 -8.15
N LYS B 464 -12.42 -31.15 -8.24
CA LYS B 464 -11.86 -32.47 -8.48
C LYS B 464 -11.89 -33.31 -7.22
N LYS B 500 1.80 -25.10 -11.47
CA LYS B 500 1.23 -23.76 -11.56
C LYS B 500 0.43 -23.41 -10.32
N ILE B 501 1.10 -23.43 -9.16
CA ILE B 501 0.43 -23.12 -7.91
C ILE B 501 0.01 -21.66 -7.88
N LEU B 502 0.94 -20.76 -8.19
CA LEU B 502 0.70 -19.32 -8.15
C LEU B 502 1.19 -18.71 -9.44
N TRP B 503 0.34 -17.93 -10.09
CA TRP B 503 0.73 -17.32 -11.36
C TRP B 503 1.53 -16.06 -11.11
N PRO B 504 2.58 -15.82 -11.89
CA PRO B 504 3.34 -14.57 -11.75
C PRO B 504 2.47 -13.37 -12.09
N GLN B 505 2.75 -12.25 -11.43
CA GLN B 505 2.00 -11.03 -11.73
C GLN B 505 2.20 -10.59 -13.17
N SER B 506 3.36 -10.92 -13.76
CA SER B 506 3.55 -10.64 -15.19
C SER B 506 2.54 -11.39 -16.04
N ILE B 507 2.36 -12.69 -15.75
CA ILE B 507 1.40 -13.48 -16.52
C ILE B 507 -0.02 -12.99 -16.28
N ARG B 508 -0.34 -12.63 -15.03
CA ARG B 508 -1.66 -12.09 -14.74
C ARG B 508 -1.94 -10.83 -15.55
N ALA B 509 -0.98 -9.90 -15.55
CA ALA B 509 -1.15 -8.66 -16.30
C ALA B 509 -1.26 -8.93 -17.79
N ARG B 510 -0.45 -9.86 -18.31
CA ARG B 510 -0.48 -10.18 -19.74
C ARG B 510 -1.85 -10.70 -20.15
N ILE B 511 -2.36 -11.69 -19.42
CA ILE B 511 -3.65 -12.27 -19.78
C ILE B 511 -4.77 -11.24 -19.62
N GLY B 512 -4.71 -10.44 -18.57
CA GLY B 512 -5.72 -9.41 -18.40
C GLY B 512 -5.72 -8.41 -19.54
N SER B 513 -4.53 -7.97 -19.96
CA SER B 513 -4.45 -6.97 -21.01
C SER B 513 -4.91 -7.51 -22.35
N VAL B 514 -4.55 -8.76 -22.67
CA VAL B 514 -5.00 -9.30 -23.95
C VAL B 514 -6.52 -9.46 -23.95
N LEU B 515 -7.10 -9.93 -22.84
CA LEU B 515 -8.55 -10.09 -22.80
C LEU B 515 -9.27 -8.74 -22.88
N ILE B 516 -8.75 -7.73 -22.18
CA ILE B 516 -9.38 -6.41 -22.22
C ILE B 516 -9.28 -5.78 -23.59
N SER B 517 -8.12 -5.91 -24.26
CA SER B 517 -8.00 -5.40 -25.62
C SER B 517 -9.00 -6.08 -26.55
N MET B 518 -9.11 -7.41 -26.44
CA MET B 518 -10.06 -8.14 -27.26
C MET B 518 -11.49 -7.65 -27.02
N LEU B 519 -11.85 -7.40 -25.76
CA LEU B 519 -13.17 -6.83 -25.49
C LEU B 519 -13.32 -5.45 -26.10
N ILE B 520 -12.27 -4.63 -26.01
CA ILE B 520 -12.32 -3.26 -26.54
C ILE B 520 -12.60 -3.28 -28.04
N GLN B 521 -12.10 -4.29 -28.74
CA GLN B 521 -12.29 -4.33 -30.19
C GLN B 521 -13.77 -4.40 -30.56
N VAL B 522 -14.55 -5.22 -29.86
CA VAL B 522 -15.93 -5.50 -30.26
C VAL B 522 -16.94 -4.87 -29.30
N ALA B 523 -16.55 -3.83 -28.56
CA ALA B 523 -17.45 -3.20 -27.59
C ALA B 523 -18.16 -2.02 -28.28
N LYS B 524 -19.27 -2.32 -28.95
CA LYS B 524 -20.00 -1.33 -29.73
C LYS B 524 -21.34 -1.03 -29.06
N VAL B 525 -21.75 0.24 -29.12
CA VAL B 525 -23.00 0.68 -28.53
C VAL B 525 -23.56 1.82 -29.38
N SER B 526 -24.88 1.88 -29.48
CA SER B 526 -25.54 2.96 -30.20
C SER B 526 -25.46 4.25 -29.41
N VAL B 527 -25.25 5.36 -30.13
CA VAL B 527 -25.11 6.67 -29.49
C VAL B 527 -25.64 7.73 -30.45
N GLN B 528 -26.14 8.83 -29.88
CA GLN B 528 -26.70 9.93 -30.64
C GLN B 528 -25.97 11.22 -30.28
N GLY B 529 -25.66 12.02 -31.30
CA GLY B 529 -24.97 13.28 -31.09
C GLY B 529 -25.43 14.32 -32.09
N VAL B 530 -25.14 15.57 -31.77
CA VAL B 530 -25.55 16.71 -32.60
C VAL B 530 -24.36 17.19 -33.43
N ASP B 531 -24.56 17.27 -34.74
CA ASP B 531 -23.53 17.77 -35.62
C ASP B 531 -23.62 19.30 -35.69
N PRO B 532 -22.58 20.03 -35.30
CA PRO B 532 -22.64 21.50 -35.43
C PRO B 532 -22.81 21.96 -36.87
N VAL B 533 -22.51 21.12 -37.86
CA VAL B 533 -22.81 21.46 -39.24
C VAL B 533 -24.31 21.44 -39.49
N THR B 534 -25.02 20.48 -38.90
CA THR B 534 -26.45 20.33 -39.13
C THR B 534 -27.32 20.67 -37.94
N LYS B 535 -26.76 20.69 -36.73
CA LYS B 535 -27.54 20.89 -35.50
C LYS B 535 -28.65 19.86 -35.35
N ALA B 536 -28.41 18.65 -35.84
CA ALA B 536 -29.38 17.57 -35.80
C ALA B 536 -28.74 16.33 -35.18
N LYS B 537 -29.58 15.47 -34.62
CA LYS B 537 -29.10 14.23 -34.02
C LYS B 537 -28.44 13.35 -35.07
N VAL B 538 -27.30 12.77 -34.72
CA VAL B 538 -26.56 11.87 -35.59
C VAL B 538 -26.51 10.50 -34.95
N HIS B 539 -26.86 9.48 -35.72
CA HIS B 539 -27.07 8.12 -35.21
C HIS B 539 -26.02 7.18 -35.77
N GLY B 540 -25.42 6.38 -34.89
CA GLY B 540 -24.40 5.45 -35.32
C GLY B 540 -23.92 4.60 -34.16
N GLU B 541 -22.64 4.26 -34.19
CA GLU B 541 -22.04 3.42 -33.16
C GLU B 541 -20.70 3.99 -32.73
N ALA B 542 -20.31 3.67 -31.50
CA ALA B 542 -19.03 4.09 -30.94
C ALA B 542 -18.46 2.95 -30.11
N PRO B 543 -17.13 2.89 -29.97
CA PRO B 543 -16.52 1.89 -29.09
C PRO B 543 -16.88 2.16 -27.64
N ALA B 544 -17.40 1.14 -26.96
CA ALA B 544 -17.87 1.32 -25.59
C ALA B 544 -16.72 1.69 -24.66
N PHE B 545 -15.62 0.95 -24.72
CA PHE B 545 -14.45 1.23 -23.90
C PHE B 545 -13.32 1.70 -24.82
N ALA B 546 -12.82 2.90 -24.58
CA ALA B 546 -11.75 3.49 -25.37
C ALA B 546 -10.52 3.63 -24.49
N HIS B 547 -9.41 3.04 -24.92
CA HIS B 547 -8.16 3.14 -24.17
C HIS B 547 -7.60 4.55 -24.28
N GLY B 548 -7.06 5.05 -23.17
CA GLY B 548 -6.46 6.36 -23.14
C GLY B 548 -5.47 6.47 -22.01
N TYR B 549 -4.65 7.53 -22.08
CA TYR B 549 -3.63 7.79 -21.08
C TYR B 549 -3.89 9.16 -20.47
N GLN B 550 -3.73 9.27 -19.16
CA GLN B 550 -4.01 10.49 -18.43
C GLN B 550 -2.79 10.88 -17.60
N TYR B 551 -2.47 12.17 -17.59
CA TYR B 551 -1.32 12.68 -16.86
C TYR B 551 -1.76 13.16 -15.49
N HIS B 552 -1.06 12.68 -14.46
CA HIS B 552 -1.33 13.16 -13.08
C HIS B 552 0.01 13.50 -12.45
N ASN B 553 0.29 14.80 -12.29
CA ASN B 553 1.54 15.24 -11.61
C ASN B 553 2.77 14.74 -12.37
N GLY B 554 2.64 14.43 -13.66
CA GLY B 554 3.80 14.07 -14.45
C GLY B 554 4.06 12.58 -14.55
N SER B 555 3.03 11.83 -14.91
CA SER B 555 3.16 10.39 -15.05
C SER B 555 1.99 9.88 -15.87
N LYS B 556 2.28 9.03 -16.85
CA LYS B 556 1.22 8.41 -17.62
C LYS B 556 0.53 7.36 -16.77
N LEU B 557 -0.80 7.44 -16.70
CA LEU B 557 -1.57 6.53 -15.86
C LEU B 557 -2.21 5.38 -16.61
N GLY B 558 -2.50 5.55 -17.90
CA GLY B 558 -3.14 4.49 -18.65
C GLY B 558 -4.52 4.14 -18.14
N VAL B 559 -5.44 5.11 -18.19
CA VAL B 559 -6.82 4.88 -17.78
C VAL B 559 -7.51 4.01 -18.81
N LEU B 560 -8.70 3.54 -18.47
CA LEU B 560 -9.51 2.73 -19.40
C LEU B 560 -10.95 3.23 -19.26
N LYS B 561 -11.31 4.23 -20.04
CA LYS B 561 -12.55 4.96 -19.84
C LYS B 561 -13.74 4.18 -20.39
N ILE B 562 -14.94 4.64 -20.03
CA ILE B 562 -16.19 3.99 -20.39
C ILE B 562 -17.11 5.05 -21.01
N HIS B 563 -17.93 4.60 -21.96
CA HIS B 563 -18.81 5.53 -22.67
C HIS B 563 -19.83 6.15 -21.72
N LYS B 564 -20.11 7.43 -21.94
CA LYS B 564 -21.01 8.17 -21.06
C LYS B 564 -22.42 7.58 -21.10
N THR B 565 -22.88 7.17 -22.28
CA THR B 565 -24.19 6.54 -22.38
C THR B 565 -24.24 5.26 -21.56
N LEU B 566 -23.16 4.47 -21.59
CA LEU B 566 -23.11 3.27 -20.76
C LEU B 566 -23.11 3.62 -19.28
N ILE B 567 -22.40 4.69 -18.90
CA ILE B 567 -22.44 5.12 -17.50
C ILE B 567 -23.85 5.45 -17.08
N ARG B 568 -24.57 6.19 -17.93
CA ARG B 568 -25.94 6.57 -17.64
C ARG B 568 -26.83 5.33 -17.50
N GLN B 569 -26.68 4.37 -18.41
CA GLN B 569 -27.51 3.18 -18.36
C GLN B 569 -27.23 2.34 -17.12
N LEU B 570 -25.95 2.19 -16.76
CA LEU B 570 -25.62 1.39 -15.58
C LEU B 570 -26.03 2.08 -14.28
N ASN B 571 -26.00 3.41 -14.24
CA ASN B 571 -26.36 4.10 -13.01
C ASN B 571 -27.80 3.81 -12.61
N GLY B 572 -28.72 3.80 -13.58
CA GLY B 572 -30.13 3.62 -13.24
C GLY B 572 -30.46 2.23 -12.75
N GLU B 573 -29.89 1.19 -13.36
CA GLU B 573 -30.34 -0.17 -13.09
C GLU B 573 -29.91 -0.64 -11.70
N ARG B 574 -28.65 -0.41 -11.34
CA ARG B 574 -28.11 -0.82 -10.04
C ARG B 574 -28.25 -2.32 -9.82
N LEU B 575 -27.74 -3.11 -10.78
CA LEU B 575 -27.76 -4.57 -10.72
C LEU B 575 -26.34 -5.05 -11.00
N ILE B 576 -25.52 -5.13 -9.95
CA ILE B 576 -24.10 -5.44 -10.14
C ILE B 576 -23.91 -6.88 -10.61
N ALA B 577 -24.58 -7.83 -9.96
CA ALA B 577 -24.46 -9.25 -10.27
C ALA B 577 -23.00 -9.69 -10.37
N SER B 578 -22.24 -9.39 -9.32
CA SER B 578 -20.82 -9.70 -9.30
C SER B 578 -20.59 -11.22 -9.29
N VAL B 579 -19.53 -11.65 -9.96
CA VAL B 579 -19.25 -13.08 -10.09
C VAL B 579 -18.91 -13.68 -8.73
N GLN B 580 -18.09 -12.98 -7.94
CA GLN B 580 -17.59 -13.52 -6.68
C GLN B 580 -18.49 -13.07 -5.54
N PRO B 581 -19.24 -13.96 -4.91
CA PRO B 581 -20.03 -13.55 -3.73
C PRO B 581 -19.12 -13.20 -2.57
N GLN B 582 -19.61 -12.34 -1.69
CA GLN B 582 -18.83 -11.93 -0.54
C GLN B 582 -18.72 -13.07 0.46
N LEU B 583 -18.00 -12.82 1.55
CA LEU B 583 -17.69 -13.83 2.55
C LEU B 583 -18.62 -13.66 3.74
N LEU B 584 -19.35 -14.73 4.08
CA LEU B 584 -20.32 -14.73 5.16
C LEU B 584 -20.11 -15.93 6.05
N PRO B 585 -20.52 -15.85 7.32
CA PRO B 585 -20.40 -17.00 8.21
C PRO B 585 -21.13 -18.21 7.66
N MET B 586 -20.53 -19.38 7.84
CA MET B 586 -21.08 -20.60 7.28
C MET B 586 -22.34 -21.04 8.02
N LEU B 587 -23.06 -21.96 7.39
CA LEU B 587 -24.23 -22.58 7.99
C LEU B 587 -24.08 -24.09 8.16
N VAL B 588 -23.11 -24.69 7.49
CA VAL B 588 -22.80 -26.11 7.61
C VAL B 588 -21.47 -26.24 8.32
N GLU B 589 -21.26 -27.37 8.98
CA GLU B 589 -20.01 -27.61 9.68
C GLU B 589 -18.84 -27.53 8.69
N PRO B 590 -17.85 -26.69 8.94
CA PRO B 590 -16.81 -26.45 7.93
C PRO B 590 -16.00 -27.71 7.64
N LYS B 591 -15.46 -27.77 6.43
CA LYS B 591 -14.60 -28.87 6.03
C LYS B 591 -13.32 -28.83 6.86
N PRO B 592 -12.99 -29.88 7.59
CA PRO B 592 -11.77 -29.86 8.41
C PRO B 592 -10.52 -29.74 7.55
N TRP B 593 -9.51 -29.05 8.09
CA TRP B 593 -8.24 -28.93 7.40
C TRP B 593 -7.59 -30.29 7.24
N VAL B 594 -7.16 -30.60 6.01
CA VAL B 594 -6.40 -31.80 5.72
C VAL B 594 -5.08 -31.48 5.02
N ASN B 595 -5.11 -30.60 4.04
CA ASN B 595 -3.92 -30.16 3.33
C ASN B 595 -3.77 -28.65 3.49
N TRP B 596 -2.63 -28.13 3.06
CA TRP B 596 -2.40 -26.70 3.12
C TRP B 596 -3.35 -25.91 2.23
N ARG B 597 -3.99 -26.57 1.28
CA ARG B 597 -4.82 -25.91 0.28
C ARG B 597 -6.32 -26.08 0.47
N SER B 598 -6.76 -27.19 1.03
CA SER B 598 -8.18 -27.50 1.17
C SER B 598 -8.58 -27.42 2.63
N GLY B 599 -9.70 -26.74 2.90
CA GLY B 599 -10.20 -26.63 4.25
C GLY B 599 -10.97 -25.34 4.49
N GLY B 600 -12.14 -25.45 5.10
CA GLY B 600 -12.96 -24.28 5.35
C GLY B 600 -14.24 -24.27 4.54
N TYR B 601 -14.39 -23.29 3.66
CA TYR B 601 -15.60 -23.17 2.87
C TYR B 601 -15.78 -24.39 1.97
N HIS B 602 -17.04 -24.77 1.76
CA HIS B 602 -17.34 -25.98 1.03
C HIS B 602 -17.21 -25.82 -0.48
N TYR B 603 -17.19 -24.59 -0.99
CA TYR B 603 -17.10 -24.36 -2.43
C TYR B 603 -16.13 -23.22 -2.75
N THR B 604 -15.05 -23.10 -1.98
CA THR B 604 -14.10 -22.03 -2.17
C THR B 604 -12.72 -22.50 -1.74
N GLN B 605 -11.68 -21.91 -2.33
CA GLN B 605 -10.31 -22.22 -1.99
C GLN B 605 -9.81 -21.26 -0.92
N SER B 606 -9.22 -21.82 0.14
CA SER B 606 -8.64 -21.03 1.22
C SER B 606 -7.29 -21.62 1.59
N THR B 607 -6.32 -20.74 1.82
CA THR B 607 -4.96 -21.15 2.14
C THR B 607 -4.77 -21.20 3.65
N LEU B 608 -4.06 -22.23 4.11
CA LEU B 608 -3.82 -22.37 5.54
C LEU B 608 -3.01 -21.20 6.09
N LEU B 609 -2.19 -20.57 5.25
CA LEU B 609 -1.44 -19.39 5.64
C LEU B 609 -1.97 -18.19 4.89
N ARG B 610 -1.97 -17.03 5.54
CA ARG B 610 -2.30 -15.77 4.88
C ARG B 610 -1.03 -15.20 4.25
N THR B 611 -0.44 -16.00 3.37
CA THR B 611 0.75 -15.59 2.63
C THR B 611 0.33 -14.52 1.61
N LYS B 612 0.76 -13.28 1.86
CA LYS B 612 0.38 -12.17 1.00
C LYS B 612 0.91 -12.36 -0.42
N ASP B 613 2.23 -12.33 -0.56
CA ASP B 613 2.85 -12.55 -1.89
C ASP B 613 4.30 -13.02 -1.70
N SER B 614 4.52 -14.34 -1.68
CA SER B 614 5.85 -14.91 -1.56
C SER B 614 5.83 -16.36 -2.01
N PRO B 615 6.78 -16.79 -2.82
CA PRO B 615 6.79 -18.19 -3.27
C PRO B 615 7.46 -19.12 -2.28
N GLU B 616 8.41 -18.60 -1.50
CA GLU B 616 9.15 -19.45 -0.57
C GLU B 616 8.26 -19.96 0.55
N GLN B 617 7.40 -19.08 1.09
CA GLN B 617 6.47 -19.52 2.13
C GLN B 617 5.55 -20.61 1.60
N VAL B 618 5.04 -20.44 0.39
CA VAL B 618 4.16 -21.43 -0.21
C VAL B 618 4.91 -22.74 -0.42
N ALA B 619 6.15 -22.68 -0.88
CA ALA B 619 6.92 -23.90 -1.14
C ALA B 619 7.18 -24.66 0.16
N TYR B 620 7.66 -23.96 1.19
CA TYR B 620 7.95 -24.64 2.45
C TYR B 620 6.67 -25.15 3.11
N LEU B 621 5.58 -24.40 3.03
CA LEU B 621 4.32 -24.88 3.59
C LEU B 621 3.83 -26.11 2.84
N LYS B 622 3.99 -26.14 1.52
CA LYS B 622 3.60 -27.31 0.75
C LYS B 622 4.45 -28.52 1.12
N ALA B 623 5.76 -28.31 1.30
CA ALA B 623 6.63 -29.40 1.73
C ALA B 623 6.24 -29.92 3.10
N ALA B 624 5.92 -29.00 4.02
CA ALA B 624 5.48 -29.39 5.36
C ALA B 624 4.17 -30.17 5.29
N SER B 625 3.24 -29.74 4.44
CA SER B 625 1.98 -30.47 4.29
C SER B 625 2.20 -31.87 3.74
N ASP B 626 3.06 -31.99 2.73
CA ASP B 626 3.33 -33.31 2.16
C ASP B 626 4.01 -34.23 3.17
N ASN B 627 4.99 -33.71 3.91
CA ASN B 627 5.67 -34.53 4.90
C ASN B 627 4.73 -34.92 6.04
N GLY B 628 3.91 -33.99 6.51
CA GLY B 628 2.95 -34.27 7.56
C GLY B 628 3.43 -33.94 8.96
N ASP B 629 3.92 -32.72 9.17
CA ASP B 629 4.46 -32.32 10.46
C ASP B 629 3.69 -31.16 11.09
N ILE B 630 2.48 -30.87 10.61
CA ILE B 630 1.64 -29.84 11.23
C ILE B 630 0.24 -30.41 11.44
N ASP B 631 0.14 -31.73 11.57
CA ASP B 631 -1.17 -32.36 11.78
C ASP B 631 -1.80 -31.86 13.07
N ARG B 632 -1.00 -31.62 14.11
CA ARG B 632 -1.54 -31.06 15.33
C ARG B 632 -2.08 -29.65 15.10
N VAL B 633 -1.47 -28.88 14.20
CA VAL B 633 -2.01 -27.58 13.84
C VAL B 633 -3.36 -27.73 13.14
N TYR B 634 -3.47 -28.71 12.25
CA TYR B 634 -4.76 -29.00 11.63
C TYR B 634 -5.82 -29.29 12.69
N ASP B 635 -5.47 -30.13 13.67
CA ASP B 635 -6.42 -30.48 14.72
C ASP B 635 -6.83 -29.26 15.53
N GLY B 636 -5.86 -28.41 15.87
CA GLY B 636 -6.17 -27.20 16.62
C GLY B 636 -7.13 -26.30 15.87
N LEU B 637 -6.88 -26.10 14.57
CA LEU B 637 -7.81 -25.28 13.78
C LEU B 637 -9.17 -25.93 13.68
N ASN B 638 -9.23 -27.25 13.51
CA ASN B 638 -10.53 -27.93 13.44
C ASN B 638 -11.35 -27.66 14.69
N VAL B 639 -10.74 -27.87 15.86
CA VAL B 639 -11.48 -27.69 17.10
C VAL B 639 -11.85 -26.22 17.30
N LEU B 640 -10.95 -25.30 16.93
CA LEU B 640 -11.26 -23.89 17.07
C LEU B 640 -12.38 -23.45 16.13
N GLY B 641 -12.56 -24.13 15.00
CA GLY B 641 -13.58 -23.74 14.06
C GLY B 641 -14.89 -24.48 14.18
N ARG B 642 -14.93 -25.57 14.94
CA ARG B 642 -16.15 -26.36 15.06
C ARG B 642 -17.11 -25.83 16.13
N THR B 643 -17.04 -24.56 16.49
CA THR B 643 -17.96 -23.99 17.47
C THR B 643 -19.17 -23.42 16.76
N PRO B 644 -20.37 -23.93 16.98
CA PRO B 644 -21.57 -23.30 16.39
C PRO B 644 -22.05 -22.14 17.25
N TRP B 645 -22.53 -21.09 16.58
CA TRP B 645 -22.99 -19.89 17.25
C TRP B 645 -24.40 -19.54 16.79
N THR B 646 -24.92 -18.44 17.34
CA THR B 646 -26.16 -17.84 16.90
C THR B 646 -26.15 -16.39 17.36
N VAL B 647 -27.15 -15.64 16.94
CA VAL B 647 -27.20 -14.22 17.24
C VAL B 647 -28.12 -14.01 18.43
N ASN B 648 -27.76 -13.08 19.31
CA ASN B 648 -28.50 -12.84 20.54
C ASN B 648 -29.68 -11.93 20.25
N ARG B 649 -30.89 -12.51 20.34
CA ARG B 649 -32.09 -11.82 19.86
C ARG B 649 -32.39 -10.57 20.66
N LYS B 650 -32.30 -10.64 21.99
CA LYS B 650 -32.67 -9.50 22.82
C LYS B 650 -31.71 -8.33 22.62
N VAL B 651 -30.41 -8.62 22.61
CA VAL B 651 -29.42 -7.58 22.33
C VAL B 651 -29.63 -7.02 20.93
N PHE B 652 -29.99 -7.89 19.98
CA PHE B 652 -30.25 -7.42 18.62
C PHE B 652 -31.42 -6.45 18.61
N ASP B 653 -32.49 -6.76 19.36
CA ASP B 653 -33.63 -5.86 19.41
C ASP B 653 -33.25 -4.51 20.03
N VAL B 654 -32.46 -4.54 21.11
CA VAL B 654 -32.07 -3.29 21.76
C VAL B 654 -31.22 -2.44 20.82
N VAL B 655 -30.23 -3.07 20.17
CA VAL B 655 -29.36 -2.30 19.28
C VAL B 655 -30.13 -1.82 18.07
N SER B 656 -31.12 -2.60 17.59
CA SER B 656 -31.95 -2.15 16.49
C SER B 656 -32.78 -0.94 16.87
N GLN B 657 -33.32 -0.94 18.09
CA GLN B 657 -34.09 0.22 18.55
C GLN B 657 -33.22 1.46 18.61
N VAL B 658 -32.06 1.36 19.26
CA VAL B 658 -31.18 2.53 19.34
C VAL B 658 -30.67 2.91 17.95
N TRP B 659 -30.60 1.90 17.07
CA TRP B 659 -30.12 2.13 15.68
C TRP B 659 -31.13 2.99 14.93
N ASN B 660 -32.40 2.58 14.96
CA ASN B 660 -33.45 3.33 14.27
C ASN B 660 -33.64 4.69 14.91
N LYS B 661 -33.38 4.82 16.22
CA LYS B 661 -33.33 6.17 16.80
C LYS B 661 -32.21 6.98 16.18
N GLY B 662 -31.03 6.37 15.99
CA GLY B 662 -29.99 7.00 15.21
C GLY B 662 -29.41 8.26 15.81
N GLU B 663 -29.51 8.45 17.11
CA GLU B 663 -28.92 9.61 17.77
C GLU B 663 -27.46 9.33 18.11
N GLY B 664 -26.76 10.39 18.55
CA GLY B 664 -25.39 10.24 19.01
C GLY B 664 -25.33 9.40 20.26
N PHE B 665 -24.80 8.18 20.13
CA PHE B 665 -24.83 7.20 21.22
C PHE B 665 -23.39 6.80 21.54
N LEU B 666 -23.21 5.97 22.56
CA LEU B 666 -21.88 5.68 23.09
C LEU B 666 -20.98 5.05 22.03
N ASP B 667 -21.48 4.05 21.32
CA ASP B 667 -20.69 3.32 20.33
C ASP B 667 -21.14 3.63 18.92
N ILE B 668 -22.40 3.41 18.60
CA ILE B 668 -22.93 3.74 17.27
C ILE B 668 -22.87 5.26 17.08
N PRO B 669 -22.31 5.76 15.98
CA PRO B 669 -22.15 7.21 15.83
C PRO B 669 -23.45 7.98 15.82
N GLY B 670 -24.38 7.57 14.97
CA GLY B 670 -25.66 8.24 14.84
C GLY B 670 -25.88 8.76 13.44
N ALA B 671 -27.04 9.39 13.25
CA ALA B 671 -27.43 9.92 11.95
C ALA B 671 -26.92 11.34 11.80
N GLN B 672 -26.08 11.57 10.80
CA GLN B 672 -25.58 12.90 10.47
C GLN B 672 -26.14 13.32 9.11
N ASP B 673 -26.59 14.56 9.02
CA ASP B 673 -27.23 15.02 7.79
C ASP B 673 -26.22 15.56 6.79
N GLU B 674 -25.47 16.59 7.17
CA GLU B 674 -24.59 17.29 6.25
C GLU B 674 -23.31 17.71 6.95
N MET B 675 -22.26 17.89 6.15
CA MET B 675 -20.99 18.42 6.65
C MET B 675 -21.07 19.93 6.66
N VAL B 676 -21.14 20.53 7.85
CA VAL B 676 -21.29 21.97 7.95
C VAL B 676 -20.00 22.65 7.50
N LEU B 677 -20.15 23.67 6.65
CA LEU B 677 -19.00 24.35 6.08
C LEU B 677 -18.53 25.45 7.03
N PRO B 678 -17.27 25.43 7.47
CA PRO B 678 -16.74 26.56 8.23
C PRO B 678 -16.75 27.81 7.38
N PRO B 679 -16.98 28.98 7.98
CA PRO B 679 -17.06 30.22 7.19
C PRO B 679 -15.77 30.48 6.46
N ALA B 680 -15.90 30.87 5.18
CA ALA B 680 -14.74 31.11 4.34
C ALA B 680 -14.31 32.56 4.46
N PRO B 681 -13.14 32.86 5.03
CA PRO B 681 -12.71 34.25 5.13
C PRO B 681 -12.39 34.81 3.76
N PRO B 682 -12.58 36.10 3.54
CA PRO B 682 -12.25 36.72 2.25
C PRO B 682 -10.73 36.94 2.15
N PRO B 687 -4.28 36.13 7.25
CA PRO B 687 -3.80 34.77 6.96
C PRO B 687 -3.92 33.84 8.15
N SER B 688 -3.79 34.35 9.38
CA SER B 688 -4.03 33.52 10.55
C SER B 688 -5.49 33.05 10.59
N ILE B 689 -6.42 33.94 10.27
CA ILE B 689 -7.82 33.55 10.19
C ILE B 689 -8.02 32.49 9.11
N LEU B 690 -7.34 32.66 7.97
CA LEU B 690 -7.45 31.69 6.89
C LEU B 690 -6.92 30.32 7.33
N ARG B 691 -5.80 30.31 8.07
CA ARG B 691 -5.25 29.06 8.56
C ARG B 691 -6.16 28.40 9.59
N ALA B 692 -6.77 29.20 10.47
CA ALA B 692 -7.74 28.64 11.42
C ALA B 692 -8.93 28.04 10.69
N TRP B 693 -9.43 28.73 9.65
CA TRP B 693 -10.50 28.19 8.83
C TRP B 693 -10.08 26.88 8.16
N LYS B 694 -8.84 26.82 7.65
CA LYS B 694 -8.35 25.61 7.02
C LYS B 694 -8.30 24.45 8.02
N LEU B 695 -7.81 24.73 9.24
CA LEU B 695 -7.78 23.70 10.27
C LEU B 695 -9.18 23.20 10.59
N GLN B 696 -10.14 24.13 10.71
CA GLN B 696 -11.52 23.73 11.00
C GLN B 696 -12.10 22.89 9.87
N VAL B 697 -11.82 23.28 8.61
CA VAL B 697 -12.31 22.51 7.47
C VAL B 697 -11.73 21.10 7.50
N LYS B 698 -10.43 20.99 7.74
CA LYS B 698 -9.79 19.68 7.78
C LYS B 698 -10.38 18.81 8.90
N THR B 699 -10.56 19.40 10.08
CA THR B 699 -11.11 18.63 11.20
C THR B 699 -12.54 18.18 10.93
N ILE B 700 -13.35 19.07 10.35
CA ILE B 700 -14.74 18.72 10.07
C ILE B 700 -14.81 17.64 9.00
N ALA B 701 -13.97 17.74 7.97
CA ALA B 701 -13.95 16.71 6.93
C ALA B 701 -13.50 15.38 7.49
N ASN B 702 -12.49 15.39 8.38
CA ASN B 702 -12.05 14.15 9.01
C ASN B 702 -13.15 13.54 9.85
N LYS B 703 -13.88 14.37 10.61
CA LYS B 703 -15.00 13.86 11.40
C LYS B 703 -16.08 13.27 10.51
N PHE B 704 -16.37 13.93 9.40
CA PHE B 704 -17.32 13.41 8.42
C PHE B 704 -16.89 12.04 7.93
N SER B 705 -15.63 11.91 7.51
CA SER B 705 -15.15 10.63 6.99
C SER B 705 -15.23 9.54 8.05
N SER B 706 -14.82 9.85 9.28
CA SER B 706 -14.84 8.87 10.35
C SER B 706 -16.26 8.41 10.64
N ASP B 707 -17.19 9.35 10.77
CA ASP B 707 -18.57 8.98 11.05
C ASP B 707 -19.17 8.16 9.91
N ARG B 708 -18.90 8.55 8.67
CA ARG B 708 -19.44 7.81 7.54
C ARG B 708 -18.90 6.38 7.50
N SER B 709 -17.59 6.21 7.73
CA SER B 709 -17.01 4.88 7.71
C SER B 709 -17.59 4.02 8.82
N ASN B 710 -17.68 4.57 10.04
CA ASN B 710 -18.22 3.81 11.16
C ASN B 710 -19.66 3.43 10.90
N ARG B 711 -20.45 4.36 10.36
CA ARG B 711 -21.85 4.08 10.07
C ARG B 711 -22.00 3.01 9.00
N CYS B 712 -21.15 3.05 7.96
CA CYS B 712 -21.22 2.03 6.91
C CYS B 712 -20.88 0.65 7.47
N ASP B 713 -19.85 0.59 8.29
CA ASP B 713 -19.49 -0.71 8.90
C ASP B 713 -20.71 -1.20 9.67
N THR B 714 -21.20 -0.34 10.56
CA THR B 714 -22.34 -0.73 11.39
C THR B 714 -23.51 -1.19 10.54
N ASN B 715 -23.74 -0.52 9.41
CA ASN B 715 -24.77 -0.93 8.48
C ASN B 715 -24.57 -2.38 8.06
N TYR B 716 -23.37 -2.69 7.56
CA TYR B 716 -23.13 -4.04 7.06
C TYR B 716 -23.26 -5.06 8.18
N LYS B 717 -22.69 -4.76 9.35
CA LYS B 717 -22.74 -5.70 10.46
C LYS B 717 -24.17 -5.98 10.89
N LEU B 718 -24.99 -4.93 11.00
CA LEU B 718 -26.35 -5.10 11.47
C LEU B 718 -27.23 -5.78 10.43
N GLU B 719 -27.01 -5.51 9.14
CA GLU B 719 -27.76 -6.26 8.13
C GLU B 719 -27.40 -7.74 8.18
N ILE B 720 -26.11 -8.06 8.35
CA ILE B 720 -25.72 -9.46 8.46
C ILE B 720 -26.37 -10.12 9.67
N ALA B 721 -26.33 -9.42 10.82
CA ALA B 721 -26.95 -9.96 12.02
C ALA B 721 -28.45 -10.14 11.85
N ARG B 722 -29.12 -9.16 11.25
CA ARG B 722 -30.56 -9.24 11.02
C ARG B 722 -30.90 -10.41 10.12
N ALA B 723 -30.07 -10.66 9.10
CA ALA B 723 -30.34 -11.78 8.20
C ALA B 723 -30.03 -13.12 8.85
N PHE B 724 -29.14 -13.14 9.84
CA PHE B 724 -28.65 -14.39 10.40
C PHE B 724 -29.33 -14.78 11.71
N LEU B 725 -30.38 -14.09 12.11
CA LEU B 725 -31.07 -14.43 13.35
C LEU B 725 -31.62 -15.85 13.29
N GLY B 726 -31.47 -16.58 14.39
CA GLY B 726 -31.97 -17.93 14.46
C GLY B 726 -31.33 -18.88 13.47
N GLU B 727 -30.01 -18.80 13.31
CA GLU B 727 -29.29 -19.69 12.42
C GLU B 727 -28.02 -20.18 13.13
N LYS B 728 -27.50 -21.31 12.65
CA LYS B 728 -26.23 -21.82 13.10
C LYS B 728 -25.11 -21.09 12.37
N LEU B 729 -24.14 -20.58 13.12
CA LEU B 729 -23.04 -19.80 12.55
C LEU B 729 -21.71 -20.50 12.84
N TYR B 730 -21.35 -21.45 11.99
CA TYR B 730 -20.02 -22.04 12.06
C TYR B 730 -19.02 -21.06 11.48
N PHE B 731 -17.90 -20.87 12.18
CA PHE B 731 -16.81 -20.05 11.65
C PHE B 731 -15.63 -20.93 11.32
N PRO B 732 -15.26 -21.11 10.05
CA PRO B 732 -13.98 -21.75 9.74
C PRO B 732 -12.84 -20.77 9.94
N HIS B 733 -11.80 -21.23 10.64
CA HIS B 733 -10.70 -20.30 10.98
C HIS B 733 -9.53 -20.48 10.03
N ASN B 734 -8.55 -19.62 10.11
CA ASN B 734 -7.42 -19.57 9.20
C ASN B 734 -6.25 -18.87 9.87
N LEU B 735 -5.04 -19.26 9.49
CA LEU B 735 -3.82 -18.76 10.11
C LEU B 735 -3.12 -17.76 9.20
N ASP B 736 -2.57 -16.71 9.80
CA ASP B 736 -1.61 -15.89 9.09
C ASP B 736 -0.26 -16.63 9.07
N PHE B 737 0.76 -16.01 8.49
CA PHE B 737 2.00 -16.72 8.27
C PHE B 737 2.71 -17.10 9.56
N ARG B 738 2.44 -16.37 10.66
CA ARG B 738 3.10 -16.63 11.96
C ARG B 738 2.42 -17.80 12.68
N GLY B 739 1.10 -17.96 12.53
CA GLY B 739 0.40 -19.06 13.13
C GLY B 739 -0.88 -18.69 13.84
N ARG B 740 -1.06 -17.40 14.12
CA ARG B 740 -2.26 -16.95 14.83
C ARG B 740 -3.51 -17.26 14.00
N ALA B 741 -4.55 -17.73 14.67
CA ALA B 741 -5.75 -18.20 13.97
C ALA B 741 -6.78 -17.07 13.88
N TYR B 742 -7.36 -16.93 12.68
CA TYR B 742 -8.29 -15.88 12.32
C TYR B 742 -9.51 -16.50 11.65
N PRO B 743 -10.66 -15.85 11.71
CA PRO B 743 -11.82 -16.34 10.98
C PRO B 743 -11.75 -15.99 9.51
N LEU B 744 -12.36 -16.84 8.69
CA LEU B 744 -12.35 -16.61 7.25
C LEU B 744 -13.28 -15.47 6.86
N SER B 745 -14.47 -15.43 7.44
CA SER B 745 -15.42 -14.35 7.16
C SER B 745 -14.98 -13.08 7.87
N PRO B 746 -14.71 -11.98 7.16
CA PRO B 746 -14.16 -10.79 7.78
C PRO B 746 -15.15 -9.71 8.17
N HIS B 747 -16.45 -9.89 7.93
CA HIS B 747 -17.42 -8.85 8.25
C HIS B 747 -18.09 -9.06 9.60
N PHE B 748 -18.61 -10.25 9.83
CA PHE B 748 -19.28 -10.58 11.09
C PHE B 748 -18.49 -11.69 11.78
N ASN B 749 -17.72 -11.31 12.80
CA ASN B 749 -16.93 -12.28 13.55
C ASN B 749 -16.70 -11.75 14.95
N HIS B 750 -16.33 -12.67 15.85
CA HIS B 750 -16.07 -12.30 17.24
C HIS B 750 -14.76 -11.57 17.43
N LEU B 751 -13.93 -11.46 16.39
CA LEU B 751 -12.77 -10.58 16.41
C LEU B 751 -13.15 -9.11 16.33
N GLY B 752 -14.43 -8.80 16.14
CA GLY B 752 -14.88 -7.44 15.98
C GLY B 752 -14.93 -6.70 17.30
N ASN B 753 -15.65 -5.58 17.28
CA ASN B 753 -15.75 -4.72 18.44
C ASN B 753 -16.74 -5.28 19.45
N ASP B 754 -17.00 -4.48 20.48
CA ASP B 754 -17.78 -4.93 21.63
C ASP B 754 -19.20 -5.35 21.24
N MET B 755 -19.88 -4.53 20.45
CA MET B 755 -21.25 -4.85 20.07
C MET B 755 -21.30 -6.10 19.21
N SER B 756 -20.31 -6.27 18.32
CA SER B 756 -20.24 -7.47 17.50
C SER B 756 -20.03 -8.71 18.36
N ARG B 757 -19.18 -8.60 19.39
CA ARG B 757 -19.01 -9.71 20.31
C ARG B 757 -20.30 -10.01 21.06
N GLY B 758 -20.99 -8.95 21.52
CA GLY B 758 -22.22 -9.13 22.27
C GLY B 758 -23.35 -9.75 21.47
N LEU B 759 -23.45 -9.43 20.19
CA LEU B 759 -24.48 -10.00 19.33
C LEU B 759 -24.30 -11.49 19.09
N LEU B 760 -23.31 -12.12 19.71
CA LEU B 760 -23.00 -13.52 19.49
C LEU B 760 -23.06 -14.30 20.79
N ILE B 761 -23.66 -15.49 20.73
CA ILE B 761 -23.72 -16.42 21.85
C ILE B 761 -23.54 -17.83 21.32
N PHE B 762 -23.16 -18.73 22.22
CA PHE B 762 -22.96 -20.12 21.82
C PHE B 762 -24.27 -20.79 21.44
N TRP B 763 -24.24 -21.54 20.35
CA TRP B 763 -25.42 -22.30 19.95
C TRP B 763 -25.76 -23.36 20.99
N HIS B 764 -24.76 -24.06 21.50
CA HIS B 764 -24.99 -25.12 22.46
C HIS B 764 -25.44 -24.56 23.80
N GLY B 765 -26.06 -25.41 24.59
CA GLY B 765 -26.36 -25.08 25.98
C GLY B 765 -25.95 -26.22 26.89
N LYS B 766 -25.39 -25.86 28.04
CA LYS B 766 -24.88 -26.86 28.96
C LYS B 766 -25.16 -26.43 30.40
N LYS B 767 -25.19 -27.42 31.28
CA LYS B 767 -25.76 -27.26 32.60
C LYS B 767 -24.88 -26.31 33.43
N LEU B 768 -25.50 -25.33 34.07
CA LEU B 768 -24.73 -24.22 34.64
C LEU B 768 -24.14 -24.57 36.00
N GLY B 769 -24.99 -24.89 36.98
CA GLY B 769 -24.53 -25.35 38.26
C GLY B 769 -23.83 -24.30 39.09
N PRO B 770 -23.28 -24.72 40.24
CA PRO B 770 -22.62 -23.73 41.12
C PRO B 770 -21.36 -23.16 40.51
N SER B 771 -20.55 -24.00 39.87
CA SER B 771 -19.35 -23.52 39.19
C SER B 771 -19.72 -22.53 38.09
N GLY B 772 -20.75 -22.85 37.30
CA GLY B 772 -21.18 -21.93 36.27
C GLY B 772 -21.68 -20.61 36.83
N LEU B 773 -22.43 -20.66 37.92
CA LEU B 773 -22.94 -19.42 38.52
C LEU B 773 -21.79 -18.54 38.98
N LYS B 774 -20.86 -19.12 39.74
CA LYS B 774 -19.72 -18.34 40.22
C LYS B 774 -18.91 -17.78 39.06
N TRP B 775 -18.65 -18.60 38.04
CA TRP B 775 -17.82 -18.17 36.93
C TRP B 775 -18.50 -17.08 36.11
N LEU B 776 -19.82 -17.16 35.95
CA LEU B 776 -20.49 -16.14 35.15
C LEU B 776 -20.55 -14.82 35.91
N LYS B 777 -20.74 -14.87 37.23
CA LYS B 777 -20.64 -13.65 38.02
C LYS B 777 -19.24 -13.05 37.90
N ILE B 778 -18.21 -13.90 37.97
CA ILE B 778 -16.84 -13.42 37.78
C ILE B 778 -16.68 -12.80 36.41
N HIS B 779 -17.31 -13.39 35.39
CA HIS B 779 -17.19 -12.88 34.03
C HIS B 779 -17.77 -11.47 33.93
N LEU B 780 -18.94 -11.25 34.51
CA LEU B 780 -19.48 -9.89 34.51
C LEU B 780 -18.57 -8.95 35.28
N SER B 781 -18.06 -9.41 36.42
CA SER B 781 -17.21 -8.55 37.26
C SER B 781 -15.98 -8.09 36.49
N ASN B 782 -15.33 -9.00 35.78
CA ASN B 782 -14.16 -8.62 34.99
C ASN B 782 -14.54 -7.88 33.71
N LEU B 783 -15.76 -8.08 33.20
CA LEU B 783 -16.24 -7.25 32.10
C LEU B 783 -16.34 -5.80 32.51
N PHE B 784 -16.77 -5.55 33.74
CA PHE B 784 -16.85 -4.16 34.20
C PHE B 784 -15.48 -3.54 34.49
N GLY B 785 -14.37 -4.19 34.14
CA GLY B 785 -13.06 -3.63 34.35
C GLY B 785 -12.43 -3.92 35.70
N PHE B 786 -13.15 -4.58 36.61
CA PHE B 786 -12.62 -4.91 37.93
C PHE B 786 -12.09 -6.33 37.95
N ASP B 787 -11.05 -6.56 37.14
CA ASP B 787 -10.38 -7.85 37.07
C ASP B 787 -9.16 -7.92 37.97
N LYS B 788 -8.59 -6.76 38.32
CA LYS B 788 -7.39 -6.69 39.16
C LYS B 788 -7.66 -7.05 40.61
N LEU B 789 -8.89 -7.42 40.96
CA LEU B 789 -9.25 -7.77 42.33
C LEU B 789 -9.48 -9.27 42.45
N PRO B 790 -9.32 -9.84 43.64
CA PRO B 790 -9.42 -11.30 43.79
C PRO B 790 -10.79 -11.83 43.42
N LEU B 791 -10.85 -13.16 43.36
CA LEU B 791 -12.04 -13.87 42.87
C LEU B 791 -13.24 -13.63 43.78
N LYS B 792 -13.04 -13.77 45.09
CA LYS B 792 -14.14 -13.59 46.03
C LYS B 792 -14.64 -12.16 46.01
N ASP B 793 -13.71 -11.19 45.88
CA ASP B 793 -14.12 -9.79 45.79
C ASP B 793 -14.91 -9.53 44.52
N ARG B 794 -14.53 -10.15 43.41
CA ARG B 794 -15.29 -10.01 42.17
C ARG B 794 -16.71 -10.55 42.34
N VAL B 795 -16.83 -11.73 42.95
CA VAL B 795 -18.16 -12.31 43.17
C VAL B 795 -18.98 -11.41 44.09
N ALA B 796 -18.34 -10.84 45.11
CA ALA B 796 -19.04 -9.92 46.01
C ALA B 796 -19.54 -8.69 45.27
N PHE B 797 -18.72 -8.16 44.36
CA PHE B 797 -19.14 -7.00 43.56
C PHE B 797 -20.36 -7.34 42.71
N THR B 798 -20.33 -8.50 42.04
CA THR B 798 -21.46 -8.90 41.22
C THR B 798 -22.72 -9.09 42.06
N GLU B 799 -22.58 -9.68 43.25
CA GLU B 799 -23.71 -9.80 44.16
C GLU B 799 -24.23 -8.43 44.57
N SER B 800 -23.31 -7.49 44.83
CA SER B 800 -23.70 -6.17 45.31
C SER B 800 -24.53 -5.42 44.27
N HIS B 801 -24.12 -5.41 43.01
CA HIS B 801 -24.90 -4.57 42.05
C HIS B 801 -26.07 -5.38 41.47
N LEU B 802 -26.83 -6.09 42.31
CA LEU B 802 -27.92 -6.94 41.85
C LEU B 802 -29.12 -6.13 41.39
N GLN B 803 -29.51 -5.11 42.15
CA GLN B 803 -30.61 -4.25 41.71
C GLN B 803 -30.24 -3.44 40.49
N ASP B 804 -28.96 -3.05 40.39
CA ASP B 804 -28.50 -2.36 39.19
C ASP B 804 -28.62 -3.25 37.97
N ILE B 805 -28.22 -4.52 38.09
CA ILE B 805 -28.41 -5.47 36.98
C ILE B 805 -29.90 -5.62 36.65
N LYS B 806 -30.73 -5.76 37.69
CA LYS B 806 -32.17 -5.91 37.49
C LYS B 806 -32.74 -4.75 36.68
N ASP B 807 -32.40 -3.51 37.07
CA ASP B 807 -32.93 -2.36 36.37
C ASP B 807 -32.38 -2.26 34.96
N SER B 808 -31.07 -2.47 34.78
CA SER B 808 -30.47 -2.33 33.47
C SER B 808 -30.98 -3.40 32.49
N ALA B 809 -31.49 -4.51 33.01
CA ALA B 809 -32.10 -5.49 32.12
C ALA B 809 -33.60 -5.29 31.96
N GLU B 810 -34.27 -4.70 32.96
CA GLU B 810 -35.70 -4.42 32.84
C GLU B 810 -35.97 -3.29 31.86
N ASN B 811 -35.20 -2.21 31.96
CA ASN B 811 -35.36 -1.04 31.09
C ASN B 811 -34.04 -0.81 30.37
N PRO B 812 -33.87 -1.39 29.17
CA PRO B 812 -32.60 -1.22 28.45
C PRO B 812 -32.26 0.22 28.15
N LEU B 813 -33.27 1.07 27.94
CA LEU B 813 -33.05 2.49 27.69
C LEU B 813 -33.99 3.30 28.57
N THR B 814 -33.57 4.53 28.87
CA THR B 814 -34.30 5.49 29.72
C THR B 814 -34.42 5.03 31.16
N GLY B 815 -33.81 3.90 31.52
CA GLY B 815 -33.77 3.47 32.91
C GLY B 815 -32.60 4.11 33.63
N ASP B 816 -31.93 3.34 34.50
CA ASP B 816 -30.69 3.85 35.08
C ASP B 816 -29.55 3.82 34.08
N ARG B 817 -29.60 2.89 33.12
CA ARG B 817 -28.55 2.72 32.12
C ARG B 817 -27.20 2.50 32.78
N TRP B 818 -27.21 1.69 33.84
CA TRP B 818 -25.97 1.38 34.55
C TRP B 818 -25.00 0.59 33.67
N TRP B 819 -25.52 -0.16 32.71
CA TRP B 819 -24.66 -0.99 31.87
C TRP B 819 -23.67 -0.16 31.08
N THR B 820 -24.10 1.00 30.60
CA THR B 820 -23.20 1.87 29.83
C THR B 820 -22.02 2.36 30.66
N THR B 821 -22.12 2.33 31.99
CA THR B 821 -21.00 2.71 32.84
C THR B 821 -19.85 1.72 32.76
N ALA B 822 -20.07 0.53 32.18
CA ALA B 822 -19.03 -0.48 32.10
C ALA B 822 -18.01 -0.11 31.03
N ASP B 823 -17.05 -1.00 30.82
CA ASP B 823 -16.06 -0.86 29.76
C ASP B 823 -16.36 -1.72 28.54
N LYS B 824 -17.17 -2.77 28.70
CA LYS B 824 -17.61 -3.63 27.61
C LYS B 824 -19.14 -3.58 27.58
N PRO B 825 -19.72 -2.58 26.92
CA PRO B 825 -21.15 -2.32 27.09
C PRO B 825 -22.08 -3.46 26.68
N TRP B 826 -21.96 -3.95 25.45
CA TRP B 826 -22.96 -4.90 24.98
C TRP B 826 -22.75 -6.29 25.56
N GLN B 827 -21.49 -6.69 25.77
CA GLN B 827 -21.24 -7.93 26.50
C GLN B 827 -21.80 -7.84 27.92
N ALA B 828 -21.62 -6.69 28.57
CA ALA B 828 -22.21 -6.47 29.88
C ALA B 828 -23.72 -6.57 29.82
N LEU B 829 -24.32 -6.01 28.78
CA LEU B 829 -25.77 -6.08 28.65
C LEU B 829 -26.25 -7.51 28.53
N ALA B 830 -25.59 -8.31 27.71
CA ALA B 830 -26.00 -9.71 27.56
C ALA B 830 -25.86 -10.47 28.87
N THR B 831 -24.71 -10.32 29.54
CA THR B 831 -24.51 -11.08 30.77
C THR B 831 -25.42 -10.58 31.89
N CYS B 832 -25.77 -9.29 31.85
CA CYS B 832 -26.70 -8.75 32.87
C CYS B 832 -28.04 -9.39 32.60
N PHE B 833 -28.48 -9.34 31.35
CA PHE B 833 -29.73 -10.01 30.99
C PHE B 833 -29.77 -11.40 31.61
N GLU B 834 -28.71 -12.18 31.43
CA GLU B 834 -28.71 -13.54 31.91
C GLU B 834 -28.77 -13.61 33.44
N LEU B 835 -28.01 -12.76 34.14
CA LEU B 835 -28.08 -12.76 35.59
C LEU B 835 -29.45 -12.28 36.09
N ASN B 836 -30.06 -11.31 35.43
CA ASN B 836 -31.39 -10.89 35.86
C ASN B 836 -32.38 -12.03 35.72
N GLU B 837 -32.30 -12.78 34.62
CA GLU B 837 -33.18 -13.93 34.47
C GLU B 837 -32.90 -14.95 35.56
N VAL B 838 -31.62 -15.15 35.89
CA VAL B 838 -31.25 -16.12 36.92
C VAL B 838 -31.82 -15.73 38.28
N MET B 839 -31.67 -14.47 38.65
CA MET B 839 -32.22 -14.00 39.92
C MET B 839 -33.74 -14.11 39.93
N LYS B 840 -34.38 -13.87 38.78
CA LYS B 840 -35.80 -14.13 38.68
C LYS B 840 -36.13 -15.61 38.78
N MET B 841 -35.14 -16.49 38.58
CA MET B 841 -35.34 -17.92 38.75
C MET B 841 -35.03 -18.33 40.18
N ASP B 842 -35.80 -19.30 40.69
CA ASP B 842 -35.63 -19.71 42.08
C ASP B 842 -34.33 -20.50 42.27
N ASN B 843 -34.05 -21.43 41.37
CA ASN B 843 -32.85 -22.27 41.49
C ASN B 843 -31.88 -21.94 40.36
N PRO B 844 -30.73 -21.32 40.66
CA PRO B 844 -29.76 -21.05 39.59
C PRO B 844 -29.21 -22.30 38.92
N GLU B 845 -29.23 -23.44 39.62
CA GLU B 845 -28.59 -24.64 39.10
C GLU B 845 -29.27 -25.12 37.82
N GLU B 846 -30.60 -25.04 37.78
CA GLU B 846 -31.37 -25.53 36.64
C GLU B 846 -31.21 -24.70 35.39
N PHE B 847 -30.62 -23.51 35.49
CA PHE B 847 -30.51 -22.60 34.36
C PHE B 847 -29.62 -23.17 33.27
N ILE B 848 -29.97 -22.87 32.03
CA ILE B 848 -29.21 -23.29 30.86
C ILE B 848 -28.61 -22.04 30.21
N SER B 849 -27.28 -22.01 30.10
CA SER B 849 -26.56 -20.80 29.76
C SER B 849 -26.07 -20.84 28.32
N HIS B 850 -25.93 -19.65 27.73
CA HIS B 850 -25.37 -19.49 26.40
C HIS B 850 -24.27 -18.45 26.32
N GLN B 851 -24.07 -17.62 27.35
CA GLN B 851 -23.07 -16.58 27.28
C GLN B 851 -21.67 -17.19 27.17
N PRO B 852 -20.78 -16.59 26.39
CA PRO B 852 -19.37 -17.00 26.43
C PRO B 852 -18.67 -16.33 27.61
N VAL B 853 -17.95 -17.13 28.39
CA VAL B 853 -17.25 -16.64 29.57
C VAL B 853 -15.78 -16.41 29.21
N HIS B 854 -15.23 -15.28 29.64
CA HIS B 854 -13.94 -14.79 29.15
C HIS B 854 -12.86 -15.23 30.11
N GLN B 855 -12.02 -16.16 29.68
CA GLN B 855 -10.80 -16.52 30.41
C GLN B 855 -9.62 -15.98 29.61
N ASP B 856 -9.19 -14.77 29.95
CA ASP B 856 -8.12 -14.10 29.23
C ASP B 856 -6.83 -14.18 30.04
N GLY B 857 -5.75 -13.71 29.42
CA GLY B 857 -4.44 -13.69 30.06
C GLY B 857 -3.82 -12.31 29.99
N THR B 858 -3.02 -11.98 30.99
CA THR B 858 -2.36 -10.68 31.07
C THR B 858 -0.96 -10.81 30.51
N CYS B 859 -0.72 -10.19 29.35
CA CYS B 859 0.59 -10.13 28.72
C CYS B 859 1.12 -11.55 28.46
N ASN B 860 0.45 -12.23 27.53
CA ASN B 860 0.91 -13.55 27.13
C ASN B 860 2.35 -13.53 26.63
N GLY B 861 2.77 -12.43 26.01
CA GLY B 861 4.15 -12.31 25.62
C GLY B 861 5.11 -12.34 26.81
N LEU B 862 4.77 -11.60 27.87
CA LEU B 862 5.59 -11.65 29.07
C LEU B 862 5.55 -13.03 29.72
N GLN B 863 4.38 -13.66 29.73
CA GLN B 863 4.26 -15.00 30.27
C GLN B 863 5.03 -16.02 29.43
N HIS B 864 5.37 -15.68 28.19
CA HIS B 864 6.20 -16.58 27.39
C HIS B 864 7.70 -16.28 27.53
N TYR B 865 8.08 -15.01 27.60
CA TYR B 865 9.45 -14.68 28.03
C TYR B 865 9.80 -15.29 29.38
N ALA B 866 8.86 -15.29 30.32
CA ALA B 866 9.15 -15.84 31.64
C ALA B 866 9.53 -17.32 31.53
N ALA B 867 8.75 -18.08 30.76
CA ALA B 867 9.04 -19.51 30.64
C ALA B 867 10.24 -19.77 29.75
N LEU B 868 10.50 -18.90 28.78
CA LEU B 868 11.65 -19.08 27.90
C LEU B 868 12.96 -18.84 28.64
N GLY B 869 13.03 -17.74 29.38
CA GLY B 869 14.24 -17.40 30.13
C GLY B 869 14.35 -18.02 31.49
N GLY B 870 13.30 -18.66 31.99
CA GLY B 870 13.36 -19.24 33.32
C GLY B 870 13.47 -18.22 34.43
N ASP B 871 13.07 -16.98 34.16
CA ASP B 871 13.22 -15.90 35.13
C ASP B 871 12.16 -16.04 36.21
N VAL B 872 12.60 -16.25 37.45
CA VAL B 872 11.65 -16.36 38.56
C VAL B 872 11.02 -15.02 38.87
N GLU B 873 11.82 -13.94 38.83
CA GLU B 873 11.29 -12.61 39.12
C GLU B 873 10.21 -12.22 38.13
N GLY B 874 10.42 -12.48 36.85
CA GLY B 874 9.39 -12.19 35.86
C GLY B 874 8.13 -12.99 36.09
N ALA B 875 8.28 -14.28 36.41
CA ALA B 875 7.12 -15.13 36.64
C ALA B 875 6.31 -14.66 37.84
N THR B 876 6.99 -14.27 38.92
CA THR B 876 6.27 -13.73 40.07
C THR B 876 5.75 -12.32 39.82
N GLN B 877 6.26 -11.66 38.78
CA GLN B 877 5.69 -10.36 38.40
C GLN B 877 4.45 -10.50 37.53
N VAL B 878 4.33 -11.61 36.79
CA VAL B 878 3.28 -11.70 35.78
C VAL B 878 2.28 -12.79 36.18
N ASN B 879 2.10 -12.98 37.49
CA ASN B 879 1.09 -13.89 38.02
C ASN B 879 1.26 -15.31 37.48
N LEU B 880 2.51 -15.74 37.34
CA LEU B 880 2.76 -17.09 36.87
C LEU B 880 2.93 -18.07 38.02
N VAL B 881 3.67 -17.68 39.05
CA VAL B 881 3.80 -18.49 40.26
C VAL B 881 2.50 -18.39 41.04
N PRO B 882 2.11 -19.42 41.80
CA PRO B 882 0.87 -19.33 42.57
C PRO B 882 0.93 -18.23 43.61
N SER B 883 -0.20 -17.55 43.80
CA SER B 883 -0.30 -16.48 44.77
C SER B 883 -1.76 -16.31 45.18
N ASP B 884 -1.95 -15.89 46.44
CA ASP B 884 -3.32 -15.68 46.95
C ASP B 884 -4.03 -14.58 46.18
N LYS B 885 -3.34 -13.49 45.90
CA LYS B 885 -3.92 -12.39 45.13
C LYS B 885 -3.17 -12.23 43.81
N PRO B 886 -3.87 -11.83 42.74
CA PRO B 886 -3.19 -11.63 41.45
C PRO B 886 -2.45 -10.30 41.44
N GLN B 887 -1.19 -10.35 41.03
CA GLN B 887 -0.34 -9.16 40.90
C GLN B 887 -0.38 -8.71 39.45
N ASP B 888 -1.07 -7.60 39.19
CA ASP B 888 -1.31 -7.18 37.82
C ASP B 888 -0.09 -6.45 37.27
N VAL B 889 0.38 -6.90 36.10
CA VAL B 889 1.55 -6.28 35.48
C VAL B 889 1.24 -4.84 35.09
N TYR B 890 0.06 -4.60 34.51
CA TYR B 890 -0.30 -3.25 34.13
C TYR B 890 -0.38 -2.33 35.36
N ALA B 891 -0.96 -2.83 36.45
CA ALA B 891 -1.01 -2.04 37.67
C ALA B 891 0.38 -1.75 38.20
N HIS B 892 1.27 -2.74 38.15
CA HIS B 892 2.64 -2.55 38.66
C HIS B 892 3.37 -1.50 37.84
N VAL B 893 3.33 -1.61 36.51
CA VAL B 893 4.02 -0.63 35.67
C VAL B 893 3.37 0.73 35.81
N ALA B 894 2.05 0.79 36.02
CA ALA B 894 1.38 2.06 36.27
C ALA B 894 1.89 2.70 37.55
N ARG B 895 2.07 1.89 38.60
CA ARG B 895 2.65 2.42 39.84
C ARG B 895 4.04 2.97 39.60
N LEU B 896 4.87 2.24 38.84
CA LEU B 896 6.23 2.68 38.60
C LEU B 896 6.27 3.99 37.80
N VAL B 897 5.45 4.09 36.76
CA VAL B 897 5.45 5.33 35.98
C VAL B 897 4.84 6.46 36.78
N GLN B 898 3.89 6.16 37.67
CA GLN B 898 3.35 7.19 38.55
C GLN B 898 4.43 7.74 39.47
N LYS B 899 5.26 6.85 40.03
CA LYS B 899 6.37 7.33 40.85
C LYS B 899 7.37 8.14 40.03
N ARG B 900 7.65 7.69 38.80
CA ARG B 900 8.58 8.42 37.94
C ARG B 900 8.07 9.82 37.64
N LEU B 901 6.79 9.94 37.28
CA LEU B 901 6.23 11.25 36.99
C LEU B 901 6.02 12.08 38.26
N GLU B 902 5.89 11.45 39.41
CA GLU B 902 5.91 12.20 40.67
C GLU B 902 7.27 12.84 40.88
N ILE B 903 8.34 12.09 40.62
CA ILE B 903 9.68 12.67 40.69
C ILE B 903 9.84 13.79 39.67
N ALA B 904 9.26 13.59 38.48
CA ALA B 904 9.31 14.65 37.46
C ALA B 904 8.57 15.90 37.91
N ALA B 905 7.42 15.73 38.57
CA ALA B 905 6.69 16.87 39.11
C ALA B 905 7.48 17.56 40.21
N GLU B 906 8.20 16.77 41.02
CA GLU B 906 9.07 17.36 42.03
C GLU B 906 10.18 18.20 41.39
N LYS B 907 10.77 17.69 40.30
CA LYS B 907 11.85 18.43 39.67
C LYS B 907 11.34 19.64 38.88
N GLY B 908 10.10 19.61 38.42
CA GLY B 908 9.48 20.83 37.91
C GLY B 908 8.84 20.82 36.53
N ASP B 909 8.49 19.65 36.00
CA ASP B 909 7.84 19.60 34.70
C ASP B 909 6.36 19.94 34.84
N GLU B 910 5.92 20.95 34.07
CA GLU B 910 4.52 21.38 34.14
C GLU B 910 3.58 20.30 33.62
N ASN B 911 3.92 19.67 32.49
CA ASN B 911 3.09 18.60 31.96
C ASN B 911 3.03 17.42 32.92
N ALA B 912 4.16 17.10 33.56
CA ALA B 912 4.15 16.04 34.56
C ALA B 912 3.26 16.40 35.74
N LYS B 913 3.29 17.66 36.18
CA LYS B 913 2.41 18.10 37.25
C LYS B 913 0.95 17.95 36.85
N ILE B 914 0.61 18.32 35.62
CA ILE B 914 -0.77 18.17 35.14
C ILE B 914 -1.16 16.70 35.10
N LEU B 915 -0.26 15.84 34.62
CA LEU B 915 -0.55 14.43 34.42
C LEU B 915 -0.25 13.58 35.65
N LYS B 916 0.04 14.20 36.80
CA LYS B 916 0.41 13.45 37.98
C LYS B 916 -0.72 12.54 38.46
N ASP B 917 -1.95 13.04 38.45
CA ASP B 917 -3.09 12.33 39.01
C ASP B 917 -3.93 11.60 37.96
N LYS B 918 -3.49 11.59 36.71
CA LYS B 918 -4.30 11.07 35.60
C LYS B 918 -3.49 10.10 34.75
N ILE B 919 -2.76 9.20 35.40
CA ILE B 919 -2.08 8.10 34.74
C ILE B 919 -3.01 6.91 34.75
N THR B 920 -3.34 6.39 33.58
CA THR B 920 -4.42 5.42 33.44
C THR B 920 -3.90 4.02 33.12
N ARG B 921 -4.42 3.05 33.88
CA ARG B 921 -4.11 1.65 33.65
C ARG B 921 -4.37 1.26 32.21
N LYS B 922 -5.40 1.83 31.58
CA LYS B 922 -5.72 1.47 30.20
C LYS B 922 -4.56 1.80 29.27
N VAL B 923 -4.07 3.04 29.31
CA VAL B 923 -3.01 3.43 28.37
C VAL B 923 -1.71 2.72 28.71
N VAL B 924 -1.37 2.60 29.99
CA VAL B 924 -0.11 1.95 30.33
C VAL B 924 -0.18 0.47 29.98
N LYS B 925 -1.35 -0.16 30.16
CA LYS B 925 -1.58 -1.54 29.75
C LYS B 925 -1.39 -1.70 28.25
N GLN B 926 -1.99 -0.80 27.47
CA GLN B 926 -1.86 -0.93 26.02
C GLN B 926 -0.41 -0.82 25.59
N THR B 927 0.33 0.13 26.16
CA THR B 927 1.73 0.30 25.76
C THR B 927 2.57 -0.91 26.16
N VAL B 928 2.43 -1.36 27.41
CA VAL B 928 3.22 -2.50 27.88
C VAL B 928 2.89 -3.74 27.06
N MET B 929 1.60 -3.96 26.80
CA MET B 929 1.16 -5.11 26.03
C MET B 929 1.70 -5.08 24.60
N THR B 930 1.75 -3.90 23.99
CA THR B 930 2.26 -3.80 22.64
C THR B 930 3.78 -3.90 22.59
N ASN B 931 4.45 -3.55 23.70
CA ASN B 931 5.92 -3.51 23.68
C ASN B 931 6.50 -4.88 23.37
N VAL B 932 5.97 -5.93 24.00
CA VAL B 932 6.44 -7.29 23.72
C VAL B 932 6.19 -7.70 22.28
N TYR B 933 5.28 -7.02 21.59
CA TYR B 933 4.96 -7.31 20.21
C TYR B 933 5.86 -6.56 19.23
N GLY B 934 7.02 -6.11 19.68
CA GLY B 934 7.93 -5.39 18.79
C GLY B 934 7.31 -4.13 18.21
N VAL B 935 6.48 -3.43 18.99
CA VAL B 935 5.82 -2.24 18.49
C VAL B 935 6.84 -1.13 18.31
N THR B 936 6.60 -0.25 17.35
CA THR B 936 7.48 0.87 17.10
C THR B 936 7.05 2.08 17.93
N TYR B 937 7.94 3.06 17.99
CA TYR B 937 7.69 4.27 18.78
C TYR B 937 6.47 5.03 18.29
N VAL B 938 6.34 5.15 16.96
CA VAL B 938 5.19 5.88 16.40
C VAL B 938 3.89 5.15 16.70
N GLY B 939 3.88 3.83 16.54
CA GLY B 939 2.68 3.07 16.86
C GLY B 939 2.29 3.18 18.32
N ALA B 940 3.28 3.12 19.21
CA ALA B 940 2.98 3.22 20.64
C ALA B 940 2.47 4.60 21.02
N THR B 941 3.07 5.66 20.48
CA THR B 941 2.57 6.99 20.81
C THR B 941 1.19 7.21 20.19
N PHE B 942 0.92 6.62 19.03
CA PHE B 942 -0.44 6.66 18.50
C PHE B 942 -1.41 5.95 19.41
N GLN B 943 -1.01 4.81 19.98
CA GLN B 943 -1.89 4.09 20.90
C GLN B 943 -2.17 4.90 22.16
N ILE B 944 -1.15 5.54 22.71
CA ILE B 944 -1.38 6.36 23.91
C ILE B 944 -2.26 7.56 23.58
N ALA B 945 -2.04 8.20 22.43
CA ALA B 945 -2.92 9.28 22.04
C ALA B 945 -4.35 8.79 21.87
N LYS B 946 -4.54 7.61 21.27
CA LYS B 946 -5.87 7.07 21.04
C LYS B 946 -6.58 6.79 22.36
N GLN B 947 -5.88 6.17 23.31
CA GLN B 947 -6.51 5.87 24.59
C GLN B 947 -6.49 7.04 25.56
N LEU B 948 -5.86 8.16 25.20
CA LEU B 948 -5.93 9.36 26.02
C LEU B 948 -6.98 10.35 25.55
N SER B 949 -7.31 10.35 24.26
CA SER B 949 -8.29 11.31 23.76
C SER B 949 -9.66 11.15 24.41
N PRO B 950 -10.25 9.96 24.55
CA PRO B 950 -11.53 9.85 25.27
C PRO B 950 -11.42 10.30 26.72
N ILE B 951 -10.29 10.07 27.38
CA ILE B 951 -10.09 10.59 28.73
C ILE B 951 -10.01 12.10 28.70
N PHE B 952 -9.67 12.68 27.55
CA PHE B 952 -9.68 14.13 27.33
C PHE B 952 -8.73 14.86 28.28
N ASP B 953 -7.61 14.22 28.63
CA ASP B 953 -6.54 14.95 29.30
C ASP B 953 -6.02 16.07 28.40
N ASP B 954 -5.88 15.78 27.12
CA ASP B 954 -5.72 16.78 26.08
C ASP B 954 -6.74 16.51 24.98
N ARG B 955 -7.49 17.54 24.61
CA ARG B 955 -8.70 17.33 23.82
C ARG B 955 -8.38 16.94 22.38
N LYS B 956 -7.61 17.76 21.68
CA LYS B 956 -7.34 17.55 20.26
C LYS B 956 -5.88 17.22 19.98
N GLU B 957 -4.94 18.02 20.49
CA GLU B 957 -3.53 17.76 20.28
C GLU B 957 -3.07 16.59 21.14
N SER B 958 -3.48 15.38 20.79
CA SER B 958 -3.18 14.21 21.61
C SER B 958 -1.76 13.70 21.41
N LEU B 959 -1.09 14.08 20.33
CA LEU B 959 0.22 13.51 20.03
C LEU B 959 1.31 14.11 20.91
N ASP B 960 1.23 15.42 21.19
CA ASP B 960 2.31 16.10 21.88
C ASP B 960 2.47 15.59 23.31
N PHE B 961 1.38 15.27 23.98
CA PHE B 961 1.47 14.68 25.31
C PHE B 961 1.75 13.18 25.24
N SER B 962 1.27 12.51 24.19
CA SER B 962 1.49 11.07 24.07
C SER B 962 2.96 10.74 23.89
N LYS B 963 3.67 11.53 23.07
CA LYS B 963 5.11 11.29 22.90
C LYS B 963 5.86 11.50 24.21
N TYR B 964 5.50 12.55 24.95
CA TYR B 964 6.13 12.82 26.23
C TYR B 964 5.89 11.68 27.21
N LEU B 965 4.70 11.08 27.16
CA LEU B 965 4.43 9.91 27.99
C LEU B 965 5.26 8.71 27.54
N THR B 966 5.38 8.50 26.23
CA THR B 966 6.12 7.35 25.72
C THR B 966 7.58 7.40 26.15
N LYS B 967 8.20 8.58 26.06
CA LYS B 967 9.63 8.68 26.33
C LYS B 967 9.97 8.20 27.73
N HIS B 968 9.02 8.33 28.67
CA HIS B 968 9.24 7.81 30.01
C HIS B 968 8.77 6.37 30.15
N VAL B 969 7.69 6.01 29.45
CA VAL B 969 7.08 4.69 29.64
C VAL B 969 8.00 3.59 29.10
N PHE B 970 8.60 3.79 27.93
CA PHE B 970 9.56 2.81 27.42
C PHE B 970 10.74 2.64 28.38
N SER B 971 11.25 3.75 28.92
CA SER B 971 12.35 3.67 29.86
C SER B 971 11.95 2.85 31.08
N ALA B 972 10.73 3.08 31.60
CA ALA B 972 10.28 2.31 32.76
C ALA B 972 10.16 0.82 32.43
N ILE B 973 9.54 0.49 31.30
CA ILE B 973 9.37 -0.92 30.95
C ILE B 973 10.72 -1.60 30.80
N ARG B 974 11.66 -0.94 30.11
CA ARG B 974 12.97 -1.52 29.91
C ARG B 974 13.71 -1.69 31.24
N GLU B 975 13.59 -0.72 32.15
CA GLU B 975 14.29 -0.85 33.41
C GLU B 975 13.71 -1.94 34.29
N LEU B 976 12.40 -2.21 34.19
CA LEU B 976 11.86 -3.34 34.94
C LEU B 976 12.20 -4.68 34.31
N PHE B 977 12.16 -4.80 32.98
CA PHE B 977 12.31 -6.09 32.33
C PHE B 977 13.72 -6.28 31.80
N HIS B 978 14.37 -7.36 32.21
CA HIS B 978 15.78 -7.61 31.91
C HIS B 978 16.01 -8.87 31.09
N SER B 979 15.55 -10.03 31.57
CA SER B 979 15.77 -11.27 30.84
C SER B 979 15.05 -11.25 29.49
N ALA B 980 13.84 -10.68 29.47
CA ALA B 980 13.11 -10.50 28.23
C ALA B 980 13.91 -9.68 27.23
N HIS B 981 14.47 -8.56 27.71
CA HIS B 981 15.24 -7.69 26.84
C HIS B 981 16.47 -8.41 26.31
N LEU B 982 17.14 -9.19 27.16
CA LEU B 982 18.31 -9.93 26.72
C LEU B 982 17.94 -10.95 25.63
N ILE B 983 16.84 -11.67 25.82
CA ILE B 983 16.47 -12.69 24.84
C ILE B 983 16.09 -12.05 23.51
N GLN B 984 15.35 -10.93 23.55
CA GLN B 984 14.99 -10.29 22.29
C GLN B 984 16.21 -9.67 21.61
N ASP B 985 17.19 -9.19 22.39
CA ASP B 985 18.42 -8.70 21.80
C ASP B 985 19.19 -9.81 21.12
N TRP B 986 19.24 -10.99 21.74
CA TRP B 986 19.87 -12.13 21.10
C TRP B 986 19.17 -12.48 19.79
N LEU B 987 17.85 -12.51 19.80
CA LEU B 987 17.10 -12.85 18.58
C LEU B 987 17.36 -11.83 17.49
N GLY B 988 17.37 -10.54 17.83
CA GLY B 988 17.62 -9.51 16.83
C GLY B 988 19.03 -9.57 16.25
N GLU B 989 20.02 -9.81 17.12
CA GLU B 989 21.40 -9.90 16.63
C GLU B 989 21.56 -11.11 15.72
N SER B 990 20.91 -12.23 16.07
CA SER B 990 20.93 -13.39 15.18
C SER B 990 20.24 -13.08 13.85
N ALA B 991 19.15 -12.30 13.89
CA ALA B 991 18.48 -11.91 12.66
C ALA B 991 19.41 -11.10 11.77
N LYS B 992 20.15 -10.16 12.36
CA LYS B 992 21.10 -9.38 11.57
C LYS B 992 22.17 -10.27 10.95
N ARG B 993 22.76 -11.15 11.75
CA ARG B 993 23.82 -12.02 11.24
C ARG B 993 23.30 -13.03 10.23
N ILE B 994 22.00 -13.29 10.19
CA ILE B 994 21.44 -14.14 9.16
C ILE B 994 21.12 -13.34 7.90
N SER B 995 20.67 -12.09 8.06
CA SER B 995 20.38 -11.26 6.91
C SER B 995 21.65 -10.94 6.12
N LYS B 996 22.75 -10.66 6.81
CA LYS B 996 24.00 -10.33 6.14
C LYS B 996 24.76 -11.56 5.63
N SER B 997 24.13 -12.72 5.58
CA SER B 997 24.81 -13.94 5.18
C SER B 997 24.90 -14.04 3.66
N ILE B 998 25.72 -14.99 3.20
CA ILE B 998 25.92 -15.27 1.78
C ILE B 998 25.89 -16.77 1.58
N ARG B 999 25.21 -17.22 0.52
CA ARG B 999 25.15 -18.64 0.20
C ARG B 999 26.52 -19.16 -0.21
N LEU B 1000 26.59 -20.46 -0.46
CA LEU B 1000 27.79 -21.09 -1.00
C LEU B 1000 27.54 -21.66 -2.39
N ASP B 1001 26.55 -22.53 -2.56
CA ASP B 1001 26.29 -23.13 -3.86
C ASP B 1001 25.76 -22.10 -4.85
N VAL B 1002 24.85 -21.24 -4.40
CA VAL B 1002 24.21 -20.29 -5.30
C VAL B 1002 25.24 -19.31 -5.85
N ASP B 1003 26.12 -18.81 -4.99
CA ASP B 1003 27.13 -17.84 -5.42
C ASP B 1003 28.33 -18.48 -6.10
N GLU B 1004 28.40 -19.82 -6.15
CA GLU B 1004 29.44 -20.47 -6.93
C GLU B 1004 29.33 -20.09 -8.40
N LYS B 1005 28.11 -20.02 -8.93
CA LYS B 1005 27.87 -19.43 -10.23
C LYS B 1005 27.86 -17.91 -10.08
N SER B 1006 28.56 -17.22 -10.99
CA SER B 1006 28.71 -15.78 -10.87
C SER B 1006 27.36 -15.09 -10.99
N PHE B 1007 26.99 -14.35 -9.94
CA PHE B 1007 25.75 -13.58 -9.89
C PHE B 1007 25.86 -12.24 -10.60
N LYS B 1008 26.86 -12.06 -11.47
CA LYS B 1008 27.04 -10.94 -12.38
C LYS B 1008 27.35 -9.62 -11.70
N ASN B 1009 27.38 -9.57 -10.36
CA ASN B 1009 27.74 -8.36 -9.65
C ASN B 1009 29.18 -8.38 -9.16
N GLY B 1010 29.98 -9.37 -9.57
CA GLY B 1010 31.37 -9.40 -9.17
C GLY B 1010 31.53 -9.66 -7.68
N ASN B 1011 32.41 -8.89 -7.06
CA ASN B 1011 32.68 -9.07 -5.63
C ASN B 1011 31.55 -8.54 -4.76
N LYS B 1012 30.83 -7.52 -5.22
CA LYS B 1012 29.71 -7.00 -4.44
C LYS B 1012 28.58 -8.00 -4.43
N PRO B 1013 28.16 -8.51 -3.27
CA PRO B 1013 27.21 -9.62 -3.24
C PRO B 1013 25.77 -9.15 -3.11
N ASP B 1014 24.86 -10.12 -3.20
CA ASP B 1014 23.42 -9.90 -3.08
C ASP B 1014 22.81 -10.85 -2.05
N PHE B 1015 22.50 -10.31 -0.87
CA PHE B 1015 21.93 -11.11 0.20
C PHE B 1015 20.59 -11.69 -0.22
N MET B 1016 20.40 -13.00 -0.01
CA MET B 1016 19.17 -13.65 -0.44
C MET B 1016 18.67 -14.69 0.55
N SER B 1017 19.06 -14.63 1.81
CA SER B 1017 18.65 -15.61 2.81
C SER B 1017 17.74 -14.95 3.83
N SER B 1018 16.67 -15.65 4.18
CA SER B 1018 15.65 -15.13 5.10
C SER B 1018 15.61 -15.98 6.36
N VAL B 1019 15.22 -15.33 7.47
CA VAL B 1019 15.15 -16.03 8.76
C VAL B 1019 14.06 -17.08 8.68
N ILE B 1020 14.44 -18.33 8.90
CA ILE B 1020 13.52 -19.46 8.76
C ILE B 1020 13.73 -20.41 9.92
N TRP B 1021 12.65 -20.89 10.51
CA TRP B 1021 12.72 -21.87 11.59
C TRP B 1021 11.39 -22.62 11.65
N THR B 1022 11.29 -23.53 12.61
CA THR B 1022 10.09 -24.31 12.82
C THR B 1022 9.55 -24.08 14.22
N THR B 1023 8.23 -23.95 14.32
CA THR B 1023 7.57 -23.80 15.60
C THR B 1023 7.60 -25.11 16.37
N PRO B 1024 7.33 -25.08 17.68
CA PRO B 1024 7.17 -26.34 18.41
C PRO B 1024 6.12 -27.24 17.79
N LEU B 1025 5.04 -26.64 17.27
CA LEU B 1025 4.06 -27.41 16.50
C LEU B 1025 4.68 -27.96 15.22
N GLY B 1026 5.50 -27.15 14.55
CA GLY B 1026 6.18 -27.60 13.34
C GLY B 1026 5.94 -26.72 12.14
N LEU B 1027 5.28 -25.59 12.33
CA LEU B 1027 4.94 -24.71 11.21
C LEU B 1027 6.18 -23.95 10.75
N PRO B 1028 6.57 -24.05 9.48
CA PRO B 1028 7.71 -23.25 9.00
C PRO B 1028 7.38 -21.78 8.90
N ILE B 1029 8.05 -20.96 9.71
CA ILE B 1029 7.76 -19.53 9.83
C ILE B 1029 8.83 -18.79 9.04
N VAL B 1030 8.51 -18.44 7.79
CA VAL B 1030 9.44 -17.73 6.92
C VAL B 1030 9.04 -16.27 6.87
N GLN B 1031 9.89 -15.40 7.38
CA GLN B 1031 9.61 -13.98 7.31
C GLN B 1031 9.59 -13.52 5.85
N PRO B 1032 8.62 -12.71 5.46
CA PRO B 1032 8.43 -12.42 4.03
C PRO B 1032 9.10 -11.16 3.55
N TYR B 1033 9.69 -10.39 4.47
CA TYR B 1033 10.20 -9.07 4.13
C TYR B 1033 11.29 -9.17 3.08
N ARG B 1034 11.18 -8.34 2.05
CA ARG B 1034 12.12 -8.33 0.94
C ARG B 1034 12.03 -6.98 0.23
N GLU B 1035 13.03 -6.72 -0.61
CA GLU B 1035 13.08 -5.49 -1.41
C GLU B 1035 12.45 -5.79 -2.76
N GLU B 1036 11.26 -5.26 -2.98
CA GLU B 1036 10.52 -5.46 -4.22
C GLU B 1036 10.48 -4.16 -5.00
N SER B 1037 10.94 -4.20 -6.24
CA SER B 1037 10.96 -3.03 -7.12
C SER B 1037 10.16 -3.36 -8.38
N LYS B 1038 9.36 -2.39 -8.83
CA LYS B 1038 8.47 -2.61 -9.95
C LYS B 1038 9.25 -2.61 -11.27
N LYS B 1039 8.77 -3.40 -12.22
CA LYS B 1039 9.35 -3.44 -13.55
C LYS B 1039 8.24 -3.50 -14.59
N GLN B 1040 8.41 -2.75 -15.67
CA GLN B 1040 7.40 -2.71 -16.72
C GLN B 1040 7.32 -4.05 -17.45
N VAL B 1041 6.10 -4.56 -17.60
CA VAL B 1041 5.86 -5.83 -18.27
C VAL B 1041 5.11 -5.53 -19.57
N GLU B 1042 5.60 -6.08 -20.67
CA GLU B 1042 5.01 -5.79 -21.97
C GLU B 1042 3.65 -6.48 -22.11
N THR B 1043 2.64 -5.71 -22.51
CA THR B 1043 1.31 -6.22 -22.78
C THR B 1043 0.76 -5.51 -24.02
N ASN B 1044 -0.27 -6.10 -24.61
CA ASN B 1044 -0.80 -5.60 -25.88
C ASN B 1044 -1.31 -4.17 -25.73
N LEU B 1045 -2.01 -3.89 -24.64
CA LEU B 1045 -2.53 -2.53 -24.44
C LEU B 1045 -1.41 -1.55 -24.16
N GLN B 1046 -0.51 -1.90 -23.26
CA GLN B 1046 0.52 -0.99 -22.77
C GLN B 1046 1.53 -1.82 -21.99
N THR B 1047 2.47 -1.15 -21.33
CA THR B 1047 3.41 -1.79 -20.43
C THR B 1047 3.03 -1.40 -19.01
N VAL B 1048 2.36 -2.30 -18.30
CA VAL B 1048 1.97 -2.06 -16.91
C VAL B 1048 3.20 -2.11 -16.02
N PHE B 1049 3.23 -1.23 -15.03
CA PHE B 1049 4.38 -1.08 -14.14
C PHE B 1049 4.01 -1.68 -12.79
N ILE B 1050 4.38 -2.94 -12.60
CA ILE B 1050 3.97 -3.72 -11.44
C ILE B 1050 5.19 -4.30 -10.76
N SER B 1051 5.03 -4.60 -9.47
CA SER B 1051 6.07 -5.27 -8.69
C SER B 1051 5.82 -6.76 -8.72
N ASP B 1052 6.77 -7.51 -9.27
CA ASP B 1052 6.61 -8.95 -9.41
C ASP B 1052 7.22 -9.64 -8.21
N PRO B 1053 6.42 -10.26 -7.33
CA PRO B 1053 7.01 -10.93 -6.16
C PRO B 1053 7.58 -12.29 -6.52
N PHE B 1054 7.12 -12.86 -7.61
CA PHE B 1054 7.58 -14.19 -8.02
C PHE B 1054 9.05 -14.16 -8.40
N ALA B 1055 9.57 -13.01 -8.83
CA ALA B 1055 10.98 -12.89 -9.14
C ALA B 1055 11.80 -12.87 -7.86
N VAL B 1056 13.04 -13.39 -7.95
CA VAL B 1056 13.93 -13.41 -6.81
C VAL B 1056 14.37 -11.99 -6.48
N ASN B 1057 14.23 -11.65 -5.14
CA ASN B 1057 14.62 -10.31 -4.73
C ASN B 1057 15.50 -10.40 -3.49
N PRO B 1058 16.27 -9.36 -3.19
CA PRO B 1058 17.05 -9.35 -1.95
C PRO B 1058 16.15 -9.13 -0.73
N VAL B 1059 16.70 -9.45 0.43
CA VAL B 1059 15.97 -9.38 1.69
C VAL B 1059 16.19 -8.02 2.34
N ASN B 1060 15.27 -7.64 3.20
CA ASN B 1060 15.32 -6.36 3.91
C ASN B 1060 15.80 -6.63 5.34
N ALA B 1061 17.08 -6.33 5.59
CA ALA B 1061 17.68 -6.65 6.88
C ALA B 1061 17.00 -5.89 8.00
N ARG B 1062 16.71 -4.60 7.79
CA ARG B 1062 16.06 -3.80 8.82
C ARG B 1062 14.73 -4.40 9.23
N ARG B 1063 13.88 -4.70 8.25
CA ARG B 1063 12.57 -5.25 8.56
C ARG B 1063 12.68 -6.62 9.21
N GLN B 1064 13.58 -7.48 8.72
CA GLN B 1064 13.68 -8.82 9.29
C GLN B 1064 14.16 -8.76 10.75
N LYS B 1065 15.15 -7.92 11.03
CA LYS B 1065 15.62 -7.79 12.41
C LYS B 1065 14.52 -7.22 13.29
N ALA B 1066 13.82 -6.19 12.83
CA ALA B 1066 12.76 -5.61 13.65
C ALA B 1066 11.59 -6.56 13.80
N GLY B 1067 11.48 -7.56 12.93
CA GLY B 1067 10.32 -8.44 12.96
C GLY B 1067 10.55 -9.78 13.63
N LEU B 1068 11.80 -10.18 13.84
CA LEU B 1068 12.04 -11.50 14.43
C LEU B 1068 11.44 -11.71 15.83
N PRO B 1069 11.65 -10.85 16.82
CA PRO B 1069 11.17 -11.17 18.18
C PRO B 1069 9.66 -11.30 18.24
N PRO B 1070 8.88 -10.31 17.77
CA PRO B 1070 7.43 -10.48 17.80
C PRO B 1070 6.95 -11.66 16.97
N ASN B 1071 7.61 -11.94 15.84
CA ASN B 1071 7.20 -13.10 15.05
C ASN B 1071 7.37 -14.38 15.86
N PHE B 1072 8.50 -14.54 16.53
CA PHE B 1072 8.72 -15.73 17.34
C PHE B 1072 7.70 -15.83 18.47
N ILE B 1073 7.45 -14.72 19.16
CA ILE B 1073 6.56 -14.74 20.31
C ILE B 1073 5.13 -15.04 19.88
N HIS B 1074 4.70 -14.45 18.76
CA HIS B 1074 3.35 -14.71 18.27
C HIS B 1074 3.23 -16.14 17.77
N SER B 1075 4.30 -16.69 17.18
CA SER B 1075 4.28 -18.10 16.83
C SER B 1075 4.10 -18.96 18.08
N LEU B 1076 4.77 -18.60 19.18
CA LEU B 1076 4.61 -19.36 20.41
C LEU B 1076 3.20 -19.22 20.97
N ASP B 1077 2.63 -18.01 20.93
CA ASP B 1077 1.25 -17.82 21.36
C ASP B 1077 0.31 -18.68 20.54
N ALA B 1078 0.50 -18.72 19.22
CA ALA B 1078 -0.35 -19.54 18.37
C ALA B 1078 -0.19 -21.02 18.69
N SER B 1079 1.04 -21.45 18.97
CA SER B 1079 1.26 -22.84 19.34
C SER B 1079 0.52 -23.19 20.63
N HIS B 1080 0.62 -22.32 21.63
CA HIS B 1080 -0.10 -22.53 22.89
C HIS B 1080 -1.60 -22.57 22.65
N MET B 1081 -2.09 -21.62 21.87
CA MET B 1081 -3.50 -21.56 21.48
C MET B 1081 -3.96 -22.88 20.86
N LEU B 1082 -3.21 -23.37 19.88
CA LEU B 1082 -3.66 -24.54 19.14
C LEU B 1082 -3.55 -25.82 19.97
N LEU B 1083 -2.51 -25.93 20.81
CA LEU B 1083 -2.42 -27.07 21.70
C LEU B 1083 -3.57 -27.09 22.70
N SER B 1084 -3.87 -25.92 23.28
CA SER B 1084 -5.00 -25.84 24.21
C SER B 1084 -6.31 -26.19 23.53
N ALA B 1085 -6.50 -25.70 22.30
CA ALA B 1085 -7.72 -26.02 21.56
C ALA B 1085 -7.81 -27.51 21.27
N ALA B 1086 -6.69 -28.13 20.88
CA ALA B 1086 -6.72 -29.56 20.58
C ALA B 1086 -7.05 -30.36 21.83
N GLU B 1087 -6.47 -30.02 22.97
CA GLU B 1087 -6.77 -30.74 24.20
C GLU B 1087 -8.22 -30.54 24.62
N CYS B 1088 -8.75 -29.32 24.48
CA CYS B 1088 -10.14 -29.07 24.80
C CYS B 1088 -11.06 -29.88 23.90
N GLY B 1089 -10.73 -29.96 22.61
CA GLY B 1089 -11.54 -30.77 21.71
C GLY B 1089 -11.47 -32.25 22.04
N LYS B 1090 -10.30 -32.73 22.47
CA LYS B 1090 -10.20 -34.10 22.95
C LYS B 1090 -11.09 -34.33 24.15
N GLN B 1091 -11.12 -33.37 25.08
CA GLN B 1091 -11.99 -33.49 26.25
C GLN B 1091 -13.46 -33.49 25.85
N GLY B 1092 -13.84 -32.65 24.89
CA GLY B 1092 -15.23 -32.58 24.46
C GLY B 1092 -15.92 -31.30 24.84
N LEU B 1093 -15.19 -30.19 24.81
CA LEU B 1093 -15.72 -28.88 25.16
C LEU B 1093 -16.07 -28.08 23.91
N ASP B 1094 -16.49 -26.85 24.12
CA ASP B 1094 -16.64 -25.86 23.06
C ASP B 1094 -15.65 -24.74 23.34
N PHE B 1095 -14.68 -24.57 22.45
CA PHE B 1095 -13.56 -23.66 22.67
C PHE B 1095 -13.50 -22.65 21.53
N ALA B 1096 -13.85 -21.41 21.83
CA ALA B 1096 -13.67 -20.30 20.92
C ALA B 1096 -12.65 -19.36 21.54
N SER B 1097 -11.66 -18.96 20.76
CA SER B 1097 -10.53 -18.23 21.32
C SER B 1097 -10.15 -17.05 20.45
N VAL B 1098 -9.82 -15.94 21.08
CA VAL B 1098 -9.25 -14.79 20.41
C VAL B 1098 -7.80 -14.65 20.88
N HIS B 1099 -6.90 -15.30 20.15
CA HIS B 1099 -5.45 -15.28 20.40
C HIS B 1099 -5.23 -15.81 21.82
N ASP B 1100 -4.78 -14.99 22.77
CA ASP B 1100 -4.56 -15.44 24.13
C ASP B 1100 -5.86 -15.67 24.90
N SER B 1101 -6.84 -14.78 24.78
CA SER B 1101 -8.09 -14.94 25.52
C SER B 1101 -8.87 -16.14 25.01
N TYR B 1102 -9.45 -16.90 25.93
CA TYR B 1102 -10.14 -18.14 25.62
C TYR B 1102 -11.56 -18.08 26.15
N TRP B 1103 -12.51 -18.60 25.38
CA TRP B 1103 -13.92 -18.51 25.72
C TRP B 1103 -14.51 -19.90 25.87
N THR B 1104 -15.37 -20.08 26.87
CA THR B 1104 -16.10 -21.32 27.05
C THR B 1104 -17.30 -21.02 27.94
N HIS B 1105 -18.27 -21.93 27.95
CA HIS B 1105 -19.41 -21.83 28.86
C HIS B 1105 -18.93 -21.72 30.30
N ALA B 1106 -19.76 -21.16 31.17
CA ALA B 1106 -19.39 -21.02 32.57
C ALA B 1106 -19.24 -22.36 33.28
N SER B 1107 -19.81 -23.43 32.71
CA SER B 1107 -19.72 -24.74 33.35
C SER B 1107 -18.31 -25.31 33.28
N ASP B 1108 -17.66 -25.18 32.12
CA ASP B 1108 -16.41 -25.88 31.85
C ASP B 1108 -15.18 -24.98 31.98
N ILE B 1109 -15.33 -23.84 32.66
CA ILE B 1109 -14.19 -22.95 32.84
C ILE B 1109 -13.08 -23.64 33.63
N ASP B 1110 -13.45 -24.45 34.61
CA ASP B 1110 -12.44 -25.14 35.42
C ASP B 1110 -11.64 -26.13 34.58
N THR B 1111 -12.33 -26.96 33.80
CA THR B 1111 -11.63 -27.91 32.94
C THR B 1111 -10.75 -27.18 31.93
N MET B 1112 -11.26 -26.08 31.37
CA MET B 1112 -10.46 -25.34 30.40
C MET B 1112 -9.22 -24.73 31.05
N ASN B 1113 -9.34 -24.25 32.29
CA ASN B 1113 -8.18 -23.71 32.99
C ASN B 1113 -7.14 -24.80 33.24
N VAL B 1114 -7.59 -25.98 33.66
CA VAL B 1114 -6.66 -27.09 33.87
C VAL B 1114 -5.94 -27.44 32.57
N VAL B 1115 -6.71 -27.52 31.48
CA VAL B 1115 -6.13 -27.81 30.17
C VAL B 1115 -5.13 -26.74 29.77
N LEU B 1116 -5.48 -25.48 29.98
CA LEU B 1116 -4.61 -24.36 29.68
C LEU B 1116 -3.26 -24.51 30.37
N ARG B 1117 -3.29 -24.72 31.69
CA ARG B 1117 -2.05 -24.81 32.46
C ARG B 1117 -1.22 -26.02 32.02
N GLU B 1118 -1.87 -27.18 31.84
CA GLU B 1118 -1.14 -28.37 31.43
C GLU B 1118 -0.49 -28.19 30.07
N GLN B 1119 -1.22 -27.59 29.11
CA GLN B 1119 -0.65 -27.40 27.79
C GLN B 1119 0.51 -26.41 27.82
N PHE B 1120 0.39 -25.33 28.59
CA PHE B 1120 1.48 -24.37 28.68
C PHE B 1120 2.74 -25.01 29.25
N ILE B 1121 2.59 -25.77 30.34
CA ILE B 1121 3.77 -26.37 30.95
C ILE B 1121 4.37 -27.43 30.04
N LYS B 1122 3.52 -28.19 29.33
CA LYS B 1122 4.04 -29.18 28.38
C LYS B 1122 4.80 -28.50 27.25
N LEU B 1123 4.30 -27.36 26.77
CA LEU B 1123 4.98 -26.65 25.71
C LEU B 1123 6.33 -26.12 26.16
N HIS B 1124 6.41 -25.54 27.36
CA HIS B 1124 7.64 -24.89 27.78
C HIS B 1124 8.44 -25.70 28.80
N GLU B 1125 8.23 -27.01 28.84
CA GLU B 1125 9.09 -27.86 29.68
C GLU B 1125 10.43 -28.15 29.03
N VAL B 1126 10.65 -27.74 27.79
CA VAL B 1126 11.93 -27.93 27.11
C VAL B 1126 12.48 -26.55 26.73
N ASP B 1127 13.74 -26.54 26.32
CA ASP B 1127 14.46 -25.29 26.07
C ASP B 1127 14.26 -24.89 24.62
N LEU B 1128 13.23 -24.08 24.37
CA LEU B 1128 12.88 -23.71 23.01
C LEU B 1128 13.95 -22.82 22.38
N VAL B 1129 14.53 -21.89 23.15
CA VAL B 1129 15.52 -20.99 22.57
C VAL B 1129 16.79 -21.76 22.18
N LEU B 1130 17.22 -22.70 23.02
CA LEU B 1130 18.36 -23.53 22.67
C LEU B 1130 18.06 -24.42 21.48
N ARG B 1131 16.83 -24.96 21.40
CA ARG B 1131 16.44 -25.73 20.23
C ARG B 1131 16.48 -24.87 18.98
N LEU B 1132 16.01 -23.63 19.09
CA LEU B 1132 16.07 -22.70 17.97
C LEU B 1132 17.49 -22.43 17.51
N LYS B 1133 18.40 -22.21 18.47
CA LYS B 1133 19.78 -21.93 18.09
C LYS B 1133 20.43 -23.13 17.42
N GLU B 1134 20.20 -24.33 17.95
CA GLU B 1134 20.80 -25.50 17.32
C GLU B 1134 20.16 -25.78 15.97
N GLU B 1135 18.88 -25.44 15.78
CA GLU B 1135 18.28 -25.60 14.45
C GLU B 1135 18.85 -24.56 13.48
N PHE B 1136 19.12 -23.35 13.94
CA PHE B 1136 19.82 -22.39 13.09
C PHE B 1136 21.19 -22.92 12.68
N ASP B 1137 21.92 -23.50 13.63
CA ASP B 1137 23.22 -24.06 13.30
C ASP B 1137 23.11 -25.20 12.30
N GLN B 1138 22.10 -26.06 12.47
CA GLN B 1138 21.92 -27.18 11.54
C GLN B 1138 21.55 -26.70 10.14
N ARG B 1139 20.62 -25.74 10.04
CA ARG B 1139 20.12 -25.31 8.75
C ARG B 1139 21.10 -24.40 8.02
N TYR B 1140 21.84 -23.56 8.73
CA TYR B 1140 22.75 -22.59 8.14
C TYR B 1140 24.21 -22.96 8.39
N LYS B 1141 24.52 -24.26 8.33
CA LYS B 1141 25.86 -24.71 8.65
C LYS B 1141 26.90 -24.18 7.66
N ASN B 1142 26.66 -24.40 6.37
CA ASN B 1142 27.63 -24.02 5.34
C ASN B 1142 27.24 -22.68 4.72
N TYR B 1143 27.27 -21.66 5.56
CA TYR B 1143 26.99 -20.29 5.15
C TYR B 1143 28.16 -19.41 5.54
N VAL B 1144 28.47 -18.44 4.69
CA VAL B 1144 29.64 -17.57 4.86
C VAL B 1144 29.15 -16.14 4.98
N LYS B 1145 29.37 -15.54 6.15
CA LYS B 1145 29.11 -14.11 6.32
C LYS B 1145 30.12 -13.30 5.53
N ILE B 1146 29.91 -11.99 5.49
CA ILE B 1146 30.85 -11.05 4.91
C ILE B 1146 31.28 -10.07 5.99
N GLY B 1147 32.59 -9.89 6.12
CA GLY B 1147 33.13 -9.00 7.13
C GLY B 1147 34.39 -8.34 6.62
N LYS B 1148 34.58 -7.08 7.05
CA LYS B 1148 35.69 -6.24 6.54
C LYS B 1148 36.76 -6.03 7.61
N LEU B 1149 37.66 -7.00 7.79
CA LEU B 1149 38.77 -6.91 8.73
C LEU B 1149 39.89 -6.09 8.12
N LYS B 1150 40.76 -5.57 8.99
CA LYS B 1150 41.88 -4.75 8.52
C LYS B 1150 42.93 -5.64 7.85
N ARG B 1151 43.39 -5.22 6.68
CA ARG B 1151 44.39 -5.99 5.95
C ARG B 1151 45.73 -6.00 6.65
N SER B 1152 46.09 -4.88 7.32
CA SER B 1152 47.37 -4.78 7.98
C SER B 1152 47.52 -5.74 9.15
N THR B 1153 46.43 -6.35 9.61
CA THR B 1153 46.50 -7.32 10.69
C THR B 1153 47.45 -8.46 10.32
N ASP B 1154 48.32 -8.82 11.26
CA ASP B 1154 49.31 -9.86 11.00
C ASP B 1154 48.68 -11.21 10.69
N LEU B 1155 47.42 -11.42 11.11
CA LEU B 1155 46.73 -12.67 10.81
C LEU B 1155 46.38 -12.81 9.34
N ALA B 1156 46.53 -11.76 8.54
CA ALA B 1156 46.16 -11.78 7.13
C ALA B 1156 47.12 -12.59 6.27
N GLN B 1157 48.25 -13.03 6.82
CA GLN B 1157 49.30 -13.64 6.01
C GLN B 1157 48.81 -14.87 5.27
N LYS B 1158 48.07 -15.75 5.96
CA LYS B 1158 47.59 -16.97 5.31
C LYS B 1158 46.57 -16.65 4.22
N ILE B 1159 45.63 -15.76 4.52
CA ILE B 1159 44.63 -15.38 3.52
C ILE B 1159 45.30 -14.65 2.36
N ILE B 1160 46.30 -13.82 2.66
CA ILE B 1160 47.03 -13.13 1.61
C ILE B 1160 47.75 -14.12 0.70
N ARG B 1161 48.36 -15.14 1.29
CA ARG B 1161 49.01 -16.18 0.48
C ARG B 1161 48.00 -16.93 -0.37
N ILE B 1162 46.84 -17.27 0.20
CA ILE B 1162 45.83 -18.01 -0.55
C ILE B 1162 45.32 -17.17 -1.72
N ARG B 1163 45.03 -15.89 -1.48
CA ARG B 1163 44.53 -15.04 -2.55
C ARG B 1163 45.61 -14.72 -3.57
N LYS B 1164 46.88 -14.71 -3.15
CA LYS B 1164 47.97 -14.44 -4.09
C LYS B 1164 48.13 -15.56 -5.10
N ASP B 1165 48.10 -16.81 -4.62
CA ASP B 1165 48.12 -17.94 -5.54
C ASP B 1165 46.89 -17.94 -6.44
N LEU B 1166 45.72 -17.62 -5.87
CA LEU B 1166 44.53 -17.43 -6.67
C LEU B 1166 44.71 -16.27 -7.65
N SER B 1167 45.35 -15.19 -7.19
CA SER B 1167 45.60 -14.05 -8.06
C SER B 1167 46.48 -14.45 -9.24
N ARG B 1168 47.52 -15.24 -8.98
CA ARG B 1168 48.36 -15.72 -10.07
C ARG B 1168 47.58 -16.56 -11.06
N LYS B 1169 46.72 -17.46 -10.56
CA LYS B 1169 45.86 -18.23 -11.44
C LYS B 1169 44.84 -17.34 -12.13
N LEU B 1170 44.27 -16.38 -11.40
CA LEU B 1170 43.26 -15.51 -11.98
C LEU B 1170 43.88 -14.47 -12.90
N GLY B 1171 45.12 -14.08 -12.63
CA GLY B 1171 45.77 -13.03 -13.40
C GLY B 1171 45.46 -11.63 -12.95
N ARG B 1172 44.66 -11.46 -11.90
CA ARG B 1172 44.31 -10.15 -11.37
C ARG B 1172 44.00 -10.31 -9.88
N SER B 1173 43.38 -9.29 -9.29
CA SER B 1173 43.02 -9.36 -7.88
C SER B 1173 42.06 -10.52 -7.64
N THR B 1174 42.24 -11.21 -6.52
CA THR B 1174 41.42 -12.38 -6.21
C THR B 1174 39.96 -11.99 -6.07
N THR B 1175 39.08 -12.80 -6.65
CA THR B 1175 37.66 -12.53 -6.67
C THR B 1175 36.94 -13.34 -5.59
N LEU B 1176 35.95 -12.72 -4.96
CA LEU B 1176 35.17 -13.42 -3.96
C LEU B 1176 34.46 -14.64 -4.55
N ALA B 1177 34.03 -14.55 -5.81
CA ALA B 1177 33.40 -15.71 -6.43
C ALA B 1177 34.35 -16.88 -6.53
N ASP B 1178 35.60 -16.63 -6.95
CA ASP B 1178 36.59 -17.70 -7.00
C ASP B 1178 36.90 -18.22 -5.61
N GLU B 1179 36.96 -17.33 -4.61
CA GLU B 1179 37.19 -17.78 -3.24
C GLU B 1179 36.07 -18.71 -2.77
N ILE B 1180 34.82 -18.35 -3.06
CA ILE B 1180 33.69 -19.20 -2.70
C ILE B 1180 33.75 -20.53 -3.45
N TYR B 1181 34.17 -20.50 -4.72
CA TYR B 1181 34.28 -21.74 -5.47
C TYR B 1181 35.31 -22.67 -4.85
N PHE B 1182 36.46 -22.12 -4.46
CA PHE B 1182 37.48 -22.93 -3.82
C PHE B 1182 37.00 -23.47 -2.47
N GLU B 1183 36.30 -22.65 -1.69
CA GLU B 1183 35.78 -23.10 -0.41
C GLU B 1183 34.76 -24.22 -0.59
N LYS B 1184 33.90 -24.09 -1.59
CA LYS B 1184 32.92 -25.14 -1.89
C LYS B 1184 33.63 -26.42 -2.33
N LYS B 1185 34.70 -26.29 -3.11
CA LYS B 1185 35.47 -27.45 -3.53
C LYS B 1185 36.04 -28.19 -2.32
N ARG B 1186 36.38 -27.43 -1.25
CA ARG B 1186 36.90 -28.06 -0.04
C ARG B 1186 35.86 -28.98 0.59
N GLN B 1187 34.62 -28.49 0.73
CA GLN B 1187 33.57 -29.30 1.30
C GLN B 1187 33.07 -30.34 0.30
N GLU B 1188 33.23 -30.08 -1.00
CA GLU B 1188 32.79 -31.04 -2.00
C GLU B 1188 33.56 -32.35 -1.89
N LEU B 1189 34.86 -32.26 -1.64
CA LEU B 1189 35.67 -33.47 -1.46
C LEU B 1189 35.21 -34.25 -0.23
N LEU B 1190 34.90 -33.54 0.86
CA LEU B 1190 34.40 -34.19 2.06
C LEU B 1190 32.99 -34.74 1.89
N ASN B 1191 32.25 -34.23 0.90
CA ASN B 1191 30.89 -34.72 0.66
C ASN B 1191 30.90 -36.19 0.26
N SER B 1192 31.85 -36.58 -0.58
CA SER B 1192 31.94 -37.96 -1.03
C SER B 1192 32.57 -38.83 0.05
N PRO B 1193 31.90 -39.88 0.52
CA PRO B 1193 32.51 -40.75 1.55
C PRO B 1193 33.74 -41.49 1.06
N LEU B 1194 34.08 -41.41 -0.23
CA LEU B 1194 35.24 -42.10 -0.77
C LEU B 1194 36.50 -41.63 -0.06
N ILE B 1195 37.40 -42.57 0.22
CA ILE B 1195 38.53 -42.29 1.11
C ILE B 1195 39.46 -41.25 0.50
N GLU B 1196 39.80 -41.41 -0.78
CA GLU B 1196 40.71 -40.46 -1.41
C GLU B 1196 40.11 -39.06 -1.49
N ASP B 1197 38.78 -38.97 -1.63
CA ASP B 1197 38.13 -37.67 -1.61
C ASP B 1197 38.30 -36.98 -0.26
N ARG B 1198 38.17 -37.75 0.82
CA ARG B 1198 38.28 -37.17 2.16
C ARG B 1198 39.71 -36.77 2.48
N ASN B 1199 40.69 -37.61 2.13
CA ASN B 1199 42.08 -37.33 2.46
C ASN B 1199 42.56 -36.07 1.74
N VAL B 1200 42.27 -35.97 0.44
CA VAL B 1200 42.62 -34.76 -0.30
C VAL B 1200 41.82 -33.57 0.20
N GLY B 1201 40.53 -33.79 0.50
CA GLY B 1201 39.75 -32.73 1.12
C GLY B 1201 40.32 -32.28 2.44
N GLU B 1202 40.82 -33.23 3.25
CA GLU B 1202 41.54 -32.86 4.46
C GLU B 1202 42.84 -32.13 4.14
N LYS B 1203 43.43 -32.39 2.97
CA LYS B 1203 44.64 -31.71 2.57
C LYS B 1203 44.37 -30.35 1.93
N MET B 1204 43.13 -30.06 1.55
CA MET B 1204 42.82 -28.79 0.92
C MET B 1204 42.88 -27.66 1.94
N VAL B 1205 43.30 -26.48 1.47
CA VAL B 1205 43.42 -25.29 2.30
C VAL B 1205 42.66 -24.16 1.62
N THR B 1206 41.75 -23.52 2.36
CA THR B 1206 40.93 -22.44 1.84
C THR B 1206 41.07 -21.23 2.75
N THR B 1207 40.57 -20.08 2.26
CA THR B 1207 40.64 -18.85 3.04
C THR B 1207 39.83 -18.97 4.32
N VAL B 1208 38.66 -19.61 4.24
CA VAL B 1208 37.80 -19.72 5.41
C VAL B 1208 38.44 -20.57 6.51
N SER B 1209 39.21 -21.58 6.12
CA SER B 1209 39.84 -22.46 7.11
C SER B 1209 40.78 -21.70 8.02
N LEU B 1210 41.34 -20.58 7.55
CA LEU B 1210 42.14 -19.73 8.43
C LEU B 1210 41.30 -19.16 9.55
N PHE B 1211 40.07 -18.76 9.25
CA PHE B 1211 39.19 -18.18 10.26
C PHE B 1211 38.59 -19.23 11.19
N GLU B 1212 38.69 -20.51 10.84
CA GLU B 1212 38.11 -21.56 11.68
C GLU B 1212 38.89 -21.76 12.97
N ASP B 1213 40.08 -21.18 13.10
CA ASP B 1213 40.93 -21.40 14.25
C ASP B 1213 40.71 -20.41 15.38
N ILE B 1214 40.06 -19.29 15.12
CA ILE B 1214 39.84 -18.26 16.13
C ILE B 1214 38.59 -18.62 16.93
N THR B 1215 38.72 -18.57 18.27
CA THR B 1215 37.57 -18.90 19.11
C THR B 1215 36.52 -17.80 19.07
N ASP B 1216 36.94 -16.54 19.16
CA ASP B 1216 36.02 -15.40 19.16
C ASP B 1216 36.31 -14.55 17.93
N LEU B 1217 35.65 -14.88 16.82
CA LEU B 1217 35.83 -14.11 15.60
C LEU B 1217 35.30 -12.69 15.76
N ASP B 1218 34.17 -12.53 16.46
CA ASP B 1218 33.61 -11.20 16.66
C ASP B 1218 34.56 -10.32 17.46
N ALA B 1219 35.21 -10.89 18.48
CA ALA B 1219 36.19 -10.13 19.25
C ALA B 1219 37.38 -9.74 18.38
N LEU B 1220 37.81 -10.65 17.50
CA LEU B 1220 38.93 -10.34 16.61
C LEU B 1220 38.57 -9.20 15.66
N GLU B 1221 37.34 -9.20 15.14
CA GLU B 1221 36.89 -8.15 14.24
C GLU B 1221 36.49 -6.90 15.01
N GLY B 1231 40.06 -1.21 6.45
CA GLY B 1231 39.62 -2.60 6.46
C GLY B 1231 39.47 -3.18 5.06
N MET B 1232 39.54 -4.51 4.98
CA MET B 1232 39.42 -5.23 3.72
C MET B 1232 38.35 -6.31 3.84
N SER B 1233 37.50 -6.41 2.83
CA SER B 1233 36.43 -7.39 2.86
C SER B 1233 36.99 -8.80 2.69
N VAL B 1234 36.47 -9.74 3.49
CA VAL B 1234 36.96 -11.10 3.50
C VAL B 1234 35.85 -12.02 3.99
N LEU B 1235 35.98 -13.31 3.69
CA LEU B 1235 34.98 -14.30 4.05
C LEU B 1235 35.14 -14.70 5.51
N LEU B 1236 34.03 -14.74 6.24
CA LEU B 1236 33.98 -15.22 7.61
C LEU B 1236 32.93 -16.31 7.72
N PRO B 1237 33.19 -17.38 8.47
CA PRO B 1237 32.16 -18.39 8.67
C PRO B 1237 31.03 -17.87 9.54
N LEU B 1238 29.86 -18.48 9.39
CA LEU B 1238 28.68 -18.02 10.09
C LEU B 1238 28.76 -18.41 11.57
N ARG B 1239 28.82 -17.40 12.45
CA ARG B 1239 28.94 -17.62 13.88
C ARG B 1239 27.72 -17.02 14.56
N LEU B 1240 26.96 -17.86 15.27
CA LEU B 1240 25.77 -17.44 16.00
C LEU B 1240 26.07 -17.43 17.49
N PRO B 1241 25.82 -16.34 18.19
CA PRO B 1241 26.14 -16.28 19.62
C PRO B 1241 25.37 -17.33 20.41
N GLU B 1242 25.99 -17.84 21.47
CA GLU B 1242 25.35 -18.81 22.33
C GLU B 1242 24.19 -18.17 23.07
N ILE B 1243 23.22 -19.01 23.46
CA ILE B 1243 22.01 -18.49 24.10
C ILE B 1243 22.38 -17.82 25.42
N PRO B 1244 21.67 -16.78 25.84
CA PRO B 1244 21.95 -16.17 27.14
C PRO B 1244 21.65 -17.16 28.26
N PRO B 1245 22.26 -16.99 29.43
CA PRO B 1245 22.09 -17.99 30.49
C PRO B 1245 20.64 -18.14 30.92
N LYS B 1246 20.25 -19.38 31.20
CA LYS B 1246 18.89 -19.70 31.59
C LYS B 1246 18.75 -19.64 33.10
N GLY B 1247 17.60 -19.15 33.56
CA GLY B 1247 17.29 -19.16 34.97
C GLY B 1247 16.82 -20.52 35.45
N ASP B 1248 16.44 -20.57 36.72
CA ASP B 1248 15.96 -21.79 37.36
C ASP B 1248 14.49 -21.62 37.73
N PHE B 1249 13.60 -22.06 36.84
CA PHE B 1249 12.17 -21.88 37.03
C PHE B 1249 11.46 -23.21 36.85
N ASP B 1250 10.27 -23.33 37.44
CA ASP B 1250 9.55 -24.59 37.50
C ASP B 1250 8.11 -24.41 37.01
N VAL B 1251 7.83 -24.97 35.83
CA VAL B 1251 6.48 -24.92 35.29
C VAL B 1251 5.52 -25.74 36.16
N THR B 1252 5.99 -26.84 36.74
CA THR B 1252 5.16 -27.57 37.69
C THR B 1252 4.77 -26.68 38.86
N VAL B 1253 5.64 -25.73 39.23
CA VAL B 1253 5.27 -24.76 40.25
C VAL B 1253 4.25 -23.76 39.72
N LEU B 1254 4.39 -23.32 38.47
CA LEU B 1254 3.38 -22.38 37.98
C LEU B 1254 2.01 -23.02 37.87
N ARG B 1255 1.97 -24.35 37.72
CA ARG B 1255 0.70 -25.04 37.45
C ARG B 1255 -0.38 -24.71 38.46
N ASN B 1256 -0.01 -24.50 39.72
CA ASN B 1256 -0.98 -24.28 40.79
C ASN B 1256 -1.35 -22.81 40.96
N SER B 1257 -1.20 -22.00 39.91
CA SER B 1257 -1.57 -20.59 39.96
C SER B 1257 -2.96 -20.42 39.37
N GLN B 1258 -3.94 -20.14 40.23
CA GLN B 1258 -5.30 -19.95 39.75
C GLN B 1258 -5.43 -18.68 38.92
N TYR B 1259 -4.59 -17.68 39.17
CA TYR B 1259 -4.64 -16.41 38.46
C TYR B 1259 -3.73 -16.40 37.23
N PHE B 1260 -3.43 -17.58 36.67
CA PHE B 1260 -2.65 -17.65 35.45
C PHE B 1260 -3.43 -16.95 34.34
N PHE B 1261 -4.58 -17.51 33.98
CA PHE B 1261 -5.55 -16.86 33.10
C PHE B 1261 -6.83 -16.65 33.90
N SER B 1262 -7.12 -15.40 34.22
CA SER B 1262 -8.31 -15.08 35.00
C SER B 1262 -9.55 -15.11 34.12
O3A GTP F . 2.77 -0.39 -0.97
PA GTP F . 1.95 0.10 0.19
O1A GTP F . 0.62 -0.78 0.28
O2A GTP F . 2.60 0.17 1.53
O5' GTP F . 1.35 1.54 -0.18
C5' GTP F . 0.54 1.66 -1.39
C4' GTP F . 0.17 3.11 -1.58
O4' GTP F . -0.91 3.20 -2.54
C3' GTP F . -0.33 3.85 -0.34
O3' GTP F . 0.75 4.40 0.41
C2' GTP F . -1.20 4.95 -0.96
O2' GTP F . -0.43 6.06 -1.38
C1' GTP F . -1.80 4.24 -2.16
N9 GTP F . -3.12 3.67 -1.94
C8 GTP F . -3.43 2.34 -1.83
N7 GTP F . -4.71 2.12 -1.65
C5 GTP F . -5.28 3.38 -1.64
C6 GTP F . -6.63 3.78 -1.48
O6 GTP F . -7.63 3.06 -1.32
N1 GTP F . -6.76 5.17 -1.53
C2 GTP F . -5.73 6.06 -1.70
N2 GTP F . -6.06 7.36 -1.71
N3 GTP F . -4.46 5.69 -1.86
C4 GTP F . -4.31 4.36 -1.82
#